data_7QG6
#
_entry.id   7QG6
#
_cell.length_a   77.677
_cell.length_b   108.579
_cell.length_c   119.943
_cell.angle_alpha   90.000
_cell.angle_beta   90.100
_cell.angle_gamma   90.000
#
_symmetry.space_group_name_H-M   'P 1 21 1'
#
loop_
_entity.id
_entity.type
_entity.pdbx_description
1 polymer 'Regulator of nonsense transcripts 3A'
2 polymer 'Regulator of nonsense transcripts 2'
3 non-polymer 'TRIETHYLENE GLYCOL'
4 non-polymer 'CHLORIDE ION'
5 water water
#
loop_
_entity_poly.entity_id
_entity_poly.type
_entity_poly.pdbx_seq_one_letter_code
_entity_poly.pdbx_strand_id
1 'polypeptide(L)'
;MSYYHHHHHHDYDIPTTENLYFQGAMDKPREEKRTALSKVVIRRLPPGLTKEQLEEQLRPLPAHDYFEFFAADLSLYPHL
YSRAYINFRNPDDILLFRDRFDGYIFLDSKGLEYPAVVEFAPFQKIAKKKLRKKDAKTGSIEDDPEYKKFLETYCVEEEK
TSANPETLLGEMEAKT
;
C,A,E,G
2 'polypeptide(L)'
;MSYYHHHHHHDYDIPTTENLYFQGAMDEKTVKKKRPPLQEYVRKLLYKDLSKVTTEKVLRQMRKLPWQDQEVKDYVICCM
INIWNVKYNSIHCVANLLAGLVLYQEDVGIHVVDGVLEDIRLGMEVNQPKFNQRRISSAKFLGELYNYRMVESAVIFRTL
YSFTSFGVNPDGSPSSLDPPEHLFRIRLVCTILDTCGQYFDRGSSKRKLDCFLVYFQRYVWWKKSLEVWTKDHPFPIDID
YMISDTLELLRPKIKLCNSLEESIRQVQDLEREFLIKLGLVNDKDSKDSMTEGENLEEDEEEEEGGAETEEQSGNESEVN
E
;
D,B,F,H
#
loop_
_chem_comp.id
_chem_comp.type
_chem_comp.name
_chem_comp.formula
CL non-polymer 'CHLORIDE ION' 'Cl -1'
PGE non-polymer 'TRIETHYLENE GLYCOL' 'C6 H14 O4'
#
# COMPACT_ATOMS: atom_id res chain seq x y z
N ALA A 36 -23.85 -1.64 -14.96
CA ALA A 36 -24.12 -0.30 -14.43
C ALA A 36 -24.51 -0.39 -12.96
N LEU A 37 -23.50 -0.42 -12.09
CA LEU A 37 -23.74 -0.58 -10.67
C LEU A 37 -24.25 0.72 -10.06
N SER A 38 -25.23 0.59 -9.16
CA SER A 38 -25.86 1.76 -8.54
C SER A 38 -25.98 1.67 -7.03
N LYS A 39 -25.83 0.49 -6.43
CA LYS A 39 -25.98 0.32 -4.99
C LYS A 39 -24.63 0.53 -4.31
N VAL A 40 -24.57 1.46 -3.36
CA VAL A 40 -23.36 1.77 -2.63
C VAL A 40 -23.62 1.57 -1.14
N VAL A 41 -22.56 1.15 -0.43
CA VAL A 41 -22.65 0.85 0.99
C VAL A 41 -21.74 1.82 1.75
N ILE A 42 -22.23 2.33 2.86
CA ILE A 42 -21.45 3.16 3.77
C ILE A 42 -21.32 2.37 5.07
N ARG A 43 -20.16 1.81 5.31
CA ARG A 43 -19.93 0.88 6.41
C ARG A 43 -18.88 1.42 7.37
N ARG A 44 -18.70 0.70 8.47
CA ARG A 44 -17.76 1.09 9.53
C ARG A 44 -18.15 2.44 10.12
N LEU A 45 -19.45 2.66 10.28
CA LEU A 45 -19.95 3.84 10.97
C LEU A 45 -20.04 3.57 12.46
N PRO A 46 -20.05 4.62 13.29
CA PRO A 46 -20.16 4.41 14.74
C PRO A 46 -21.43 3.65 15.08
N PRO A 47 -21.37 2.75 16.06
CA PRO A 47 -22.58 1.98 16.39
C PRO A 47 -23.70 2.83 16.96
N GLY A 48 -23.37 3.91 17.66
CA GLY A 48 -24.38 4.78 18.23
C GLY A 48 -25.07 5.71 17.28
N LEU A 49 -24.68 5.70 16.01
CA LEU A 49 -25.29 6.56 15.01
C LEU A 49 -26.60 5.98 14.54
N THR A 50 -27.57 6.85 14.26
CA THR A 50 -28.87 6.44 13.72
C THR A 50 -29.08 7.06 12.35
N LYS A 51 -30.19 6.67 11.72
CA LYS A 51 -30.44 7.05 10.32
C LYS A 51 -30.57 8.56 10.16
N GLU A 52 -31.07 9.25 11.18
CA GLU A 52 -31.41 10.66 11.03
C GLU A 52 -30.16 11.54 11.01
N GLN A 53 -29.25 11.33 11.98
CA GLN A 53 -28.01 12.11 11.98
C GLN A 53 -27.13 11.74 10.80
N LEU A 54 -27.25 10.51 10.29
CA LEU A 54 -26.54 10.16 9.05
C LEU A 54 -27.08 10.96 7.87
N GLU A 55 -28.40 10.93 7.67
CA GLU A 55 -29.00 11.67 6.57
C GLU A 55 -28.64 13.15 6.65
N GLU A 56 -28.60 13.71 7.86
CA GLU A 56 -28.23 15.10 8.01
C GLU A 56 -26.77 15.34 7.65
N GLN A 57 -25.87 14.48 8.16
CA GLN A 57 -24.46 14.61 7.84
C GLN A 57 -24.23 14.56 6.33
N LEU A 58 -24.84 13.57 5.67
CA LEU A 58 -24.72 13.45 4.22
C LEU A 58 -25.64 14.40 3.46
N ARG A 59 -26.36 15.28 4.16
CA ARG A 59 -27.22 16.24 3.49
C ARG A 59 -26.39 17.08 2.53
N PRO A 60 -26.83 17.25 1.27
CA PRO A 60 -28.09 16.78 0.66
C PRO A 60 -27.95 15.39 0.07
N LEU A 61 -28.82 14.45 0.45
CA LEU A 61 -28.80 13.11 -0.13
C LEU A 61 -29.15 13.19 -1.61
N PRO A 62 -28.24 12.79 -2.52
CA PRO A 62 -28.64 12.70 -3.93
C PRO A 62 -29.82 11.77 -4.10
N ALA A 63 -30.65 12.08 -5.09
CA ALA A 63 -31.90 11.34 -5.28
C ALA A 63 -31.63 9.84 -5.27
N HIS A 64 -32.61 9.08 -4.79
CA HIS A 64 -32.46 7.65 -4.56
C HIS A 64 -33.82 7.03 -4.35
N ASP A 65 -33.99 5.81 -4.84
CA ASP A 65 -35.19 5.02 -4.59
C ASP A 65 -34.99 4.01 -3.45
N TYR A 66 -33.81 3.97 -2.85
CA TYR A 66 -33.51 3.03 -1.77
C TYR A 66 -32.51 3.68 -0.82
N PHE A 67 -32.80 3.62 0.47
CA PHE A 67 -31.92 4.20 1.48
C PHE A 67 -32.24 3.51 2.82
N GLU A 68 -31.45 2.50 3.17
CA GLU A 68 -31.66 1.71 4.36
C GLU A 68 -30.46 1.83 5.30
N PHE A 69 -30.73 1.70 6.60
CA PHE A 69 -29.72 1.84 7.65
C PHE A 69 -29.80 0.65 8.59
N PHE A 70 -28.63 0.09 8.92
CA PHE A 70 -28.54 -1.13 9.73
C PHE A 70 -27.60 -0.89 10.90
N ALA A 71 -28.00 -1.39 12.07
CA ALA A 71 -27.26 -1.19 13.29
C ALA A 71 -26.20 -2.29 13.46
N ALA A 72 -25.54 -2.30 14.61
CA ALA A 72 -24.49 -3.27 14.87
C ALA A 72 -25.07 -4.60 15.38
N ASP A 73 -24.28 -5.65 15.22
CA ASP A 73 -24.76 -7.00 15.55
C ASP A 73 -24.81 -7.23 17.05
N LEU A 74 -23.84 -6.70 17.80
CA LEU A 74 -23.81 -6.77 19.25
C LEU A 74 -23.21 -8.08 19.74
N SER A 75 -23.26 -9.13 18.93
CA SER A 75 -22.64 -10.39 19.31
C SER A 75 -21.12 -10.34 19.14
N LEU A 76 -20.62 -9.52 18.21
CA LEU A 76 -19.20 -9.20 18.14
C LEU A 76 -18.95 -7.98 19.01
N TYR A 77 -18.97 -8.20 20.32
CA TYR A 77 -18.97 -7.10 21.28
C TYR A 77 -17.90 -6.05 20.99
N PRO A 78 -16.62 -6.40 20.81
CA PRO A 78 -15.61 -5.35 20.64
C PRO A 78 -15.72 -4.58 19.34
N HIS A 79 -16.38 -5.14 18.31
CA HIS A 79 -16.38 -4.58 16.97
C HIS A 79 -17.81 -4.32 16.51
N LEU A 80 -18.37 -3.20 16.95
CA LEU A 80 -19.69 -2.76 16.53
C LEU A 80 -19.54 -1.69 15.45
N TYR A 81 -20.23 -1.87 14.33
CA TYR A 81 -20.25 -0.86 13.27
C TYR A 81 -21.62 -0.89 12.61
N SER A 82 -22.25 0.26 12.49
CA SER A 82 -23.47 0.40 11.72
C SER A 82 -23.12 0.76 10.28
N ARG A 83 -24.07 0.52 9.39
CA ARG A 83 -23.85 0.79 7.98
C ARG A 83 -25.18 1.15 7.32
N ALA A 84 -25.10 1.62 6.09
CA ALA A 84 -26.29 2.01 5.34
C ALA A 84 -26.06 1.72 3.87
N TYR A 85 -27.16 1.59 3.14
CA TYR A 85 -27.13 1.30 1.71
C TYR A 85 -27.96 2.35 0.98
N ILE A 86 -27.42 2.84 -0.14
CA ILE A 86 -28.09 3.81 -0.99
C ILE A 86 -28.00 3.32 -2.43
N ASN A 87 -29.13 3.32 -3.11
CA ASN A 87 -29.21 2.93 -4.52
C ASN A 87 -29.45 4.20 -5.33
N PHE A 88 -28.39 4.73 -5.93
CA PHE A 88 -28.49 5.98 -6.67
C PHE A 88 -29.24 5.76 -7.98
N ARG A 89 -30.03 6.77 -8.36
CA ARG A 89 -30.77 6.70 -9.62
C ARG A 89 -29.87 6.98 -10.81
N ASN A 90 -28.93 7.90 -10.66
CA ASN A 90 -27.93 8.15 -11.70
C ASN A 90 -26.61 7.56 -11.24
N PRO A 91 -26.13 6.46 -11.83
CA PRO A 91 -24.88 5.85 -11.34
C PRO A 91 -23.63 6.64 -11.69
N ASP A 92 -23.79 7.92 -12.06
CA ASP A 92 -22.66 8.81 -12.26
C ASP A 92 -22.50 9.84 -11.14
N ASP A 93 -23.50 9.99 -10.27
CA ASP A 93 -23.38 10.89 -9.13
C ASP A 93 -22.58 10.28 -7.98
N ILE A 94 -22.28 8.98 -8.04
CA ILE A 94 -21.56 8.35 -6.94
C ILE A 94 -20.07 8.68 -6.97
N LEU A 95 -19.53 9.03 -8.15
CA LEU A 95 -18.14 9.47 -8.21
C LEU A 95 -17.91 10.66 -7.29
N LEU A 96 -18.84 11.62 -7.29
CA LEU A 96 -18.77 12.71 -6.32
C LEU A 96 -19.06 12.20 -4.91
N PHE A 97 -20.05 11.31 -4.77
CA PHE A 97 -20.38 10.78 -3.45
C PHE A 97 -19.23 9.99 -2.87
N ARG A 98 -18.59 9.14 -3.68
CA ARG A 98 -17.48 8.33 -3.18
C ARG A 98 -16.30 9.21 -2.78
N ASP A 99 -16.01 10.25 -3.56
CA ASP A 99 -14.93 11.15 -3.20
C ASP A 99 -15.29 12.10 -2.07
N ARG A 100 -16.59 12.26 -1.76
CA ARG A 100 -16.99 13.14 -0.68
C ARG A 100 -16.88 12.46 0.68
N PHE A 101 -17.38 11.24 0.79
CA PHE A 101 -17.57 10.61 2.09
C PHE A 101 -16.74 9.35 2.30
N ASP A 102 -16.08 8.82 1.28
CA ASP A 102 -15.14 7.72 1.47
C ASP A 102 -13.97 8.23 2.29
N GLY A 103 -13.92 7.87 3.57
CA GLY A 103 -12.92 8.36 4.48
C GLY A 103 -13.41 9.43 5.43
N TYR A 104 -14.61 9.97 5.21
CA TYR A 104 -15.14 11.01 6.07
C TYR A 104 -15.20 10.52 7.51
N ILE A 105 -14.63 11.29 8.42
CA ILE A 105 -14.47 10.86 9.81
C ILE A 105 -15.75 11.15 10.56
N PHE A 106 -16.41 10.09 11.02
CA PHE A 106 -17.55 10.21 11.92
C PHE A 106 -17.08 10.13 13.37
N LEU A 107 -17.88 10.70 14.26
CA LEU A 107 -17.57 10.77 15.68
C LEU A 107 -18.69 10.16 16.50
N ASP A 108 -18.32 9.37 17.51
CA ASP A 108 -19.26 8.75 18.42
C ASP A 108 -19.39 9.62 19.67
N SER A 109 -20.02 9.06 20.71
CA SER A 109 -20.26 9.83 21.93
C SER A 109 -18.94 10.31 22.54
N LYS A 110 -18.06 9.38 22.91
CA LYS A 110 -16.81 9.73 23.57
C LYS A 110 -15.87 10.53 22.67
N GLY A 111 -16.12 10.55 21.36
CA GLY A 111 -15.29 11.29 20.44
C GLY A 111 -14.24 10.49 19.72
N LEU A 112 -14.45 9.19 19.52
CA LEU A 112 -13.52 8.36 18.78
C LEU A 112 -13.83 8.45 17.29
N GLU A 113 -12.80 8.26 16.47
CA GLU A 113 -12.88 8.52 15.04
C GLU A 113 -13.25 7.25 14.30
N TYR A 114 -14.34 7.32 13.53
CA TYR A 114 -14.84 6.21 12.72
C TYR A 114 -14.78 6.62 11.26
N PRO A 115 -13.60 6.56 10.63
CA PRO A 115 -13.52 6.87 9.19
C PRO A 115 -14.42 5.94 8.40
N ALA A 116 -15.40 6.53 7.71
CA ALA A 116 -16.39 5.75 6.98
C ALA A 116 -15.78 5.15 5.71
N VAL A 117 -16.46 4.13 5.19
CA VAL A 117 -16.03 3.43 3.98
C VAL A 117 -17.19 3.43 2.99
N VAL A 118 -16.95 3.96 1.80
CA VAL A 118 -17.98 4.07 0.76
C VAL A 118 -17.51 3.24 -0.43
N GLU A 119 -18.17 2.11 -0.67
CA GLU A 119 -17.83 1.22 -1.76
C GLU A 119 -19.10 0.78 -2.48
N PHE A 120 -18.92 0.11 -3.61
CA PHE A 120 -20.02 -0.59 -4.25
C PHE A 120 -20.48 -1.72 -3.35
N ALA A 121 -21.77 -1.75 -3.04
CA ALA A 121 -22.33 -2.84 -2.25
C ALA A 121 -21.96 -4.18 -2.90
N PRO A 122 -21.44 -5.15 -2.15
CA PRO A 122 -21.05 -6.42 -2.77
C PRO A 122 -22.22 -7.19 -3.35
N PHE A 123 -23.45 -6.84 -2.99
CA PHE A 123 -24.66 -7.42 -3.56
C PHE A 123 -25.54 -6.28 -4.03
N GLN A 124 -25.72 -6.18 -5.35
CA GLN A 124 -26.29 -4.99 -5.98
C GLN A 124 -27.80 -5.06 -6.16
N LYS A 125 -28.48 -6.06 -5.60
CA LYS A 125 -29.92 -6.18 -5.73
C LYS A 125 -30.62 -5.46 -4.58
N ILE A 126 -31.75 -4.83 -4.90
CA ILE A 126 -32.54 -4.06 -3.94
C ILE A 126 -33.99 -4.54 -4.02
N ALA A 127 -34.77 -4.14 -3.02
CA ALA A 127 -36.17 -4.52 -2.96
C ALA A 127 -36.92 -4.01 -4.19
N LYS A 128 -37.49 -4.94 -4.95
CA LYS A 128 -38.24 -4.58 -6.15
C LYS A 128 -39.74 -4.53 -5.87
N LYS A 133 -49.62 -9.63 -4.38
CA LYS A 133 -50.47 -9.14 -3.30
C LYS A 133 -49.77 -9.27 -1.96
N LYS A 134 -50.53 -9.14 -0.88
CA LYS A 134 -50.01 -9.29 0.47
C LYS A 134 -50.32 -10.70 0.99
N ASP A 135 -49.56 -11.11 2.00
CA ASP A 135 -49.72 -12.44 2.57
C ASP A 135 -50.84 -12.43 3.61
N ALA A 136 -51.63 -13.51 3.63
CA ALA A 136 -52.75 -13.63 4.54
C ALA A 136 -52.36 -14.17 5.91
N LYS A 137 -51.26 -14.93 6.00
CA LYS A 137 -50.82 -15.49 7.27
C LYS A 137 -50.08 -14.48 8.14
N THR A 138 -49.62 -13.38 7.56
CA THR A 138 -48.81 -12.41 8.29
C THR A 138 -49.50 -11.97 9.58
N GLY A 139 -48.77 -12.09 10.68
CA GLY A 139 -49.25 -11.57 11.94
C GLY A 139 -50.26 -12.43 12.67
N SER A 140 -50.23 -13.74 12.45
CA SER A 140 -51.19 -14.65 13.07
C SER A 140 -50.51 -15.76 13.86
N ILE A 141 -49.22 -15.64 14.16
CA ILE A 141 -48.51 -16.73 14.82
C ILE A 141 -49.00 -16.90 16.26
N GLU A 142 -49.44 -15.82 16.90
CA GLU A 142 -49.96 -15.92 18.26
C GLU A 142 -51.22 -16.77 18.32
N ASP A 143 -51.96 -16.88 17.23
CA ASP A 143 -53.13 -17.74 17.15
C ASP A 143 -52.80 -19.04 16.42
N ASP A 144 -51.73 -19.71 16.86
CA ASP A 144 -51.23 -20.92 16.24
C ASP A 144 -51.09 -22.01 17.29
N PRO A 145 -51.39 -23.27 16.93
CA PRO A 145 -51.26 -24.33 17.94
C PRO A 145 -49.82 -24.65 18.30
N GLU A 146 -48.91 -24.64 17.33
CA GLU A 146 -47.52 -24.96 17.63
C GLU A 146 -46.87 -23.92 18.52
N TYR A 147 -47.13 -22.63 18.24
CA TYR A 147 -46.60 -21.58 19.11
C TYR A 147 -47.24 -21.64 20.49
N LYS A 148 -48.55 -21.88 20.56
CA LYS A 148 -49.23 -21.95 21.85
C LYS A 148 -48.69 -23.09 22.70
N LYS A 149 -48.47 -24.25 22.10
CA LYS A 149 -47.95 -25.38 22.86
C LYS A 149 -46.51 -25.13 23.30
N PHE A 150 -45.73 -24.38 22.50
CA PHE A 150 -44.37 -24.04 22.91
C PHE A 150 -44.39 -23.20 24.18
N LEU A 151 -45.33 -22.25 24.29
CA LEU A 151 -45.42 -21.44 25.49
C LEU A 151 -45.61 -22.30 26.73
N GLU A 152 -46.34 -23.42 26.61
CA GLU A 152 -46.47 -24.35 27.71
C GLU A 152 -45.09 -24.83 28.19
N THR A 153 -44.14 -24.93 27.28
CA THR A 153 -42.81 -25.42 27.62
C THR A 153 -41.90 -24.31 28.14
N TYR A 154 -42.05 -23.10 27.59
CA TYR A 154 -41.11 -22.02 27.89
C TYR A 154 -41.43 -21.32 29.20
N CYS A 155 -42.71 -21.23 29.57
CA CYS A 155 -43.12 -20.50 30.77
C CYS A 155 -43.23 -21.49 31.92
N VAL A 156 -42.27 -21.43 32.85
CA VAL A 156 -42.19 -22.38 33.94
C VAL A 156 -42.26 -23.81 33.38
N LYS B 34 -35.74 -15.78 30.02
CA LYS B 34 -35.03 -14.51 30.10
C LYS B 34 -35.22 -13.71 28.82
N ARG B 35 -35.39 -14.41 27.69
CA ARG B 35 -35.64 -13.71 26.44
C ARG B 35 -37.12 -13.76 26.08
N PRO B 36 -37.61 -12.78 25.32
CA PRO B 36 -39.02 -12.80 24.90
C PRO B 36 -39.41 -14.13 24.30
N PRO B 37 -40.69 -14.48 24.32
CA PRO B 37 -41.08 -15.82 23.84
C PRO B 37 -41.06 -15.94 22.31
N LEU B 38 -41.47 -14.89 21.60
CA LEU B 38 -41.37 -14.93 20.14
C LEU B 38 -39.92 -15.04 19.69
N GLN B 39 -39.04 -14.24 20.29
CA GLN B 39 -37.61 -14.32 19.95
C GLN B 39 -37.08 -15.72 20.19
N GLU B 40 -37.43 -16.33 21.33
CA GLU B 40 -36.98 -17.69 21.59
C GLU B 40 -37.62 -18.69 20.63
N TYR B 41 -38.81 -18.37 20.11
CA TYR B 41 -39.48 -19.29 19.20
C TYR B 41 -38.81 -19.29 17.82
N VAL B 42 -38.54 -18.11 17.27
CA VAL B 42 -37.84 -18.05 16.00
C VAL B 42 -36.47 -18.69 16.12
N ARG B 43 -35.83 -18.57 17.29
CA ARG B 43 -34.57 -19.27 17.50
C ARG B 43 -34.78 -20.78 17.55
N LYS B 44 -35.89 -21.22 18.14
CA LYS B 44 -36.19 -22.65 18.17
C LYS B 44 -36.46 -23.18 16.76
N LEU B 45 -36.99 -22.33 15.87
CA LEU B 45 -37.25 -22.75 14.50
C LEU B 45 -35.96 -22.79 13.68
N LEU B 46 -35.09 -21.79 13.82
CA LEU B 46 -33.90 -21.69 12.97
C LEU B 46 -32.77 -22.57 13.48
N TYR B 47 -32.58 -22.65 14.80
CA TYR B 47 -31.40 -23.28 15.38
C TYR B 47 -31.67 -24.68 15.92
N LYS B 48 -32.92 -25.16 15.86
CA LYS B 48 -33.24 -26.48 16.39
C LYS B 48 -34.18 -27.25 15.48
N ASP B 49 -35.33 -26.66 15.14
CA ASP B 49 -36.34 -27.39 14.39
C ASP B 49 -35.96 -27.58 12.92
N LEU B 50 -35.00 -26.83 12.41
CA LEU B 50 -34.73 -26.86 10.97
C LEU B 50 -33.90 -28.07 10.57
N SER B 51 -33.09 -28.60 11.47
CA SER B 51 -32.34 -29.83 11.22
C SER B 51 -33.11 -31.08 11.61
N LYS B 52 -34.31 -30.94 12.19
CA LYS B 52 -35.10 -32.06 12.68
C LYS B 52 -36.36 -32.29 11.85
N VAL B 53 -37.13 -31.24 11.57
CA VAL B 53 -38.38 -31.37 10.82
C VAL B 53 -38.15 -30.95 9.37
N THR B 54 -39.24 -30.65 8.66
CA THR B 54 -39.18 -30.28 7.26
C THR B 54 -39.15 -28.77 7.10
N THR B 55 -38.49 -28.32 6.04
CA THR B 55 -38.36 -26.88 5.79
C THR B 55 -39.72 -26.23 5.54
N GLU B 56 -40.68 -26.97 4.97
CA GLU B 56 -41.99 -26.39 4.74
C GLU B 56 -42.75 -26.19 6.05
N LYS B 57 -42.61 -27.13 6.99
CA LYS B 57 -43.27 -26.98 8.28
C LYS B 57 -42.80 -25.72 8.99
N VAL B 58 -41.51 -25.39 8.85
CA VAL B 58 -40.98 -24.19 9.48
C VAL B 58 -41.24 -22.95 8.63
N LEU B 59 -41.39 -23.11 7.32
CA LEU B 59 -41.59 -21.95 6.45
C LEU B 59 -42.93 -21.28 6.74
N ARG B 60 -44.02 -22.03 6.66
CA ARG B 60 -45.32 -21.45 6.96
C ARG B 60 -45.37 -20.91 8.39
N GLN B 61 -44.75 -21.62 9.33
CA GLN B 61 -44.65 -21.11 10.70
C GLN B 61 -44.04 -19.71 10.71
N MET B 62 -43.05 -19.47 9.85
CA MET B 62 -42.37 -18.19 9.83
C MET B 62 -43.14 -17.14 9.03
N ARG B 63 -43.87 -17.56 8.00
CA ARG B 63 -44.72 -16.61 7.29
C ARG B 63 -45.75 -15.98 8.21
N LYS B 64 -46.15 -16.69 9.26
CA LYS B 64 -47.15 -16.20 10.19
C LYS B 64 -46.58 -15.26 11.25
N LEU B 65 -45.29 -15.00 11.22
CA LEU B 65 -44.71 -14.03 12.14
C LEU B 65 -45.17 -12.62 11.79
N PRO B 66 -45.25 -11.72 12.77
CA PRO B 66 -45.68 -10.35 12.48
C PRO B 66 -44.63 -9.59 11.68
N TRP B 67 -44.63 -9.75 10.36
CA TRP B 67 -43.62 -9.13 9.52
C TRP B 67 -43.82 -7.64 9.37
N GLN B 68 -45.03 -7.12 9.61
CA GLN B 68 -45.24 -5.68 9.57
C GLN B 68 -44.52 -4.98 10.72
N ASP B 69 -44.25 -5.69 11.81
CA ASP B 69 -43.50 -5.14 12.94
C ASP B 69 -42.01 -5.18 12.61
N GLN B 70 -41.39 -4.00 12.48
CA GLN B 70 -39.99 -3.94 12.12
C GLN B 70 -39.09 -4.47 13.23
N GLU B 71 -39.57 -4.53 14.46
CA GLU B 71 -38.76 -5.05 15.56
C GLU B 71 -38.47 -6.53 15.38
N VAL B 72 -39.52 -7.34 15.20
CA VAL B 72 -39.31 -8.78 15.06
C VAL B 72 -38.64 -9.10 13.73
N LYS B 73 -38.93 -8.33 12.68
CA LYS B 73 -38.26 -8.58 11.40
C LYS B 73 -36.76 -8.39 11.52
N ASP B 74 -36.31 -7.27 12.11
CA ASP B 74 -34.87 -7.07 12.30
C ASP B 74 -34.25 -8.18 13.12
N TYR B 75 -35.02 -8.79 14.02
CA TYR B 75 -34.46 -9.84 14.88
C TYR B 75 -34.25 -11.13 14.10
N VAL B 76 -35.25 -11.56 13.33
CA VAL B 76 -35.11 -12.81 12.59
C VAL B 76 -33.99 -12.72 11.57
N ILE B 77 -33.79 -11.53 10.98
CA ILE B 77 -32.71 -11.36 10.02
C ILE B 77 -31.37 -11.54 10.71
N CYS B 78 -31.21 -10.96 11.90
CA CYS B 78 -29.97 -11.14 12.65
C CYS B 78 -29.74 -12.61 12.96
N CYS B 79 -30.81 -13.35 13.28
CA CYS B 79 -30.66 -14.77 13.58
C CYS B 79 -30.13 -15.54 12.37
N MET B 80 -30.60 -15.18 11.17
CA MET B 80 -30.14 -15.88 9.97
C MET B 80 -28.71 -15.49 9.62
N ILE B 81 -28.35 -14.22 9.79
CA ILE B 81 -26.98 -13.80 9.54
C ILE B 81 -26.03 -14.51 10.49
N ASN B 82 -26.40 -14.60 11.78
CA ASN B 82 -25.60 -15.32 12.77
C ASN B 82 -25.85 -16.82 12.65
N ILE B 83 -25.61 -17.34 11.44
CA ILE B 83 -25.84 -18.75 11.15
C ILE B 83 -24.84 -19.66 11.86
N TRP B 84 -23.81 -19.10 12.48
CA TRP B 84 -22.87 -19.91 13.25
C TRP B 84 -23.54 -20.69 14.37
N ASN B 85 -24.80 -20.36 14.72
CA ASN B 85 -25.55 -21.12 15.70
C ASN B 85 -26.15 -22.40 15.14
N VAL B 86 -26.17 -22.55 13.81
CA VAL B 86 -26.73 -23.72 13.15
C VAL B 86 -25.65 -24.78 13.01
N LYS B 87 -26.07 -26.04 13.01
CA LYS B 87 -25.13 -27.13 12.73
C LYS B 87 -24.58 -26.98 11.32
N TYR B 88 -23.26 -27.14 11.19
CA TYR B 88 -22.59 -26.91 9.91
C TYR B 88 -23.28 -27.65 8.77
N ASN B 89 -23.64 -28.91 8.99
CA ASN B 89 -24.23 -29.73 7.94
C ASN B 89 -25.71 -29.43 7.71
N SER B 90 -26.32 -28.60 8.55
CA SER B 90 -27.71 -28.19 8.39
C SER B 90 -27.84 -26.78 7.84
N ILE B 91 -26.72 -26.15 7.45
CA ILE B 91 -26.78 -24.77 7.00
C ILE B 91 -27.54 -24.67 5.67
N HIS B 92 -27.43 -25.67 4.80
CA HIS B 92 -28.13 -25.60 3.52
C HIS B 92 -29.63 -25.50 3.72
N CYS B 93 -30.16 -26.04 4.82
CA CYS B 93 -31.57 -25.89 5.12
C CYS B 93 -31.95 -24.42 5.23
N VAL B 94 -31.08 -23.60 5.83
CA VAL B 94 -31.38 -22.19 6.02
C VAL B 94 -31.40 -21.47 4.67
N ALA B 95 -30.50 -21.84 3.76
CA ALA B 95 -30.52 -21.26 2.42
C ALA B 95 -31.77 -21.70 1.66
N ASN B 96 -32.09 -22.99 1.71
CA ASN B 96 -33.32 -23.48 1.10
C ASN B 96 -34.53 -22.71 1.62
N LEU B 97 -34.65 -22.60 2.94
CA LEU B 97 -35.77 -21.87 3.53
C LEU B 97 -35.82 -20.43 3.03
N LEU B 98 -34.68 -19.72 3.10
CA LEU B 98 -34.66 -18.34 2.66
C LEU B 98 -35.11 -18.20 1.21
N ALA B 99 -34.70 -19.14 0.35
CA ALA B 99 -35.07 -19.07 -1.06
C ALA B 99 -36.59 -19.06 -1.24
N GLY B 100 -37.31 -19.73 -0.35
CA GLY B 100 -38.76 -19.77 -0.42
C GLY B 100 -39.43 -18.65 0.35
N LEU B 101 -38.82 -18.23 1.45
CA LEU B 101 -39.41 -17.18 2.28
C LEU B 101 -39.47 -15.85 1.54
N VAL B 102 -38.54 -15.62 0.60
CA VAL B 102 -38.55 -14.33 -0.09
C VAL B 102 -39.67 -14.23 -1.11
N LEU B 103 -40.28 -15.36 -1.51
CA LEU B 103 -41.47 -15.28 -2.34
C LEU B 103 -42.62 -14.59 -1.62
N TYR B 104 -42.49 -14.36 -0.32
CA TYR B 104 -43.50 -13.67 0.48
C TYR B 104 -42.95 -12.53 1.31
N GLN B 105 -41.64 -12.45 1.52
CA GLN B 105 -40.98 -11.34 2.21
C GLN B 105 -39.71 -11.02 1.41
N GLU B 106 -39.87 -10.23 0.34
CA GLU B 106 -38.77 -9.99 -0.58
C GLU B 106 -37.57 -9.38 0.12
N ASP B 107 -37.80 -8.36 0.94
CA ASP B 107 -36.71 -7.55 1.47
C ASP B 107 -35.83 -8.31 2.45
N VAL B 108 -36.34 -9.36 3.09
CA VAL B 108 -35.52 -10.11 4.04
C VAL B 108 -34.39 -10.82 3.31
N GLY B 109 -34.61 -11.23 2.06
CA GLY B 109 -33.56 -11.90 1.33
C GLY B 109 -32.35 -11.02 1.10
N ILE B 110 -32.59 -9.78 0.65
CA ILE B 110 -31.46 -8.89 0.37
C ILE B 110 -30.76 -8.50 1.66
N HIS B 111 -31.50 -8.42 2.77
CA HIS B 111 -30.92 -7.95 4.02
C HIS B 111 -29.98 -8.99 4.63
N VAL B 112 -30.32 -10.28 4.53
CA VAL B 112 -29.45 -11.30 5.11
C VAL B 112 -28.22 -11.49 4.23
N VAL B 113 -28.40 -11.46 2.91
CA VAL B 113 -27.27 -11.63 2.01
C VAL B 113 -26.26 -10.50 2.22
N ASP B 114 -26.74 -9.26 2.24
CA ASP B 114 -25.85 -8.14 2.53
C ASP B 114 -25.19 -8.29 3.89
N GLY B 115 -25.93 -8.81 4.87
CA GLY B 115 -25.34 -9.03 6.18
C GLY B 115 -24.29 -10.12 6.17
N VAL B 116 -24.55 -11.22 5.47
CA VAL B 116 -23.58 -12.30 5.36
C VAL B 116 -22.31 -11.80 4.68
N LEU B 117 -22.47 -11.07 3.56
CA LEU B 117 -21.31 -10.49 2.89
C LEU B 117 -20.63 -9.44 3.75
N GLU B 118 -21.40 -8.75 4.60
CA GLU B 118 -20.81 -7.77 5.51
C GLU B 118 -19.99 -8.45 6.59
N ASP B 119 -20.51 -9.53 7.18
CA ASP B 119 -19.77 -10.24 8.21
C ASP B 119 -18.55 -10.94 7.64
N ILE B 120 -18.59 -11.35 6.37
CA ILE B 120 -17.40 -11.92 5.74
C ILE B 120 -16.30 -10.87 5.66
N ARG B 121 -16.67 -9.62 5.35
CA ARG B 121 -15.68 -8.55 5.30
C ARG B 121 -15.21 -8.18 6.70
N LEU B 122 -16.14 -7.98 7.62
CA LEU B 122 -15.75 -7.60 8.99
C LEU B 122 -14.89 -8.67 9.63
N GLY B 123 -15.15 -9.95 9.31
CA GLY B 123 -14.31 -11.01 9.84
C GLY B 123 -12.87 -10.90 9.38
N MET B 124 -12.67 -10.46 8.14
CA MET B 124 -11.31 -10.29 7.65
C MET B 124 -10.63 -9.08 8.27
N GLU B 125 -11.40 -8.03 8.58
CA GLU B 125 -10.80 -6.81 9.11
C GLU B 125 -10.37 -6.99 10.57
N VAL B 126 -11.26 -7.49 11.42
CA VAL B 126 -10.91 -7.68 12.82
C VAL B 126 -9.98 -8.87 12.98
N ASN B 127 -10.25 -9.95 12.25
CA ASN B 127 -9.40 -11.15 12.22
C ASN B 127 -8.98 -11.56 13.63
N GLN B 128 -9.95 -12.10 14.37
CA GLN B 128 -9.73 -12.60 15.71
C GLN B 128 -10.04 -14.11 15.77
N PRO B 129 -9.21 -14.90 16.44
CA PRO B 129 -9.46 -16.35 16.45
C PRO B 129 -10.83 -16.74 16.99
N LYS B 130 -11.40 -15.94 17.89
CA LYS B 130 -12.69 -16.28 18.48
C LYS B 130 -13.83 -16.23 17.47
N PHE B 131 -13.57 -15.76 16.25
CA PHE B 131 -14.59 -15.69 15.20
C PHE B 131 -14.31 -16.65 14.05
N ASN B 132 -13.37 -17.59 14.23
CA ASN B 132 -13.00 -18.47 13.11
C ASN B 132 -14.15 -19.37 12.70
N GLN B 133 -14.75 -20.08 13.66
CA GLN B 133 -15.91 -20.91 13.34
C GLN B 133 -17.07 -20.06 12.85
N ARG B 134 -17.21 -18.83 13.38
CA ARG B 134 -18.24 -17.92 12.90
C ARG B 134 -18.01 -17.56 11.44
N ARG B 135 -16.76 -17.35 11.06
CA ARG B 135 -16.45 -16.95 9.69
C ARG B 135 -16.53 -18.13 8.72
N ILE B 136 -16.14 -19.33 9.17
CA ILE B 136 -16.24 -20.51 8.31
C ILE B 136 -17.69 -20.75 7.94
N SER B 137 -18.59 -20.70 8.92
CA SER B 137 -20.02 -20.91 8.65
C SER B 137 -20.54 -19.87 7.66
N SER B 138 -20.21 -18.60 7.88
CA SER B 138 -20.67 -17.55 6.97
C SER B 138 -20.26 -17.84 5.54
N ALA B 139 -19.00 -18.26 5.34
CA ALA B 139 -18.55 -18.62 4.01
C ALA B 139 -19.35 -19.80 3.46
N LYS B 140 -19.59 -20.81 4.30
CA LYS B 140 -20.40 -21.94 3.87
C LYS B 140 -21.81 -21.50 3.54
N PHE B 141 -22.40 -20.62 4.35
CA PHE B 141 -23.75 -20.12 4.08
C PHE B 141 -23.80 -19.41 2.75
N LEU B 142 -22.81 -18.55 2.47
CA LEU B 142 -22.76 -17.85 1.19
C LEU B 142 -22.70 -18.84 0.03
N GLY B 143 -21.99 -19.94 0.20
CA GLY B 143 -21.95 -20.96 -0.84
C GLY B 143 -23.30 -21.61 -1.07
N GLU B 144 -24.01 -21.93 0.01
CA GLU B 144 -25.32 -22.56 -0.13
C GLU B 144 -26.35 -21.59 -0.67
N LEU B 145 -26.18 -20.29 -0.44
CA LEU B 145 -27.10 -19.31 -1.01
C LEU B 145 -27.00 -19.28 -2.53
N TYR B 146 -25.82 -19.59 -3.08
CA TYR B 146 -25.69 -19.70 -4.54
C TYR B 146 -26.36 -20.98 -5.04
N ASN B 147 -26.22 -22.09 -4.31
CA ASN B 147 -26.79 -23.35 -4.75
C ASN B 147 -28.31 -23.23 -4.92
N TYR B 148 -28.97 -22.47 -4.05
CA TYR B 148 -30.41 -22.25 -4.12
C TYR B 148 -30.74 -20.95 -4.84
N ARG B 149 -29.86 -20.49 -5.73
CA ARG B 149 -30.11 -19.37 -6.63
C ARG B 149 -30.65 -18.14 -5.89
N MET B 150 -29.91 -17.73 -4.87
CA MET B 150 -30.14 -16.45 -4.21
C MET B 150 -29.12 -15.39 -4.62
N VAL B 151 -27.90 -15.82 -4.95
CA VAL B 151 -26.87 -14.95 -5.50
C VAL B 151 -26.27 -15.68 -6.70
N GLU B 152 -25.59 -14.92 -7.56
CA GLU B 152 -24.99 -15.45 -8.76
C GLU B 152 -23.47 -15.50 -8.61
N SER B 153 -22.84 -16.26 -9.51
CA SER B 153 -21.40 -16.52 -9.40
C SER B 153 -20.59 -15.24 -9.29
N ALA B 154 -21.06 -14.14 -9.87
CA ALA B 154 -20.34 -12.88 -9.77
C ALA B 154 -20.10 -12.50 -8.31
N VAL B 155 -21.06 -12.80 -7.44
CA VAL B 155 -20.90 -12.50 -6.02
C VAL B 155 -19.90 -13.47 -5.39
N ILE B 156 -19.91 -14.73 -5.82
CA ILE B 156 -19.04 -15.72 -5.22
C ILE B 156 -17.59 -15.50 -5.64
N PHE B 157 -17.36 -15.16 -6.90
CA PHE B 157 -15.99 -14.93 -7.35
C PHE B 157 -15.43 -13.63 -6.79
N ARG B 158 -16.26 -12.61 -6.62
CA ARG B 158 -15.81 -11.39 -5.96
C ARG B 158 -15.39 -11.68 -4.52
N THR B 159 -16.12 -12.57 -3.83
CA THR B 159 -15.74 -12.95 -2.48
C THR B 159 -14.49 -13.82 -2.48
N LEU B 160 -14.36 -14.70 -3.46
CA LEU B 160 -13.19 -15.56 -3.53
C LEU B 160 -11.91 -14.74 -3.69
N TYR B 161 -11.93 -13.76 -4.60
CA TYR B 161 -10.75 -12.92 -4.80
C TYR B 161 -10.45 -12.12 -3.54
N SER B 162 -11.48 -11.60 -2.86
CA SER B 162 -11.24 -10.79 -1.67
C SER B 162 -10.49 -11.58 -0.61
N PHE B 163 -10.65 -12.91 -0.59
CA PHE B 163 -9.92 -13.73 0.38
C PHE B 163 -8.43 -13.75 0.06
N THR B 164 -8.06 -13.67 -1.22
CA THR B 164 -6.67 -13.76 -1.64
C THR B 164 -6.05 -12.41 -1.96
N SER B 165 -6.78 -11.30 -1.72
CA SER B 165 -6.28 -10.00 -2.11
C SER B 165 -6.53 -8.93 -1.06
N PHE B 166 -7.68 -8.97 -0.39
CA PHE B 166 -7.99 -7.96 0.61
C PHE B 166 -6.99 -8.05 1.77
N GLY B 167 -6.32 -6.93 2.05
CA GLY B 167 -5.29 -6.90 3.07
C GLY B 167 -4.00 -7.60 2.68
N VAL B 168 -3.89 -8.09 1.45
CA VAL B 168 -2.72 -8.84 0.99
C VAL B 168 -1.80 -7.88 0.27
N ASN B 169 -0.55 -7.80 0.72
CA ASN B 169 0.44 -6.99 0.02
C ASN B 169 0.67 -7.56 -1.37
N PRO B 170 0.66 -6.74 -2.43
CA PRO B 170 0.81 -7.29 -3.79
C PRO B 170 2.16 -7.95 -4.04
N ASP B 171 3.19 -7.59 -3.28
CA ASP B 171 4.51 -8.19 -3.44
C ASP B 171 4.64 -9.55 -2.76
N GLY B 172 3.59 -10.01 -2.07
CA GLY B 172 3.65 -11.26 -1.35
C GLY B 172 4.17 -11.17 0.06
N SER B 173 4.56 -9.98 0.51
CA SER B 173 5.03 -9.81 1.87
C SER B 173 3.87 -9.98 2.86
N PRO B 174 4.14 -10.49 4.06
CA PRO B 174 3.10 -10.49 5.10
C PRO B 174 2.69 -9.08 5.44
N SER B 175 1.48 -8.95 5.99
CA SER B 175 0.94 -7.66 6.39
C SER B 175 0.12 -7.84 7.65
N SER B 176 -0.50 -6.75 8.11
CA SER B 176 -1.26 -6.81 9.36
C SER B 176 -2.46 -7.73 9.23
N LEU B 177 -3.21 -7.63 8.14
CA LEU B 177 -4.41 -8.43 7.97
C LEU B 177 -4.09 -9.85 7.49
N ASP B 178 -2.86 -10.14 7.11
CA ASP B 178 -2.45 -11.48 6.69
C ASP B 178 -1.04 -11.74 7.20
N PRO B 179 -0.88 -11.90 8.51
CA PRO B 179 0.44 -12.16 9.07
C PRO B 179 1.03 -13.47 8.54
N PRO B 180 2.31 -13.72 8.79
CA PRO B 180 2.99 -14.82 8.07
C PRO B 180 2.34 -16.17 8.24
N GLU B 181 2.07 -16.59 9.48
CA GLU B 181 1.59 -17.94 9.75
C GLU B 181 0.06 -18.03 9.78
N HIS B 182 -0.63 -17.02 9.24
CA HIS B 182 -2.09 -16.99 9.20
C HIS B 182 -2.55 -17.60 7.88
N LEU B 183 -3.18 -18.79 7.97
CA LEU B 183 -3.62 -19.53 6.79
C LEU B 183 -5.14 -19.60 6.69
N PHE B 184 -5.86 -18.75 7.43
CA PHE B 184 -7.31 -18.85 7.46
C PHE B 184 -7.93 -18.48 6.11
N ARG B 185 -7.27 -17.63 5.32
CA ARG B 185 -7.79 -17.30 4.00
C ARG B 185 -7.92 -18.55 3.14
N ILE B 186 -7.01 -19.50 3.30
CA ILE B 186 -7.08 -20.74 2.52
C ILE B 186 -8.26 -21.58 2.98
N ARG B 187 -8.50 -21.65 4.28
N ARG B 187 -8.49 -21.66 4.29
CA ARG B 187 -9.62 -22.45 4.78
CA ARG B 187 -9.62 -22.43 4.79
C ARG B 187 -10.94 -21.85 4.36
C ARG B 187 -10.93 -21.86 4.29
N LEU B 188 -11.01 -20.53 4.16
CA LEU B 188 -12.23 -19.90 3.67
C LEU B 188 -12.45 -20.20 2.20
N VAL B 189 -11.40 -20.09 1.39
CA VAL B 189 -11.52 -20.37 -0.05
C VAL B 189 -11.98 -21.81 -0.26
N CYS B 190 -11.40 -22.75 0.49
CA CYS B 190 -11.79 -24.14 0.33
C CYS B 190 -13.21 -24.40 0.84
N THR B 191 -13.62 -23.69 1.89
CA THR B 191 -15.00 -23.84 2.37
C THR B 191 -16.00 -23.50 1.26
N ILE B 192 -15.76 -22.40 0.54
CA ILE B 192 -16.71 -21.99 -0.50
C ILE B 192 -16.58 -22.89 -1.72
N LEU B 193 -15.35 -23.26 -2.08
CA LEU B 193 -15.17 -24.14 -3.25
C LEU B 193 -15.71 -25.54 -2.99
N ASP B 194 -15.73 -25.97 -1.72
CA ASP B 194 -16.27 -27.30 -1.41
C ASP B 194 -17.78 -27.33 -1.50
N THR B 195 -18.45 -26.18 -1.44
CA THR B 195 -19.91 -26.14 -1.39
C THR B 195 -20.56 -25.79 -2.71
N CYS B 196 -19.88 -25.04 -3.58
CA CYS B 196 -20.49 -24.64 -4.84
C CYS B 196 -19.51 -24.59 -6.02
N GLY B 197 -18.29 -25.09 -5.84
CA GLY B 197 -17.34 -25.12 -6.95
C GLY B 197 -17.56 -26.23 -7.93
N GLN B 198 -18.24 -27.30 -7.51
CA GLN B 198 -18.54 -28.41 -8.42
C GLN B 198 -19.51 -28.01 -9.52
N TYR B 199 -20.20 -26.88 -9.36
CA TYR B 199 -21.12 -26.40 -10.38
C TYR B 199 -20.47 -25.38 -11.32
N PHE B 200 -19.17 -25.12 -11.18
CA PHE B 200 -18.45 -24.22 -12.07
C PHE B 200 -17.59 -25.04 -13.04
N ASP B 201 -18.29 -25.80 -13.90
CA ASP B 201 -17.61 -26.68 -14.84
C ASP B 201 -18.22 -26.63 -16.24
N ARG B 202 -19.10 -25.67 -16.51
CA ARG B 202 -19.76 -25.58 -17.81
C ARG B 202 -19.97 -24.11 -18.15
N GLY B 203 -19.51 -23.71 -19.35
CA GLY B 203 -19.82 -22.37 -19.86
C GLY B 203 -18.89 -21.28 -19.32
N SER B 204 -19.50 -20.16 -18.92
CA SER B 204 -18.75 -19.00 -18.48
C SER B 204 -18.06 -19.26 -17.15
N SER B 205 -18.83 -19.66 -16.14
CA SER B 205 -18.26 -19.89 -14.81
C SER B 205 -17.14 -20.91 -14.84
N LYS B 206 -17.09 -21.77 -15.85
CA LYS B 206 -16.02 -22.74 -15.98
C LYS B 206 -14.65 -22.07 -15.95
N ARG B 207 -14.43 -21.11 -16.87
CA ARG B 207 -13.12 -20.49 -17.00
C ARG B 207 -12.89 -19.39 -15.97
N LYS B 208 -13.95 -18.78 -15.43
CA LYS B 208 -13.75 -17.82 -14.34
C LYS B 208 -13.18 -18.52 -13.11
N LEU B 209 -13.57 -19.77 -12.87
CA LEU B 209 -12.97 -20.53 -11.77
C LEU B 209 -11.53 -20.89 -12.07
N ASP B 210 -11.26 -21.34 -13.31
CA ASP B 210 -9.89 -21.64 -13.69
C ASP B 210 -8.99 -20.42 -13.51
N CYS B 211 -9.53 -19.22 -13.77
CA CYS B 211 -8.73 -18.01 -13.61
C CYS B 211 -8.51 -17.66 -12.14
N PHE B 212 -9.49 -17.94 -11.27
CA PHE B 212 -9.27 -17.67 -9.86
C PHE B 212 -8.29 -18.67 -9.26
N LEU B 213 -8.35 -19.94 -9.69
CA LEU B 213 -7.46 -20.95 -9.14
C LEU B 213 -6.00 -20.56 -9.34
N VAL B 214 -5.66 -20.11 -10.55
CA VAL B 214 -4.27 -19.77 -10.85
C VAL B 214 -3.76 -18.67 -9.92
N TYR B 215 -4.61 -17.66 -9.63
CA TYR B 215 -4.22 -16.64 -8.68
C TYR B 215 -4.18 -17.21 -7.26
N PHE B 216 -5.02 -18.21 -6.97
CA PHE B 216 -5.02 -18.82 -5.65
C PHE B 216 -3.78 -19.66 -5.42
N GLN B 217 -3.30 -20.37 -6.46
CA GLN B 217 -2.08 -21.15 -6.29
C GLN B 217 -0.87 -20.26 -6.01
N ARG B 218 -0.85 -19.06 -6.60
CA ARG B 218 0.22 -18.12 -6.29
C ARG B 218 0.13 -17.65 -4.84
N TYR B 219 -1.08 -17.30 -4.38
CA TYR B 219 -1.25 -16.90 -2.99
C TYR B 219 -0.81 -18.02 -2.05
N VAL B 220 -1.11 -19.27 -2.42
CA VAL B 220 -0.67 -20.40 -1.61
C VAL B 220 0.86 -20.43 -1.52
N TRP B 221 1.54 -20.27 -2.67
CA TRP B 221 2.99 -20.35 -2.68
C TRP B 221 3.67 -19.13 -2.11
N TRP B 222 2.98 -17.98 -2.07
CA TRP B 222 3.49 -16.86 -1.27
C TRP B 222 3.66 -17.27 0.18
N LYS B 223 2.67 -17.97 0.74
CA LYS B 223 2.75 -18.37 2.15
C LYS B 223 3.79 -19.46 2.34
N LYS B 224 3.83 -20.44 1.45
CA LYS B 224 4.78 -21.55 1.60
C LYS B 224 6.23 -21.05 1.55
N SER B 225 6.47 -19.93 0.90
CA SER B 225 7.83 -19.44 0.68
C SER B 225 8.31 -18.51 1.79
N LEU B 226 7.54 -18.36 2.86
CA LEU B 226 7.98 -17.52 3.97
C LEU B 226 9.03 -18.23 4.80
N GLU B 227 9.90 -17.44 5.44
CA GLU B 227 11.02 -17.99 6.19
C GLU B 227 10.58 -18.76 7.42
N VAL B 228 9.35 -18.52 7.90
CA VAL B 228 8.90 -19.16 9.13
C VAL B 228 8.72 -20.66 8.98
N TRP B 229 8.68 -21.18 7.76
CA TRP B 229 8.50 -22.62 7.52
C TRP B 229 9.87 -23.25 7.33
N THR B 230 10.32 -24.00 8.33
CA THR B 230 11.64 -24.62 8.35
C THR B 230 11.50 -26.13 8.10
N LYS B 231 12.53 -26.88 8.48
CA LYS B 231 12.46 -28.35 8.38
C LYS B 231 11.76 -28.95 9.58
N ASP B 232 12.05 -28.45 10.79
CA ASP B 232 11.38 -28.92 11.99
C ASP B 232 10.00 -28.29 12.17
N HIS B 233 9.72 -27.19 11.46
CA HIS B 233 8.44 -26.49 11.54
C HIS B 233 7.88 -26.37 10.12
N PRO B 234 7.46 -27.48 9.53
CA PRO B 234 7.02 -27.46 8.13
C PRO B 234 5.65 -26.83 7.96
N PHE B 235 5.30 -26.57 6.71
CA PHE B 235 3.98 -26.07 6.36
C PHE B 235 2.92 -27.00 6.95
N PRO B 236 1.88 -26.46 7.60
CA PRO B 236 0.88 -27.35 8.22
C PRO B 236 0.33 -28.37 7.23
N ILE B 237 0.50 -29.66 7.54
CA ILE B 237 0.15 -30.69 6.57
C ILE B 237 -1.35 -30.74 6.36
N ASP B 238 -2.15 -30.33 7.36
CA ASP B 238 -3.59 -30.34 7.19
C ASP B 238 -4.03 -29.35 6.11
N ILE B 239 -3.32 -28.25 5.95
CA ILE B 239 -3.67 -27.28 4.91
C ILE B 239 -3.32 -27.83 3.53
N ASP B 240 -2.19 -28.51 3.42
CA ASP B 240 -1.82 -29.13 2.14
C ASP B 240 -2.86 -30.15 1.72
N TYR B 241 -3.27 -31.03 2.64
CA TYR B 241 -4.29 -32.02 2.30
C TYR B 241 -5.61 -31.34 1.97
N MET B 242 -5.95 -30.27 2.67
CA MET B 242 -7.19 -29.55 2.38
C MET B 242 -7.18 -28.96 0.98
N ILE B 243 -6.04 -28.41 0.55
CA ILE B 243 -5.97 -27.81 -0.77
C ILE B 243 -6.04 -28.89 -1.85
N SER B 244 -5.22 -29.94 -1.71
CA SER B 244 -5.20 -30.99 -2.72
C SER B 244 -6.57 -31.67 -2.84
N ASP B 245 -7.30 -31.80 -1.73
CA ASP B 245 -8.61 -32.45 -1.78
C ASP B 245 -9.61 -31.62 -2.56
N THR B 246 -9.66 -30.31 -2.31
CA THR B 246 -10.61 -29.46 -3.01
C THR B 246 -10.28 -29.37 -4.50
N LEU B 247 -8.99 -29.25 -4.84
CA LEU B 247 -8.60 -29.22 -6.24
C LEU B 247 -8.84 -30.57 -6.91
N GLU B 248 -8.66 -31.66 -6.18
CA GLU B 248 -8.93 -32.99 -6.73
C GLU B 248 -10.40 -33.13 -7.14
N LEU B 249 -11.31 -32.54 -6.36
CA LEU B 249 -12.73 -32.63 -6.67
C LEU B 249 -13.08 -31.75 -7.86
N LEU B 250 -12.70 -30.48 -7.81
CA LEU B 250 -13.08 -29.54 -8.86
C LEU B 250 -12.46 -29.94 -10.20
N ARG B 251 -11.13 -29.97 -10.27
CA ARG B 251 -10.40 -30.25 -11.50
C ARG B 251 -9.51 -31.46 -11.25
N PRO B 252 -9.99 -32.69 -11.49
CA PRO B 252 -9.16 -33.87 -11.19
C PRO B 252 -7.87 -33.91 -11.99
N LYS B 253 -7.84 -33.34 -13.19
CA LYS B 253 -6.70 -33.44 -14.08
C LYS B 253 -5.67 -32.33 -13.87
N ILE B 254 -5.91 -31.43 -12.93
CA ILE B 254 -4.99 -30.32 -12.65
C ILE B 254 -4.14 -30.72 -11.44
N LYS B 255 -2.85 -30.43 -11.53
CA LYS B 255 -1.89 -30.73 -10.47
C LYS B 255 -1.35 -29.42 -9.89
N LEU B 256 -1.39 -29.30 -8.57
CA LEU B 256 -0.84 -28.11 -7.92
C LEU B 256 0.62 -27.95 -8.28
N CYS B 257 1.06 -26.69 -8.42
CA CYS B 257 2.44 -26.43 -8.77
C CYS B 257 3.38 -26.97 -7.69
N ASN B 258 4.63 -27.18 -8.08
CA ASN B 258 5.65 -27.67 -7.17
C ASN B 258 6.66 -26.61 -6.78
N SER B 259 6.50 -25.38 -7.26
CA SER B 259 7.44 -24.31 -6.96
C SER B 259 6.71 -22.98 -6.99
N LEU B 260 7.37 -21.95 -6.44
CA LEU B 260 6.84 -20.60 -6.53
C LEU B 260 6.99 -20.05 -7.95
N GLU B 261 8.11 -20.35 -8.61
CA GLU B 261 8.33 -19.82 -9.95
C GLU B 261 7.26 -20.29 -10.93
N GLU B 262 6.84 -21.56 -10.83
CA GLU B 262 5.80 -22.06 -11.71
C GLU B 262 4.48 -21.33 -11.49
N SER B 263 4.19 -20.94 -10.25
CA SER B 263 2.95 -20.21 -9.98
C SER B 263 3.03 -18.78 -10.50
N ILE B 264 4.18 -18.13 -10.34
CA ILE B 264 4.32 -16.77 -10.86
C ILE B 264 4.28 -16.78 -12.38
N ARG B 265 4.75 -17.85 -13.01
CA ARG B 265 4.63 -17.94 -14.46
C ARG B 265 3.17 -18.08 -14.86
N GLN B 266 2.45 -19.00 -14.23
CA GLN B 266 1.08 -19.27 -14.64
C GLN B 266 0.22 -18.00 -14.63
N VAL B 267 0.39 -17.15 -13.61
CA VAL B 267 -0.34 -15.89 -13.61
C VAL B 267 0.18 -14.97 -14.71
N GLN B 268 1.51 -14.90 -14.86
CA GLN B 268 2.09 -14.07 -15.92
C GLN B 268 1.61 -14.52 -17.28
N ASP B 269 1.55 -15.84 -17.52
CA ASP B 269 1.05 -16.33 -18.79
C ASP B 269 -0.44 -16.05 -18.96
N LEU B 270 -1.20 -16.16 -17.86
CA LEU B 270 -2.64 -15.94 -17.95
C LEU B 270 -2.93 -14.49 -18.33
N GLU B 271 -2.38 -13.54 -17.59
CA GLU B 271 -2.66 -12.13 -17.87
C GLU B 271 -2.01 -11.67 -19.16
N ARG B 272 -0.86 -12.25 -19.53
CA ARG B 272 -0.23 -11.92 -20.79
C ARG B 272 -1.16 -12.23 -21.98
N GLU B 273 -1.76 -13.42 -21.97
CA GLU B 273 -2.65 -13.80 -23.06
C GLU B 273 -3.90 -12.91 -23.09
N PHE B 274 -4.33 -12.41 -21.93
CA PHE B 274 -5.45 -11.46 -21.90
C PHE B 274 -5.05 -10.15 -22.55
N LEU B 275 -3.83 -9.68 -22.28
CA LEU B 275 -3.36 -8.44 -22.89
C LEU B 275 -3.17 -8.58 -24.40
N ILE B 276 -2.94 -9.78 -24.90
CA ILE B 276 -2.75 -9.97 -26.33
C ILE B 276 -4.07 -10.15 -27.07
N LYS B 277 -5.10 -10.67 -26.41
CA LYS B 277 -6.42 -10.84 -27.01
C LYS B 277 -7.29 -9.61 -26.83
N LEU B 278 -6.72 -8.41 -26.97
CA LEU B 278 -7.47 -7.17 -26.78
C LEU B 278 -8.06 -7.10 -25.38
N THR C 35 22.09 1.32 44.34
CA THR C 35 21.78 2.65 43.81
C THR C 35 20.46 2.64 43.05
N ALA C 36 20.23 3.68 42.24
CA ALA C 36 19.04 3.78 41.42
C ALA C 36 19.44 4.03 39.97
N LEU C 37 18.56 3.62 39.05
CA LEU C 37 18.84 3.72 37.62
C LEU C 37 19.04 5.17 37.21
N SER C 38 19.98 5.39 36.28
CA SER C 38 20.30 6.74 35.84
C SER C 38 20.55 6.88 34.34
N LYS C 39 20.58 5.80 33.57
CA LYS C 39 20.86 5.86 32.15
C LYS C 39 19.55 5.81 31.37
N VAL C 40 19.34 6.80 30.50
CA VAL C 40 18.11 6.94 29.75
C VAL C 40 18.42 6.81 28.26
N VAL C 41 17.50 6.17 27.53
CA VAL C 41 17.64 5.99 26.09
C VAL C 41 16.50 6.72 25.40
N ILE C 42 16.83 7.41 24.31
CA ILE C 42 15.86 8.10 23.47
C ILE C 42 15.97 7.43 22.10
N ARG C 43 15.02 6.55 21.79
CA ARG C 43 15.14 5.69 20.62
C ARG C 43 13.96 5.90 19.67
N ARG C 44 14.06 5.26 18.50
CA ARG C 44 13.08 5.38 17.42
C ARG C 44 13.02 6.81 16.89
N LEU C 45 14.17 7.47 16.83
CA LEU C 45 14.27 8.80 16.26
C LEU C 45 14.44 8.71 14.75
N PRO C 46 14.15 9.79 14.02
CA PRO C 46 14.33 9.77 12.56
C PRO C 46 15.77 9.45 12.20
N PRO C 47 15.99 8.67 11.14
CA PRO C 47 17.38 8.33 10.79
C PRO C 47 18.19 9.52 10.31
N GLY C 48 17.57 10.47 9.61
CA GLY C 48 18.26 11.65 9.13
C GLY C 48 18.51 12.73 10.16
N LEU C 49 18.33 12.43 11.45
CA LEU C 49 18.52 13.40 12.51
C LEU C 49 19.97 13.35 12.98
N THR C 50 20.57 14.52 13.15
CA THR C 50 21.95 14.64 13.61
C THR C 50 21.97 15.00 15.10
N LYS C 51 23.17 14.94 15.68
CA LYS C 51 23.30 15.23 17.11
C LYS C 51 23.01 16.69 17.41
N GLU C 52 23.45 17.60 16.52
CA GLU C 52 23.17 19.02 16.74
C GLU C 52 21.68 19.29 16.68
N GLN C 53 20.99 18.72 15.68
CA GLN C 53 19.54 18.89 15.59
C GLN C 53 18.85 18.39 16.85
N LEU C 54 19.29 17.24 17.38
CA LEU C 54 18.69 16.71 18.60
C LEU C 54 19.05 17.55 19.81
N GLU C 55 20.30 18.02 19.88
CA GLU C 55 20.73 18.85 21.01
C GLU C 55 19.93 20.15 21.07
N GLU C 56 19.49 20.67 19.93
CA GLU C 56 18.69 21.88 19.91
C GLU C 56 17.26 21.60 20.36
N GLN C 57 16.65 20.53 19.84
CA GLN C 57 15.30 20.17 20.23
C GLN C 57 15.22 19.82 21.72
N LEU C 58 16.31 19.30 22.29
CA LEU C 58 16.33 18.95 23.70
C LEU C 58 16.78 20.09 24.60
N ARG C 59 17.50 21.06 24.06
CA ARG C 59 18.07 22.11 24.90
C ARG C 59 16.97 22.80 25.70
N PRO C 60 17.19 23.08 27.00
CA PRO C 60 18.37 22.77 27.83
C PRO C 60 18.17 21.48 28.62
N LEU C 61 18.92 20.43 28.29
CA LEU C 61 18.79 19.16 28.98
C LEU C 61 19.52 19.20 30.32
N PRO C 62 19.00 18.47 31.33
CA PRO C 62 19.63 18.53 32.66
C PRO C 62 21.09 18.09 32.66
N ALA C 63 21.69 18.08 33.85
CA ALA C 63 23.10 17.75 33.97
C ALA C 63 23.32 16.27 33.65
N HIS C 64 24.42 15.98 32.95
CA HIS C 64 24.66 14.64 32.44
C HIS C 64 26.15 14.44 32.24
N ASP C 65 26.68 13.33 32.74
CA ASP C 65 28.06 12.96 32.47
C ASP C 65 28.22 12.23 31.14
N TYR C 66 27.12 11.80 30.52
CA TYR C 66 27.16 10.97 29.33
C TYR C 66 26.10 11.45 28.36
N PHE C 67 26.49 11.65 27.10
CA PHE C 67 25.52 12.01 26.05
C PHE C 67 26.10 11.59 24.71
N GLU C 68 25.67 10.43 24.21
CA GLU C 68 26.13 9.90 22.94
C GLU C 68 24.95 9.74 21.99
N PHE C 69 25.23 9.87 20.69
CA PHE C 69 24.24 9.74 19.63
C PHE C 69 24.72 8.66 18.67
N PHE C 70 23.78 7.86 18.16
CA PHE C 70 24.10 6.74 17.29
C PHE C 70 23.16 6.73 16.10
N ALA C 71 23.74 6.62 14.90
CA ALA C 71 22.99 6.77 13.67
C ALA C 71 22.32 5.44 13.30
N ALA C 72 21.77 5.36 12.09
CA ALA C 72 21.05 4.18 11.65
C ALA C 72 22.02 3.11 11.15
N ASP C 73 21.50 1.89 11.02
CA ASP C 73 22.33 0.73 10.68
C ASP C 73 22.38 0.47 9.19
N LEU C 74 21.24 0.57 8.50
CA LEU C 74 21.11 0.41 7.05
C LEU C 74 20.94 -1.06 6.64
N SER C 75 21.36 -2.00 7.50
CA SER C 75 21.22 -3.41 7.14
C SER C 75 19.74 -3.80 7.03
N LEU C 76 18.91 -3.28 7.94
CA LEU C 76 17.46 -3.48 7.86
C LEU C 76 16.89 -2.27 7.11
N TYR C 77 17.08 -2.28 5.79
CA TYR C 77 16.87 -1.08 4.99
C TYR C 77 15.53 -0.39 5.22
N PRO C 78 14.42 -1.09 5.41
CA PRO C 78 13.15 -0.38 5.62
C PRO C 78 13.00 0.25 7.00
N HIS C 79 13.85 -0.11 7.97
CA HIS C 79 13.66 0.28 9.37
C HIS C 79 14.94 0.94 9.89
N LEU C 80 15.11 2.23 9.59
CA LEU C 80 16.21 3.02 10.09
C LEU C 80 15.72 3.89 11.24
N TYR C 81 16.42 3.82 12.37
CA TYR C 81 16.10 4.65 13.52
C TYR C 81 17.38 4.99 14.24
N SER C 82 17.60 6.28 14.49
CA SER C 82 18.71 6.71 15.33
C SER C 82 18.26 6.81 16.78
N ARG C 83 19.22 6.87 17.69
CA ARG C 83 18.92 6.91 19.11
C ARG C 83 20.05 7.65 19.83
N ALA C 84 19.79 7.98 21.10
CA ALA C 84 20.77 8.65 21.95
C ALA C 84 20.69 8.07 23.35
N TYR C 85 21.76 8.24 24.10
CA TYR C 85 21.83 7.80 25.48
C TYR C 85 22.31 8.95 26.36
N ILE C 86 21.70 9.09 27.53
CA ILE C 86 22.03 10.14 28.49
C ILE C 86 22.03 9.54 29.88
N ASN C 87 23.08 9.83 30.65
CA ASN C 87 23.21 9.38 32.03
C ASN C 87 23.10 10.60 32.94
N PHE C 88 22.01 10.64 33.71
CA PHE C 88 21.71 11.82 34.52
C PHE C 88 22.50 11.79 35.83
N ARG C 89 22.88 12.99 36.28
CA ARG C 89 23.58 13.11 37.55
C ARG C 89 22.63 12.94 38.72
N ASN C 90 21.43 13.53 38.64
CA ASN C 90 20.42 13.34 39.66
C ASN C 90 19.42 12.31 39.18
N PRO C 91 19.33 11.13 39.83
CA PRO C 91 18.36 10.12 39.37
C PRO C 91 16.90 10.46 39.68
N ASP C 92 16.54 11.73 39.58
CA ASP C 92 15.14 12.15 39.76
C ASP C 92 14.68 13.16 38.71
N ASP C 93 15.58 13.84 38.01
CA ASP C 93 15.18 14.71 36.92
C ASP C 93 14.67 13.93 35.71
N ILE C 94 14.73 12.59 35.75
CA ILE C 94 14.23 11.80 34.64
C ILE C 94 12.72 11.90 34.54
N LEU C 95 12.03 12.00 35.69
CA LEU C 95 10.57 12.12 35.69
C LEU C 95 10.13 13.31 34.84
N LEU C 96 10.77 14.46 35.02
CA LEU C 96 10.43 15.63 34.21
C LEU C 96 10.84 15.42 32.76
N PHE C 97 12.07 14.96 32.53
CA PHE C 97 12.55 14.76 31.16
C PHE C 97 11.69 13.74 30.42
N ARG C 98 11.46 12.58 31.02
CA ARG C 98 10.62 11.58 30.39
C ARG C 98 9.25 12.15 30.05
N ASP C 99 8.67 12.94 30.96
CA ASP C 99 7.35 13.50 30.73
C ASP C 99 7.35 14.52 29.59
N ARG C 100 8.49 15.11 29.28
CA ARG C 100 8.56 16.12 28.24
C ARG C 100 8.79 15.55 26.85
N PHE C 101 9.44 14.39 26.75
CA PHE C 101 9.85 13.86 25.46
C PHE C 101 9.37 12.45 25.16
N ASP C 102 8.88 11.71 26.14
CA ASP C 102 8.34 10.37 25.87
C ASP C 102 7.08 10.53 25.04
N GLY C 103 7.20 10.31 23.74
CA GLY C 103 6.13 10.55 22.80
C GLY C 103 6.35 11.73 21.89
N TYR C 104 7.38 12.54 22.15
CA TYR C 104 7.63 13.71 21.32
C TYR C 104 7.80 13.30 19.87
N ILE C 105 7.11 14.01 18.98
CA ILE C 105 7.11 13.69 17.56
C ILE C 105 8.22 14.47 16.88
N PHE C 106 9.12 13.74 16.21
CA PHE C 106 10.12 14.33 15.34
C PHE C 106 9.68 14.20 13.89
N LEU C 107 10.20 15.09 13.05
CA LEU C 107 9.83 15.15 11.64
C LEU C 107 11.08 15.17 10.78
N ASP C 108 11.05 14.40 9.69
CA ASP C 108 12.14 14.32 8.75
C ASP C 108 11.89 15.28 7.58
N SER C 109 12.67 15.13 6.51
CA SER C 109 12.48 15.99 5.34
C SER C 109 11.12 15.76 4.71
N LYS C 110 10.77 14.50 4.46
CA LYS C 110 9.47 14.20 3.87
C LYS C 110 8.31 14.59 4.79
N GLY C 111 8.56 14.75 6.07
CA GLY C 111 7.53 15.14 7.02
C GLY C 111 6.86 14.01 7.77
N LEU C 112 7.37 12.78 7.66
CA LEU C 112 6.79 11.67 8.38
C LEU C 112 7.07 11.79 9.87
N GLU C 113 6.09 11.38 10.68
CA GLU C 113 6.18 11.54 12.12
C GLU C 113 6.93 10.38 12.75
N TYR C 114 7.77 10.71 13.74
CA TYR C 114 8.58 9.73 14.47
C TYR C 114 8.35 9.94 15.95
N PRO C 115 7.31 9.33 16.53
CA PRO C 115 7.10 9.44 17.98
C PRO C 115 8.25 8.78 18.73
N ALA C 116 8.98 9.57 19.51
CA ALA C 116 10.15 9.07 20.21
C ALA C 116 9.73 8.20 21.39
N VAL C 117 10.66 7.33 21.80
CA VAL C 117 10.49 6.47 22.97
C VAL C 117 11.57 6.84 23.96
N VAL C 118 11.17 7.25 25.17
CA VAL C 118 12.09 7.66 26.21
C VAL C 118 11.85 6.75 27.41
N GLU C 119 12.78 5.82 27.65
CA GLU C 119 12.67 4.87 28.74
C GLU C 119 14.06 4.60 29.29
N PHE C 120 14.12 3.83 30.38
CA PHE C 120 15.40 3.45 30.95
C PHE C 120 16.14 2.52 30.00
N ALA C 121 17.40 2.83 29.73
CA ALA C 121 18.19 1.99 28.85
C ALA C 121 18.32 0.60 29.46
N PRO C 122 18.16 -0.48 28.66
CA PRO C 122 18.22 -1.83 29.23
C PRO C 122 19.61 -2.24 29.69
N PHE C 123 20.64 -1.43 29.45
CA PHE C 123 22.00 -1.70 29.90
C PHE C 123 22.52 -0.43 30.57
N GLN C 124 22.68 -0.46 31.89
CA GLN C 124 22.87 0.75 32.69
C GLN C 124 24.34 1.16 32.84
N LYS C 125 25.28 0.45 32.22
CA LYS C 125 26.68 0.79 32.37
C LYS C 125 27.09 1.81 31.32
N ILE C 126 28.09 2.63 31.67
CA ILE C 126 28.57 3.69 30.79
C ILE C 126 30.10 3.68 30.82
N ALA C 127 30.69 4.34 29.82
CA ALA C 127 32.13 4.43 29.73
C ALA C 127 32.67 5.31 30.86
N LYS C 128 33.57 4.76 31.66
CA LYS C 128 34.16 5.47 32.79
C LYS C 128 35.56 5.94 32.41
N LYS C 129 35.86 7.20 32.74
CA LYS C 129 37.18 7.73 32.47
C LYS C 129 38.24 6.98 33.29
N LYS C 130 39.28 6.52 32.61
CA LYS C 130 40.34 5.75 33.28
C LYS C 130 41.62 5.78 32.46
N ARG C 132 42.74 2.63 32.25
CA ARG C 132 44.16 2.27 32.26
C ARG C 132 44.93 3.08 31.23
N LYS C 133 46.19 2.71 31.02
CA LYS C 133 47.02 3.41 30.04
C LYS C 133 46.57 3.06 28.63
N LYS C 134 46.80 4.00 27.72
CA LYS C 134 46.41 3.80 26.32
C LYS C 134 47.13 2.58 25.75
N ASP C 135 46.55 2.03 24.68
CA ASP C 135 47.15 0.89 23.99
C ASP C 135 48.21 1.39 23.02
N ALA C 136 49.33 0.66 22.95
CA ALA C 136 50.47 1.11 22.17
C ALA C 136 50.32 0.84 20.68
N LYS C 137 49.45 -0.09 20.29
CA LYS C 137 49.31 -0.48 18.90
C LYS C 137 48.20 0.26 18.17
N THR C 138 47.44 1.11 18.87
CA THR C 138 46.33 1.81 18.27
C THR C 138 46.79 2.59 17.04
N GLY C 139 46.25 2.24 15.88
CA GLY C 139 46.54 2.97 14.66
C GLY C 139 47.80 2.54 13.94
N SER C 140 48.24 1.31 14.12
CA SER C 140 49.47 0.81 13.50
C SER C 140 49.19 -0.37 12.56
N ILE C 141 47.95 -0.51 12.09
CA ILE C 141 47.62 -1.64 11.22
C ILE C 141 48.26 -1.47 9.85
N GLU C 142 48.38 -0.23 9.37
CA GLU C 142 48.99 0.00 8.06
C GLU C 142 50.42 -0.51 8.01
N ASP C 143 51.12 -0.49 9.14
CA ASP C 143 52.49 -1.01 9.22
C ASP C 143 52.49 -2.43 9.77
N ASP C 144 51.74 -3.30 9.08
CA ASP C 144 51.61 -4.70 9.47
C ASP C 144 51.78 -5.58 8.24
N PRO C 145 52.49 -6.71 8.35
CA PRO C 145 52.68 -7.57 7.18
C PRO C 145 51.40 -8.26 6.73
N GLU C 146 50.67 -8.87 7.68
CA GLU C 146 49.43 -9.54 7.34
C GLU C 146 48.48 -8.59 6.63
N TYR C 147 48.33 -7.38 7.15
CA TYR C 147 47.50 -6.37 6.50
C TYR C 147 48.05 -6.05 5.11
N LYS C 148 49.33 -5.65 5.04
CA LYS C 148 49.95 -5.33 3.77
C LYS C 148 49.71 -6.44 2.75
N LYS C 149 49.97 -7.69 3.12
CA LYS C 149 49.69 -8.82 2.24
C LYS C 149 48.23 -8.82 1.81
N PHE C 150 47.32 -8.53 2.74
CA PHE C 150 45.90 -8.46 2.40
C PHE C 150 45.64 -7.37 1.36
N LEU C 151 46.32 -6.22 1.49
CA LEU C 151 46.13 -5.16 0.50
C LEU C 151 46.61 -5.61 -0.88
N GLU C 152 47.71 -6.36 -0.93
CA GLU C 152 48.16 -6.91 -2.21
C GLU C 152 47.08 -7.78 -2.83
N THR C 153 46.46 -8.65 -2.03
CA THR C 153 45.42 -9.54 -2.57
C THR C 153 44.12 -8.80 -2.82
N TYR C 154 43.81 -7.78 -2.02
CA TYR C 154 42.60 -7.00 -2.23
C TYR C 154 42.76 -5.97 -3.34
N CYS C 155 43.99 -5.54 -3.62
CA CYS C 155 44.23 -4.67 -4.76
C CYS C 155 43.71 -5.30 -6.04
N VAL C 156 43.81 -6.61 -6.16
CA VAL C 156 43.25 -7.35 -7.29
C VAL C 156 41.89 -7.87 -6.84
N GLU C 157 40.82 -7.31 -7.43
CA GLU C 157 39.46 -7.65 -7.06
C GLU C 157 38.60 -7.56 -8.32
N GLU C 158 37.28 -7.57 -8.12
CA GLU C 158 36.34 -7.50 -9.23
C GLU C 158 36.58 -8.66 -10.21
N LYS D 34 35.15 -1.82 -4.23
CA LYS D 34 33.82 -1.28 -3.94
C LYS D 34 33.74 -0.86 -2.47
N ARG D 35 34.46 -1.58 -1.61
CA ARG D 35 34.50 -1.29 -0.18
C ARG D 35 35.89 -0.79 0.22
N PRO D 36 35.97 0.11 1.19
CA PRO D 36 37.28 0.53 1.73
C PRO D 36 38.07 -0.67 2.22
N PRO D 37 39.39 -0.71 1.97
CA PRO D 37 40.16 -1.89 2.40
C PRO D 37 40.09 -2.14 3.90
N LEU D 38 40.10 -1.08 4.71
CA LEU D 38 39.96 -1.23 6.15
C LEU D 38 38.69 -1.99 6.51
N GLN D 39 37.57 -1.62 5.90
CA GLN D 39 36.28 -2.22 6.26
C GLN D 39 36.22 -3.69 5.87
N GLU D 40 36.64 -4.01 4.64
CA GLU D 40 36.62 -5.41 4.21
C GLU D 40 37.55 -6.26 5.06
N TYR D 41 38.68 -5.70 5.49
CA TYR D 41 39.60 -6.44 6.36
C TYR D 41 38.93 -6.76 7.70
N VAL D 42 38.23 -5.79 8.28
CA VAL D 42 37.49 -6.05 9.51
C VAL D 42 36.45 -7.13 9.28
N ARG D 43 35.82 -7.14 8.10
CA ARG D 43 34.82 -8.15 7.82
C ARG D 43 35.45 -9.54 7.64
N LYS D 44 36.67 -9.61 7.09
CA LYS D 44 37.34 -10.90 7.01
C LYS D 44 37.78 -11.38 8.39
N LEU D 45 38.16 -10.44 9.26
CA LEU D 45 38.60 -10.81 10.61
C LEU D 45 37.46 -11.46 11.40
N LEU D 46 36.29 -10.82 11.38
CA LEU D 46 35.19 -11.24 12.25
C LEU D 46 34.36 -12.36 11.64
N TYR D 47 34.18 -12.35 10.32
CA TYR D 47 33.26 -13.29 9.68
C TYR D 47 33.98 -14.49 9.04
N LYS D 48 35.30 -14.45 8.88
CA LYS D 48 36.00 -15.51 8.18
C LYS D 48 37.17 -16.04 8.99
N ASP D 49 38.02 -15.14 9.49
CA ASP D 49 39.24 -15.58 10.16
C ASP D 49 39.02 -15.97 11.62
N LEU D 50 37.89 -15.61 12.21
CA LEU D 50 37.66 -15.86 13.64
C LEU D 50 37.24 -17.32 13.82
N SER D 51 38.24 -18.18 13.91
CA SER D 51 38.02 -19.58 14.21
C SER D 51 37.93 -19.74 15.74
N LYS D 52 38.00 -20.99 16.22
CA LYS D 52 37.98 -21.23 17.66
C LYS D 52 39.35 -21.02 18.29
N VAL D 53 40.43 -21.19 17.52
CA VAL D 53 41.78 -21.04 18.03
C VAL D 53 42.49 -19.80 17.49
N THR D 54 41.91 -19.11 16.52
CA THR D 54 42.48 -17.88 15.99
C THR D 54 42.01 -16.64 16.75
N THR D 55 41.29 -16.82 17.86
CA THR D 55 40.75 -15.68 18.59
C THR D 55 41.85 -14.71 18.99
N GLU D 56 42.91 -15.22 19.63
CA GLU D 56 44.00 -14.34 20.06
C GLU D 56 44.66 -13.67 18.87
N LYS D 57 44.98 -14.45 17.83
CA LYS D 57 45.59 -13.89 16.64
C LYS D 57 44.76 -12.73 16.09
N VAL D 58 43.43 -12.87 16.11
CA VAL D 58 42.57 -11.83 15.57
C VAL D 58 42.49 -10.64 16.53
N LEU D 59 42.46 -10.91 17.84
CA LEU D 59 42.41 -9.81 18.80
C LEU D 59 43.61 -8.89 18.64
N ARG D 60 44.82 -9.47 18.53
CA ARG D 60 46.00 -8.64 18.34
C ARG D 60 45.95 -7.89 17.02
N GLN D 61 45.33 -8.49 16.00
CA GLN D 61 45.10 -7.77 14.74
C GLN D 61 44.12 -6.63 14.91
N MET D 62 43.20 -6.75 15.87
CA MET D 62 42.19 -5.71 16.06
C MET D 62 42.70 -4.56 16.92
N ARG D 63 43.60 -4.84 17.87
CA ARG D 63 44.16 -3.77 18.68
C ARG D 63 44.87 -2.73 17.82
N LYS D 64 45.39 -3.15 16.65
CA LYS D 64 46.13 -2.25 15.78
C LYS D 64 45.22 -1.30 15.00
N LEU D 65 43.90 -1.45 15.11
CA LEU D 65 42.99 -0.61 14.34
C LEU D 65 43.09 0.84 14.82
N PRO D 66 42.89 1.80 13.92
CA PRO D 66 42.91 3.21 14.33
C PRO D 66 41.67 3.60 15.12
N TRP D 67 41.68 3.29 16.42
CA TRP D 67 40.51 3.52 17.25
C TRP D 67 40.25 5.00 17.51
N GLN D 68 41.24 5.86 17.30
CA GLN D 68 41.00 7.29 17.49
C GLN D 68 40.15 7.87 16.38
N ASP D 69 40.03 7.17 15.25
CA ASP D 69 39.18 7.60 14.16
C ASP D 69 37.74 7.21 14.46
N GLN D 70 36.85 8.21 14.56
CA GLN D 70 35.47 7.94 14.95
C GLN D 70 34.74 7.10 13.92
N GLU D 71 35.13 7.20 12.64
CA GLU D 71 34.40 6.51 11.60
C GLU D 71 34.62 5.00 11.65
N VAL D 72 35.88 4.57 11.70
CA VAL D 72 36.17 3.14 11.66
C VAL D 72 35.71 2.45 12.93
N LYS D 73 35.89 3.11 14.07
CA LYS D 73 35.39 2.56 15.33
C LYS D 73 33.89 2.28 15.24
N ASP D 74 33.12 3.30 14.87
CA ASP D 74 31.67 3.10 14.70
C ASP D 74 31.39 1.93 13.77
N TYR D 75 32.17 1.79 12.69
CA TYR D 75 31.93 0.70 11.75
C TYR D 75 32.23 -0.66 12.36
N VAL D 76 33.34 -0.75 13.10
CA VAL D 76 33.70 -2.04 13.72
C VAL D 76 32.59 -2.47 14.68
N ILE D 77 32.02 -1.53 15.44
CA ILE D 77 30.95 -1.88 16.36
C ILE D 77 29.73 -2.39 15.59
N CYS D 78 29.42 -1.75 14.47
CA CYS D 78 28.31 -2.23 13.64
C CYS D 78 28.55 -3.67 13.19
N CYS D 79 29.77 -3.98 12.78
CA CYS D 79 30.06 -5.35 12.32
C CYS D 79 29.80 -6.37 13.43
N MET D 80 30.12 -6.02 14.67
CA MET D 80 29.95 -6.96 15.77
C MET D 80 28.49 -7.11 16.16
N ILE D 81 27.69 -6.04 16.01
CA ILE D 81 26.27 -6.14 16.31
C ILE D 81 25.56 -6.94 15.22
N ASN D 82 25.95 -6.75 13.96
CA ASN D 82 25.41 -7.55 12.87
C ASN D 82 25.99 -8.95 12.94
N ILE D 83 25.70 -9.66 14.03
CA ILE D 83 26.32 -10.96 14.27
C ILE D 83 25.77 -12.07 13.39
N TRP D 84 24.66 -11.83 12.69
CA TRP D 84 24.11 -12.85 11.81
C TRP D 84 25.08 -13.24 10.70
N ASN D 85 26.10 -12.41 10.43
CA ASN D 85 27.11 -12.75 9.45
C ASN D 85 28.09 -13.81 9.96
N VAL D 86 28.07 -14.12 11.26
CA VAL D 86 28.94 -15.13 11.83
C VAL D 86 28.18 -16.45 11.93
N LYS D 87 28.91 -17.54 11.74
CA LYS D 87 28.30 -18.86 11.85
C LYS D 87 27.81 -19.08 13.28
N TYR D 88 26.62 -19.68 13.40
CA TYR D 88 25.96 -19.78 14.70
C TYR D 88 26.90 -20.31 15.77
N ASN D 89 27.59 -21.42 15.47
CA ASN D 89 28.47 -22.04 16.46
C ASN D 89 29.78 -21.29 16.65
N SER D 90 30.02 -20.21 15.91
CA SER D 90 31.17 -19.35 16.11
C SER D 90 30.80 -18.03 16.76
N ILE D 91 29.60 -17.93 17.34
CA ILE D 91 29.18 -16.67 17.95
C ILE D 91 29.88 -16.46 19.28
N HIS D 92 30.08 -17.52 20.06
CA HIS D 92 30.81 -17.38 21.32
C HIS D 92 32.20 -16.81 21.09
N CYS D 93 32.76 -16.97 19.88
CA CYS D 93 34.11 -16.46 19.61
C CYS D 93 34.17 -14.95 19.72
N VAL D 94 33.17 -14.25 19.16
CA VAL D 94 33.23 -12.79 19.19
C VAL D 94 33.03 -12.27 20.61
N ALA D 95 32.16 -12.93 21.39
CA ALA D 95 32.01 -12.55 22.80
C ALA D 95 33.33 -12.70 23.54
N ASN D 96 33.98 -13.85 23.39
CA ASN D 96 35.32 -14.02 23.94
C ASN D 96 36.26 -12.92 23.47
N LEU D 97 36.19 -12.57 22.19
CA LEU D 97 37.04 -11.50 21.66
C LEU D 97 36.80 -10.19 22.38
N LEU D 98 35.52 -9.81 22.53
CA LEU D 98 35.20 -8.53 23.14
C LEU D 98 35.63 -8.50 24.60
N ALA D 99 35.49 -9.63 25.31
CA ALA D 99 35.88 -9.67 26.71
C ALA D 99 37.34 -9.30 26.90
N GLY D 100 38.19 -9.65 25.94
CA GLY D 100 39.59 -9.29 26.02
C GLY D 100 39.86 -7.94 25.41
N LEU D 101 39.07 -7.56 24.40
CA LEU D 101 39.26 -6.27 23.74
C LEU D 101 38.95 -5.09 24.65
N VAL D 102 38.13 -5.30 25.69
CA VAL D 102 37.77 -4.19 26.58
C VAL D 102 38.89 -3.87 27.55
N LEU D 103 39.85 -4.77 27.75
CA LEU D 103 40.99 -4.46 28.60
C LEU D 103 41.82 -3.32 28.03
N TYR D 104 41.66 -3.02 26.73
CA TYR D 104 42.39 -1.95 26.08
C TYR D 104 41.49 -0.89 25.47
N GLN D 105 40.23 -1.23 25.14
CA GLN D 105 39.24 -0.29 24.62
C GLN D 105 38.01 -0.44 25.52
N GLU D 106 37.97 0.30 26.62
CA GLU D 106 36.92 0.10 27.61
C GLU D 106 35.54 0.47 27.06
N ASP D 107 35.47 1.42 26.15
CA ASP D 107 34.17 1.93 25.73
C ASP D 107 33.47 1.04 24.70
N VAL D 108 34.23 0.26 23.93
CA VAL D 108 33.60 -0.53 22.88
C VAL D 108 32.70 -1.61 23.49
N GLY D 109 33.03 -2.10 24.69
CA GLY D 109 32.18 -3.08 25.33
C GLY D 109 30.76 -2.58 25.54
N ILE D 110 30.63 -1.33 25.98
CA ILE D 110 29.32 -0.76 26.23
C ILE D 110 28.54 -0.61 24.92
N HIS D 111 29.22 -0.14 23.87
CA HIS D 111 28.52 0.20 22.63
C HIS D 111 27.93 -1.03 21.95
N VAL D 112 28.65 -2.15 22.00
CA VAL D 112 28.16 -3.36 21.34
C VAL D 112 26.91 -3.89 22.04
N VAL D 113 26.94 -3.94 23.37
CA VAL D 113 25.80 -4.48 24.11
C VAL D 113 24.57 -3.61 23.90
N ASP D 114 24.75 -2.29 23.92
CA ASP D 114 23.62 -1.39 23.70
C ASP D 114 22.99 -1.64 22.33
N GLY D 115 23.81 -1.91 21.32
CA GLY D 115 23.26 -2.15 20.00
C GLY D 115 22.58 -3.50 19.88
N VAL D 116 23.11 -4.52 20.55
CA VAL D 116 22.49 -5.83 20.53
C VAL D 116 21.12 -5.78 21.20
N LEU D 117 21.04 -5.11 22.36
CA LEU D 117 19.75 -4.99 23.04
C LEU D 117 18.79 -4.09 22.26
N GLU D 118 19.32 -3.11 21.54
CA GLU D 118 18.48 -2.30 20.67
C GLU D 118 17.90 -3.16 19.54
N ASP D 119 18.75 -3.99 18.91
CA ASP D 119 18.30 -4.79 17.78
C ASP D 119 17.29 -5.85 18.20
N ILE D 120 17.46 -6.41 19.41
CA ILE D 120 16.48 -7.37 19.91
C ILE D 120 15.11 -6.71 20.02
N ARG D 121 15.07 -5.50 20.59
CA ARG D 121 13.79 -4.81 20.74
C ARG D 121 13.21 -4.41 19.39
N LEU D 122 14.04 -3.86 18.50
CA LEU D 122 13.55 -3.47 17.19
C LEU D 122 13.02 -4.68 16.42
N GLY D 123 13.66 -5.84 16.58
CA GLY D 123 13.16 -7.03 15.94
C GLY D 123 11.74 -7.35 16.35
N MET D 124 11.45 -7.25 17.66
CA MET D 124 10.10 -7.49 18.14
C MET D 124 9.12 -6.44 17.61
N GLU D 125 9.57 -5.19 17.47
CA GLU D 125 8.69 -4.13 16.97
C GLU D 125 8.44 -4.29 15.49
N VAL D 126 9.46 -4.66 14.72
CA VAL D 126 9.31 -4.87 13.29
C VAL D 126 8.66 -6.21 13.00
N ASN D 127 9.21 -7.28 13.58
CA ASN D 127 8.65 -8.63 13.50
C ASN D 127 8.27 -9.00 12.07
N GLN D 128 9.31 -9.21 11.27
CA GLN D 128 9.15 -9.72 9.91
C GLN D 128 9.91 -11.04 9.76
N PRO D 129 9.36 -12.01 9.02
CA PRO D 129 10.01 -13.33 8.97
C PRO D 129 11.44 -13.29 8.46
N LYS D 130 11.75 -12.37 7.53
CA LYS D 130 13.08 -12.34 6.94
C LYS D 130 14.17 -11.97 7.94
N PHE D 131 13.81 -11.55 9.15
CA PHE D 131 14.78 -11.22 10.18
C PHE D 131 14.86 -12.28 11.27
N ASN D 132 14.26 -13.46 11.06
CA ASN D 132 14.20 -14.46 12.13
C ASN D 132 15.58 -15.02 12.46
N GLN D 133 16.32 -15.47 11.45
CA GLN D 133 17.69 -15.92 11.69
C GLN D 133 18.53 -14.75 12.22
N ARG D 134 18.26 -13.54 11.73
CA ARG D 134 18.97 -12.37 12.24
C ARG D 134 18.71 -12.15 13.71
N ARG D 135 17.49 -12.44 14.17
CA ARG D 135 17.13 -12.21 15.56
C ARG D 135 17.52 -13.38 16.45
N ILE D 136 17.49 -14.61 15.92
CA ILE D 136 17.97 -15.76 16.68
C ILE D 136 19.45 -15.59 17.01
N SER D 137 20.25 -15.15 16.04
CA SER D 137 21.67 -14.94 16.29
C SER D 137 21.90 -13.85 17.34
N SER D 138 21.06 -12.81 17.32
CA SER D 138 21.21 -11.74 18.31
C SER D 138 20.93 -12.26 19.72
N ALA D 139 19.86 -13.05 19.88
CA ALA D 139 19.55 -13.61 21.19
C ALA D 139 20.68 -14.51 21.67
N LYS D 140 21.25 -15.32 20.77
CA LYS D 140 22.39 -16.14 21.11
C LYS D 140 23.55 -15.28 21.63
N PHE D 141 23.86 -14.20 20.91
CA PHE D 141 24.97 -13.33 21.28
C PHE D 141 24.82 -12.82 22.70
N LEU D 142 23.65 -12.27 23.02
CA LEU D 142 23.41 -11.76 24.37
C LEU D 142 23.66 -12.84 25.41
N GLY D 143 23.28 -14.08 25.10
CA GLY D 143 23.54 -15.17 26.03
C GLY D 143 25.03 -15.43 26.21
N GLU D 144 25.79 -15.43 25.11
CA GLU D 144 27.23 -15.63 25.22
C GLU D 144 27.90 -14.46 25.92
N LEU D 145 27.41 -13.24 25.70
CA LEU D 145 28.02 -12.09 26.37
C LEU D 145 27.91 -12.19 27.88
N TYR D 146 26.89 -12.90 28.38
CA TYR D 146 26.82 -13.14 29.83
C TYR D 146 27.88 -14.15 30.27
N ASN D 147 28.12 -15.18 29.45
CA ASN D 147 29.09 -16.20 29.83
C ASN D 147 30.49 -15.62 30.00
N TYR D 148 30.83 -14.57 29.24
CA TYR D 148 32.12 -13.92 29.34
C TYR D 148 32.08 -12.63 30.14
N ARG D 149 31.10 -12.51 31.04
CA ARG D 149 31.03 -11.40 31.99
C ARG D 149 31.10 -10.06 31.29
N MET D 150 30.28 -9.90 30.24
CA MET D 150 30.09 -8.61 29.60
C MET D 150 28.80 -7.94 30.05
N VAL D 151 27.83 -8.71 30.57
CA VAL D 151 26.63 -8.16 31.20
C VAL D 151 26.35 -9.00 32.43
N GLU D 152 25.57 -8.43 33.35
CA GLU D 152 25.17 -9.15 34.55
C GLU D 152 23.83 -9.85 34.31
N SER D 153 23.48 -10.73 35.24
CA SER D 153 22.28 -11.55 35.08
C SER D 153 21.03 -10.70 34.95
N ALA D 154 21.02 -9.49 35.52
CA ALA D 154 19.84 -8.64 35.44
C ALA D 154 19.51 -8.29 34.00
N VAL D 155 20.53 -8.10 33.16
CA VAL D 155 20.29 -7.80 31.75
C VAL D 155 19.60 -8.98 31.06
N ILE D 156 20.06 -10.19 31.34
CA ILE D 156 19.50 -11.36 30.67
C ILE D 156 18.04 -11.56 31.07
N PHE D 157 17.74 -11.43 32.36
CA PHE D 157 16.37 -11.62 32.82
C PHE D 157 15.46 -10.49 32.33
N ARG D 158 15.97 -9.26 32.34
CA ARG D 158 15.17 -8.14 31.83
C ARG D 158 14.77 -8.38 30.38
N THR D 159 15.66 -8.99 29.59
CA THR D 159 15.34 -9.30 28.20
C THR D 159 14.38 -10.48 28.08
N LEU D 160 14.61 -11.53 28.86
CA LEU D 160 13.71 -12.69 28.81
C LEU D 160 12.27 -12.28 29.08
N TYR D 161 12.05 -11.45 30.10
CA TYR D 161 10.70 -10.97 30.37
C TYR D 161 10.15 -10.15 29.21
N SER D 162 11.02 -9.38 28.53
CA SER D 162 10.56 -8.61 27.38
C SER D 162 9.99 -9.51 26.29
N PHE D 163 10.56 -10.71 26.13
CA PHE D 163 10.04 -11.63 25.11
C PHE D 163 8.63 -12.08 25.43
N THR D 164 8.29 -12.18 26.72
CA THR D 164 6.99 -12.70 27.14
C THR D 164 6.00 -11.61 27.53
N SER D 165 6.40 -10.36 27.51
CA SER D 165 5.52 -9.27 27.94
C SER D 165 5.42 -8.15 26.93
N PHE D 166 6.49 -7.84 26.21
CA PHE D 166 6.47 -6.74 25.26
C PHE D 166 5.47 -7.03 24.15
N GLY D 167 4.55 -6.09 23.93
CA GLY D 167 3.53 -6.27 22.93
C GLY D 167 2.49 -7.32 23.26
N VAL D 168 2.50 -7.87 24.47
CA VAL D 168 1.59 -8.93 24.88
C VAL D 168 0.49 -8.31 25.72
N ASN D 169 -0.75 -8.69 25.44
CA ASN D 169 -1.87 -8.20 26.23
C ASN D 169 -1.93 -8.93 27.57
N PRO D 170 -2.27 -8.23 28.66
CA PRO D 170 -2.31 -8.91 29.98
C PRO D 170 -3.39 -9.98 30.07
N ASP D 171 -4.42 -9.95 29.23
CA ASP D 171 -5.46 -10.96 29.29
C ASP D 171 -5.11 -12.21 28.49
N GLY D 172 -3.96 -12.24 27.81
CA GLY D 172 -3.60 -13.36 26.97
C GLY D 172 -4.10 -13.29 25.54
N SER D 173 -5.00 -12.35 25.23
CA SER D 173 -5.53 -12.25 23.89
C SER D 173 -4.42 -11.86 22.91
N PRO D 174 -4.56 -12.23 21.63
CA PRO D 174 -3.54 -11.87 20.64
C PRO D 174 -3.53 -10.37 20.37
N SER D 175 -2.42 -9.92 19.77
CA SER D 175 -2.21 -8.51 19.50
C SER D 175 -1.40 -8.36 18.22
N SER D 176 -1.07 -7.11 17.89
CA SER D 176 -0.40 -6.83 16.62
C SER D 176 1.04 -7.33 16.64
N LEU D 177 1.75 -7.13 17.75
CA LEU D 177 3.14 -7.56 17.84
C LEU D 177 3.28 -9.04 18.19
N ASP D 178 2.18 -9.70 18.55
CA ASP D 178 2.19 -11.12 18.90
C ASP D 178 0.93 -11.76 18.34
N PRO D 179 0.85 -11.93 17.02
CA PRO D 179 -0.33 -12.57 16.44
C PRO D 179 -0.48 -13.99 16.94
N PRO D 180 -1.65 -14.61 16.71
CA PRO D 180 -1.95 -15.89 17.37
C PRO D 180 -0.95 -16.99 17.08
N GLU D 181 -0.77 -17.34 15.81
CA GLU D 181 0.12 -18.43 15.42
C GLU D 181 1.59 -18.03 15.45
N HIS D 182 1.90 -16.82 15.94
CA HIS D 182 3.29 -16.38 16.05
C HIS D 182 3.90 -16.95 17.32
N LEU D 183 4.91 -17.81 17.16
CA LEU D 183 5.58 -18.47 18.27
C LEU D 183 7.07 -18.16 18.31
N PHE D 184 7.50 -17.09 17.64
CA PHE D 184 8.93 -16.78 17.59
C PHE D 184 9.45 -16.37 18.96
N ARG D 185 8.59 -15.82 19.82
CA ARG D 185 9.02 -15.47 21.17
C ARG D 185 9.49 -16.70 21.93
N ILE D 186 8.83 -17.84 21.71
CA ILE D 186 9.24 -19.08 22.36
C ILE D 186 10.66 -19.45 21.96
N ARG D 187 10.95 -19.39 20.65
N ARG D 187 10.95 -19.38 20.65
CA ARG D 187 12.26 -19.78 20.17
CA ARG D 187 12.26 -19.76 20.17
C ARG D 187 13.34 -18.81 20.66
C ARG D 187 13.34 -18.82 20.69
N LEU D 188 13.01 -17.54 20.83
CA LEU D 188 13.98 -16.58 21.37
C LEU D 188 14.25 -16.85 22.84
N VAL D 189 13.20 -17.16 23.61
CA VAL D 189 13.39 -17.47 25.02
C VAL D 189 14.21 -18.75 25.19
N CYS D 190 13.98 -19.73 24.32
CA CYS D 190 14.72 -20.99 24.42
C CYS D 190 16.13 -20.86 23.87
N THR D 191 16.36 -19.93 22.95
CA THR D 191 17.71 -19.70 22.46
C THR D 191 18.62 -19.17 23.56
N ILE D 192 18.10 -18.25 24.39
CA ILE D 192 18.91 -17.68 25.47
C ILE D 192 19.07 -18.68 26.60
N LEU D 193 18.00 -19.39 26.95
CA LEU D 193 18.09 -20.34 28.06
C LEU D 193 19.06 -21.47 27.77
N ASP D 194 19.15 -21.89 26.50
CA ASP D 194 20.10 -22.93 26.14
C ASP D 194 21.54 -22.42 26.11
N THR D 195 21.72 -21.11 26.02
CA THR D 195 23.05 -20.53 25.88
C THR D 195 23.68 -20.18 27.22
N CYS D 196 22.89 -19.77 28.20
CA CYS D 196 23.43 -19.36 29.49
C CYS D 196 22.55 -19.72 30.67
N GLY D 197 21.38 -20.31 30.46
CA GLY D 197 20.52 -20.68 31.56
C GLY D 197 21.10 -21.75 32.46
N GLN D 198 22.05 -22.54 31.95
CA GLN D 198 22.72 -23.55 32.76
C GLN D 198 23.54 -22.94 33.88
N TYR D 199 23.80 -21.64 33.84
CA TYR D 199 24.55 -20.95 34.89
C TYR D 199 23.62 -20.33 35.94
N PHE D 200 22.33 -20.59 35.86
CA PHE D 200 21.35 -20.05 36.79
C PHE D 200 20.79 -21.18 37.65
N ASP D 201 21.62 -21.68 38.56
CA ASP D 201 21.21 -22.80 39.40
C ASP D 201 21.78 -22.72 40.81
N ARG D 202 22.35 -21.58 41.23
CA ARG D 202 22.94 -21.45 42.55
C ARG D 202 22.64 -20.06 43.10
N GLY D 203 22.08 -20.01 44.31
CA GLY D 203 21.89 -18.73 44.97
C GLY D 203 20.77 -17.93 44.34
N SER D 204 20.97 -16.60 44.32
CA SER D 204 19.94 -15.71 43.79
C SER D 204 19.59 -16.05 42.35
N SER D 205 20.60 -16.30 41.51
CA SER D 205 20.33 -16.56 40.10
C SER D 205 19.43 -17.76 39.89
N LYS D 206 19.31 -18.65 40.87
CA LYS D 206 18.44 -19.81 40.71
C LYS D 206 16.97 -19.41 40.84
N ARG D 207 16.62 -18.70 41.92
CA ARG D 207 15.22 -18.34 42.13
C ARG D 207 14.75 -17.31 41.10
N LYS D 208 15.63 -16.41 40.67
CA LYS D 208 15.26 -15.43 39.66
C LYS D 208 14.84 -16.10 38.36
N LEU D 209 15.44 -17.25 38.04
CA LEU D 209 15.03 -17.99 36.85
C LEU D 209 13.74 -18.77 37.10
N ASP D 210 13.58 -19.35 38.28
CA ASP D 210 12.37 -20.11 38.57
C ASP D 210 11.13 -19.22 38.54
N CYS D 211 11.26 -17.95 38.95
CA CYS D 211 10.11 -17.04 38.88
C CYS D 211 9.76 -16.71 37.43
N PHE D 212 10.78 -16.50 36.59
CA PHE D 212 10.51 -16.24 35.18
C PHE D 212 9.79 -17.40 34.53
N LEU D 213 10.25 -18.63 34.79
CA LEU D 213 9.65 -19.80 34.15
C LEU D 213 8.19 -19.94 34.52
N VAL D 214 7.78 -19.46 35.70
CA VAL D 214 6.36 -19.44 36.03
C VAL D 214 5.60 -18.54 35.07
N TYR D 215 6.13 -17.34 34.82
CA TYR D 215 5.50 -16.45 33.86
C TYR D 215 5.64 -16.98 32.44
N PHE D 216 6.77 -17.59 32.12
CA PHE D 216 6.96 -18.16 30.79
C PHE D 216 5.93 -19.24 30.50
N GLN D 217 5.65 -20.10 31.49
CA GLN D 217 4.70 -21.19 31.28
C GLN D 217 3.30 -20.65 31.03
N ARG D 218 2.92 -19.58 31.72
CA ARG D 218 1.61 -18.97 31.47
C ARG D 218 1.54 -18.41 30.05
N TYR D 219 2.60 -17.72 29.61
CA TYR D 219 2.63 -17.22 28.24
C TYR D 219 2.51 -18.37 27.24
N VAL D 220 3.21 -19.48 27.51
CA VAL D 220 3.12 -20.64 26.63
C VAL D 220 1.69 -21.15 26.58
N TRP D 221 1.03 -21.25 27.73
CA TRP D 221 -0.33 -21.79 27.76
C TRP D 221 -1.35 -20.82 27.19
N TRP D 222 -1.06 -19.51 27.25
CA TRP D 222 -1.89 -18.55 26.51
C TRP D 222 -1.89 -18.86 25.02
N LYS D 223 -0.75 -19.29 24.48
CA LYS D 223 -0.70 -19.63 23.06
C LYS D 223 -1.43 -20.95 22.79
N LYS D 224 -1.22 -21.95 23.64
CA LYS D 224 -1.85 -23.25 23.42
C LYS D 224 -3.37 -23.14 23.41
N SER D 225 -3.93 -22.31 24.29
CA SER D 225 -5.38 -22.24 24.48
C SER D 225 -6.06 -21.28 23.52
N LEU D 226 -5.39 -20.88 22.45
CA LEU D 226 -6.06 -20.09 21.41
C LEU D 226 -6.94 -20.99 20.56
N GLU D 227 -7.91 -20.36 19.88
CA GLU D 227 -8.87 -21.12 19.08
C GLU D 227 -8.27 -21.62 17.77
N VAL D 228 -7.17 -21.03 17.32
CA VAL D 228 -6.56 -21.45 16.05
C VAL D 228 -6.14 -22.91 16.11
N TRP D 229 -5.74 -23.40 17.28
CA TRP D 229 -5.25 -24.77 17.41
C TRP D 229 -6.44 -25.71 17.58
N THR D 230 -6.61 -26.60 16.60
CA THR D 230 -7.70 -27.56 16.58
C THR D 230 -7.14 -28.98 16.72
N LYS D 231 -7.98 -29.97 16.45
CA LYS D 231 -7.52 -31.36 16.43
C LYS D 231 -6.74 -31.67 15.16
N ASP D 232 -7.10 -31.02 14.04
CA ASP D 232 -6.41 -31.22 12.78
C ASP D 232 -5.23 -30.29 12.61
N HIS D 233 -5.26 -29.11 13.24
CA HIS D 233 -4.17 -28.13 13.20
C HIS D 233 -3.68 -27.90 14.62
N PRO D 234 -2.98 -28.89 15.19
CA PRO D 234 -2.60 -28.80 16.60
C PRO D 234 -1.47 -27.81 16.83
N PHE D 235 -1.22 -27.54 18.11
CA PHE D 235 -0.06 -26.75 18.49
C PHE D 235 1.20 -27.41 17.95
N PRO D 236 2.04 -26.69 17.17
CA PRO D 236 3.22 -27.34 16.57
C PRO D 236 4.02 -28.15 17.58
N ILE D 237 4.09 -29.47 17.35
CA ILE D 237 4.77 -30.34 18.29
C ILE D 237 6.24 -29.97 18.41
N ASP D 238 6.83 -29.44 17.33
CA ASP D 238 8.21 -28.97 17.39
C ASP D 238 8.41 -27.94 18.50
N ILE D 239 7.48 -26.99 18.60
CA ILE D 239 7.55 -26.01 19.69
C ILE D 239 7.40 -26.71 21.04
N ASP D 240 6.42 -27.61 21.14
CA ASP D 240 6.28 -28.41 22.35
C ASP D 240 7.58 -29.14 22.67
N TYR D 241 8.19 -29.76 21.66
CA TYR D 241 9.44 -30.49 21.89
C TYR D 241 10.53 -29.53 22.36
N MET D 242 10.71 -28.39 21.66
CA MET D 242 11.79 -27.49 22.02
C MET D 242 11.57 -26.88 23.40
N ILE D 243 10.32 -26.69 23.82
CA ILE D 243 10.05 -26.20 25.16
C ILE D 243 10.46 -27.23 26.20
N SER D 244 10.01 -28.48 26.02
CA SER D 244 10.30 -29.52 27.00
C SER D 244 11.80 -29.81 27.08
N ASP D 245 12.49 -29.76 25.93
CA ASP D 245 13.93 -30.02 25.93
C ASP D 245 14.67 -29.00 26.77
N THR D 246 14.32 -27.72 26.65
CA THR D 246 15.04 -26.68 27.36
C THR D 246 14.76 -26.73 28.86
N LEU D 247 13.49 -26.96 29.24
CA LEU D 247 13.16 -27.02 30.65
C LEU D 247 13.74 -28.27 31.31
N GLU D 248 13.73 -29.40 30.59
CA GLU D 248 14.42 -30.59 31.08
C GLU D 248 15.91 -30.32 31.26
N LEU D 249 16.49 -29.56 30.34
CA LEU D 249 17.92 -29.23 30.44
C LEU D 249 18.20 -28.32 31.62
N LEU D 250 17.27 -27.41 31.94
CA LEU D 250 17.46 -26.46 33.03
C LEU D 250 17.05 -27.04 34.38
N ARG D 251 15.77 -27.37 34.53
CA ARG D 251 15.21 -27.92 35.78
C ARG D 251 14.64 -29.30 35.47
N PRO D 252 15.44 -30.36 35.57
CA PRO D 252 14.93 -31.70 35.26
C PRO D 252 13.68 -32.08 36.04
N LYS D 253 13.55 -31.61 37.27
CA LYS D 253 12.37 -31.90 38.08
C LYS D 253 11.21 -30.94 37.81
N ILE D 254 11.32 -30.11 36.76
CA ILE D 254 10.32 -29.07 36.51
C ILE D 254 8.92 -29.66 36.59
N LYS D 255 8.01 -28.91 37.20
CA LYS D 255 6.60 -29.31 37.30
C LYS D 255 5.86 -28.73 36.09
N LEU D 256 5.92 -29.46 34.98
CA LEU D 256 5.29 -29.02 33.76
C LEU D 256 3.80 -28.82 33.97
N CYS D 257 3.33 -27.58 33.82
CA CYS D 257 1.90 -27.30 33.88
C CYS D 257 1.20 -28.07 32.79
N ASN D 258 0.15 -28.80 33.15
CA ASN D 258 -0.66 -29.55 32.21
C ASN D 258 -1.91 -28.80 31.78
N SER D 259 -2.10 -27.58 32.24
CA SER D 259 -3.30 -26.81 31.90
C SER D 259 -2.98 -25.32 31.96
N LEU D 260 -3.94 -24.52 31.49
CA LEU D 260 -3.83 -23.07 31.61
C LEU D 260 -4.10 -22.61 33.04
N GLU D 261 -5.09 -23.21 33.70
CA GLU D 261 -5.43 -22.80 35.06
C GLU D 261 -4.28 -23.08 36.03
N GLU D 262 -3.60 -24.21 35.85
CA GLU D 262 -2.50 -24.55 36.76
C GLU D 262 -1.35 -23.54 36.64
N SER D 263 -1.05 -23.10 35.41
CA SER D 263 -0.04 -22.07 35.24
C SER D 263 -0.50 -20.74 35.79
N ILE D 264 -1.80 -20.46 35.74
CA ILE D 264 -2.33 -19.22 36.29
C ILE D 264 -2.23 -19.23 37.81
N ARG D 265 -2.50 -20.39 38.43
CA ARG D 265 -2.35 -20.50 39.87
C ARG D 265 -0.91 -20.24 40.30
N GLN D 266 0.05 -20.82 39.57
CA GLN D 266 1.46 -20.59 39.89
C GLN D 266 1.78 -19.10 39.91
N VAL D 267 1.22 -18.34 38.97
CA VAL D 267 1.44 -16.90 38.95
C VAL D 267 0.75 -16.24 40.14
N GLN D 268 -0.52 -16.61 40.38
CA GLN D 268 -1.24 -16.04 41.51
C GLN D 268 -0.52 -16.30 42.83
N ASP D 269 -0.01 -17.51 43.02
CA ASP D 269 0.73 -17.82 44.24
C ASP D 269 2.03 -17.04 44.29
N LEU D 270 2.72 -16.87 43.16
CA LEU D 270 3.94 -16.08 43.14
C LEU D 270 3.64 -14.62 43.51
N GLU D 271 2.55 -14.06 43.00
CA GLU D 271 2.21 -12.67 43.31
C GLU D 271 1.85 -12.49 44.78
N ARG D 272 1.33 -13.54 45.44
CA ARG D 272 1.22 -13.51 46.89
C ARG D 272 2.59 -13.27 47.52
N GLU D 273 3.60 -14.01 47.05
CA GLU D 273 4.96 -13.81 47.57
C GLU D 273 5.44 -12.38 47.34
N PHE D 274 5.04 -11.76 46.22
CA PHE D 274 5.35 -10.35 46.00
C PHE D 274 4.91 -9.52 47.20
N LEU D 275 3.62 -9.52 47.48
CA LEU D 275 3.03 -8.53 48.38
C LEU D 275 3.42 -8.76 49.83
N ILE D 276 3.95 -9.93 50.18
CA ILE D 276 4.53 -10.08 51.51
C ILE D 276 5.93 -9.49 51.53
N LYS D 277 6.68 -9.66 50.45
CA LYS D 277 8.03 -9.10 50.34
C LYS D 277 8.01 -7.64 49.90
N LEU D 278 6.88 -7.13 49.42
CA LEU D 278 6.73 -5.71 49.14
C LEU D 278 6.11 -4.96 50.31
N GLY D 279 5.32 -5.65 51.15
CA GLY D 279 4.78 -5.06 52.35
C GLY D 279 3.31 -4.73 52.32
N LEU D 280 2.58 -5.16 51.30
CA LEU D 280 1.15 -4.85 51.20
C LEU D 280 0.25 -5.94 51.75
N VAL D 281 0.73 -7.17 51.92
CA VAL D 281 -0.05 -8.21 52.57
C VAL D 281 0.88 -9.03 53.46
N LEU E 37 -5.80 -23.44 -27.73
CA LEU E 37 -4.49 -23.68 -28.33
C LEU E 37 -4.18 -25.17 -28.37
N SER E 38 -3.54 -25.61 -29.45
CA SER E 38 -3.29 -27.03 -29.67
C SER E 38 -1.83 -27.38 -29.95
N LYS E 39 -1.00 -26.43 -30.33
CA LYS E 39 0.39 -26.72 -30.70
C LYS E 39 1.27 -26.67 -29.45
N VAL E 40 2.13 -27.68 -29.31
CA VAL E 40 3.02 -27.81 -28.16
C VAL E 40 4.44 -28.00 -28.67
N VAL E 41 5.41 -27.39 -27.99
CA VAL E 41 6.81 -27.49 -28.37
C VAL E 41 7.55 -28.33 -27.34
N ILE E 42 8.41 -29.21 -27.83
CA ILE E 42 9.33 -29.99 -27.00
C ILE E 42 10.73 -29.48 -27.35
N ARG E 43 11.39 -28.81 -26.41
CA ARG E 43 12.64 -28.14 -26.68
C ARG E 43 13.66 -28.44 -25.59
N ARG E 44 14.91 -28.05 -25.88
CA ARG E 44 16.06 -28.31 -25.00
C ARG E 44 16.31 -29.81 -24.86
N LEU E 45 16.12 -30.54 -25.94
CA LEU E 45 16.38 -31.96 -26.01
C LEU E 45 17.87 -32.17 -26.28
N PRO E 46 18.32 -33.43 -26.37
CA PRO E 46 19.74 -33.65 -26.71
C PRO E 46 19.98 -33.41 -28.18
N PRO E 47 21.16 -32.92 -28.56
CA PRO E 47 21.42 -32.66 -29.98
C PRO E 47 21.46 -33.91 -30.83
N GLY E 48 21.66 -35.09 -30.25
CA GLY E 48 21.84 -36.31 -31.00
C GLY E 48 20.59 -37.12 -31.25
N LEU E 49 19.50 -36.83 -30.56
CA LEU E 49 18.28 -37.59 -30.73
C LEU E 49 17.66 -37.31 -32.09
N THR E 50 17.36 -38.36 -32.84
CA THR E 50 16.65 -38.22 -34.11
C THR E 50 15.16 -38.41 -33.89
N LYS E 51 14.38 -38.18 -34.96
CA LYS E 51 12.93 -38.07 -34.80
C LYS E 51 12.31 -39.38 -34.31
N GLU E 52 12.73 -40.51 -34.87
CA GLU E 52 12.09 -41.77 -34.49
C GLU E 52 12.48 -42.19 -33.08
N GLN E 53 13.68 -41.83 -32.62
CA GLN E 53 14.01 -42.06 -31.22
C GLN E 53 13.11 -41.24 -30.31
N LEU E 54 12.85 -39.99 -30.70
CA LEU E 54 11.84 -39.19 -30.00
C LEU E 54 10.48 -39.88 -30.08
N GLU E 55 10.04 -40.23 -31.29
CA GLU E 55 8.76 -40.91 -31.44
C GLU E 55 8.69 -42.18 -30.60
N GLU E 56 9.81 -42.88 -30.44
CA GLU E 56 9.84 -44.05 -29.57
C GLU E 56 9.82 -43.63 -28.11
N GLN E 57 10.67 -42.67 -27.73
CA GLN E 57 10.71 -42.20 -26.36
C GLN E 57 9.38 -41.59 -25.93
N LEU E 58 8.60 -41.08 -26.88
CA LEU E 58 7.32 -40.46 -26.60
C LEU E 58 6.18 -41.43 -26.96
N ARG E 59 6.11 -42.51 -26.18
CA ARG E 59 5.08 -43.53 -26.36
C ARG E 59 4.50 -43.87 -25.01
N PRO E 60 3.15 -43.85 -24.85
CA PRO E 60 2.11 -43.55 -25.85
C PRO E 60 2.10 -42.10 -26.34
N LEU E 61 1.48 -41.85 -27.49
CA LEU E 61 1.47 -40.53 -28.11
C LEU E 61 0.03 -40.18 -28.46
N PRO E 62 -0.57 -39.14 -27.86
CA PRO E 62 -1.97 -38.81 -28.19
C PRO E 62 -2.16 -38.42 -29.65
N ALA E 63 -3.42 -38.21 -30.05
CA ALA E 63 -3.72 -37.83 -31.43
C ALA E 63 -3.01 -36.54 -31.79
N HIS E 64 -2.49 -36.49 -33.01
CA HIS E 64 -1.67 -35.37 -33.44
C HIS E 64 -1.53 -35.40 -34.96
N ASP E 65 -2.10 -34.41 -35.64
CA ASP E 65 -1.95 -34.31 -37.08
C ASP E 65 -0.63 -33.66 -37.50
N TYR E 66 0.02 -32.94 -36.58
CA TYR E 66 1.27 -32.24 -36.85
C TYR E 66 2.34 -32.80 -35.92
N PHE E 67 3.47 -33.20 -36.48
CA PHE E 67 4.61 -33.68 -35.67
C PHE E 67 5.88 -33.38 -36.46
N GLU E 68 6.44 -32.20 -36.23
CA GLU E 68 7.71 -31.80 -36.82
C GLU E 68 8.84 -32.02 -35.81
N PHE E 69 10.02 -32.34 -36.34
CA PHE E 69 11.21 -32.50 -35.52
C PHE E 69 12.36 -31.74 -36.15
N PHE E 70 13.17 -31.09 -35.31
CA PHE E 70 14.30 -30.30 -35.77
C PHE E 70 15.53 -30.64 -34.95
N ALA E 71 16.61 -30.99 -35.65
CA ALA E 71 17.89 -31.26 -35.00
C ALA E 71 18.57 -29.93 -34.69
N ALA E 72 19.83 -30.00 -34.26
CA ALA E 72 20.60 -28.81 -33.91
C ALA E 72 21.47 -28.41 -35.09
N ASP E 73 21.49 -27.11 -35.39
CA ASP E 73 22.36 -26.58 -36.43
C ASP E 73 23.78 -26.47 -35.90
N LEU E 74 24.74 -27.03 -36.66
CA LEU E 74 26.11 -27.08 -36.18
C LEU E 74 26.65 -25.70 -35.82
N SER E 75 26.22 -24.67 -36.53
CA SER E 75 26.77 -23.33 -36.41
C SER E 75 27.10 -22.94 -34.97
N LEU E 76 26.07 -22.83 -34.13
CA LEU E 76 26.26 -22.39 -32.76
C LEU E 76 27.03 -23.42 -31.96
N TYR E 77 28.34 -23.36 -32.04
CA TYR E 77 29.25 -24.38 -31.53
C TYR E 77 28.83 -24.94 -30.17
N PRO E 78 28.78 -24.11 -29.11
CA PRO E 78 28.67 -24.69 -27.76
C PRO E 78 27.27 -25.06 -27.33
N HIS E 79 26.23 -24.48 -27.92
CA HIS E 79 24.85 -24.66 -27.46
C HIS E 79 24.04 -25.28 -28.60
N LEU E 80 23.97 -26.62 -28.61
CA LEU E 80 23.24 -27.37 -29.62
C LEU E 80 22.16 -28.19 -28.94
N TYR E 81 20.90 -27.90 -29.25
CA TYR E 81 19.76 -28.62 -28.72
C TYR E 81 18.78 -28.87 -29.84
N SER E 82 18.12 -30.03 -29.79
CA SER E 82 17.07 -30.37 -30.74
C SER E 82 15.71 -30.09 -30.10
N ARG E 83 14.68 -30.06 -30.96
CA ARG E 83 13.34 -29.74 -30.50
C ARG E 83 12.31 -30.48 -31.34
N ALA E 84 11.06 -30.42 -30.90
CA ALA E 84 9.95 -31.05 -31.62
C ALA E 84 8.68 -30.26 -31.38
N TYR E 85 7.76 -30.35 -32.33
CA TYR E 85 6.47 -29.68 -32.26
C TYR E 85 5.36 -30.68 -32.51
N ILE E 86 4.28 -30.58 -31.72
CA ILE E 86 3.15 -31.50 -31.80
C ILE E 86 1.87 -30.70 -31.64
N ASN E 87 0.92 -30.92 -32.55
CA ASN E 87 -0.40 -30.28 -32.51
C ASN E 87 -1.42 -31.35 -32.13
N PHE E 88 -1.96 -31.25 -30.92
CA PHE E 88 -2.92 -32.23 -30.43
C PHE E 88 -4.31 -31.95 -30.99
N ARG E 89 -5.04 -33.02 -31.31
CA ARG E 89 -6.38 -32.87 -31.88
C ARG E 89 -7.32 -32.21 -30.88
N ASN E 90 -7.52 -32.84 -29.73
CA ASN E 90 -8.36 -32.29 -28.68
C ASN E 90 -7.50 -31.50 -27.70
N PRO E 91 -7.59 -30.16 -27.66
CA PRO E 91 -6.75 -29.40 -26.73
C PRO E 91 -7.10 -29.65 -25.27
N ASP E 92 -6.76 -30.83 -24.76
CA ASP E 92 -6.81 -31.07 -23.33
C ASP E 92 -5.84 -32.17 -22.92
N ASP E 93 -5.36 -32.94 -23.91
CA ASP E 93 -4.31 -33.91 -23.64
C ASP E 93 -3.00 -33.25 -23.24
N ILE E 94 -2.89 -31.93 -23.39
CA ILE E 94 -1.66 -31.24 -23.00
C ILE E 94 -1.52 -31.22 -21.48
N LEU E 95 -2.64 -31.08 -20.77
CA LEU E 95 -2.61 -31.13 -19.31
C LEU E 95 -2.00 -32.44 -18.84
N LEU E 96 -2.37 -33.55 -19.46
CA LEU E 96 -1.77 -34.84 -19.14
C LEU E 96 -0.39 -34.98 -19.75
N PHE E 97 -0.20 -34.44 -20.96
CA PHE E 97 1.08 -34.60 -21.66
C PHE E 97 2.16 -33.74 -21.02
N ARG E 98 1.84 -32.51 -20.65
CA ARG E 98 2.84 -31.61 -20.07
C ARG E 98 3.41 -32.20 -18.79
N ASP E 99 2.54 -32.60 -17.85
CA ASP E 99 3.02 -33.10 -16.58
C ASP E 99 3.78 -34.41 -16.75
N ARG E 100 3.49 -35.16 -17.82
CA ARG E 100 4.20 -36.41 -18.06
C ARG E 100 5.59 -36.20 -18.61
N PHE E 101 5.82 -35.10 -19.33
CA PHE E 101 7.09 -34.87 -20.00
C PHE E 101 7.78 -33.56 -19.63
N ASP E 102 7.06 -32.58 -19.09
CA ASP E 102 7.67 -31.32 -18.70
C ASP E 102 8.65 -31.58 -17.56
N GLY E 103 9.95 -31.53 -17.86
CA GLY E 103 10.98 -31.87 -16.92
C GLY E 103 11.60 -33.24 -17.11
N TYR E 104 11.04 -34.04 -18.02
CA TYR E 104 11.59 -35.37 -18.29
C TYR E 104 13.06 -35.24 -18.68
N ILE E 105 13.92 -35.87 -17.90
CA ILE E 105 15.36 -35.82 -18.13
C ILE E 105 15.71 -36.83 -19.22
N PHE E 106 16.25 -36.33 -20.33
CA PHE E 106 16.82 -37.16 -21.38
C PHE E 106 18.31 -37.36 -21.14
N LEU E 107 18.90 -38.32 -21.85
CA LEU E 107 20.32 -38.59 -21.76
C LEU E 107 20.92 -38.65 -23.15
N ASP E 108 22.13 -38.10 -23.28
CA ASP E 108 22.91 -38.22 -24.50
C ASP E 108 23.72 -39.51 -24.46
N SER E 109 24.39 -39.81 -25.59
CA SER E 109 25.14 -41.06 -25.68
C SER E 109 26.31 -41.06 -24.70
N LYS E 110 27.03 -39.95 -24.59
CA LYS E 110 28.17 -39.87 -23.67
C LYS E 110 27.74 -39.87 -22.21
N GLY E 111 26.46 -39.63 -21.93
CA GLY E 111 25.98 -39.65 -20.56
C GLY E 111 25.81 -38.26 -19.96
N LEU E 112 25.09 -37.40 -20.67
CA LEU E 112 24.82 -36.04 -20.22
C LEU E 112 23.32 -35.85 -20.04
N GLU E 113 22.93 -35.28 -18.91
CA GLU E 113 21.53 -35.07 -18.61
C GLU E 113 21.01 -33.82 -19.32
N TYR E 114 19.76 -33.89 -19.79
CA TYR E 114 19.13 -32.79 -20.52
C TYR E 114 17.70 -32.62 -20.03
N PRO E 115 17.47 -31.79 -19.01
CA PRO E 115 16.09 -31.52 -18.58
C PRO E 115 15.31 -30.84 -19.68
N ALA E 116 14.24 -31.49 -20.13
CA ALA E 116 13.46 -31.01 -21.25
C ALA E 116 12.52 -29.88 -20.81
N VAL E 117 12.07 -29.10 -21.79
CA VAL E 117 11.13 -28.01 -21.57
C VAL E 117 9.90 -28.26 -22.43
N VAL E 118 8.73 -28.21 -21.80
CA VAL E 118 7.46 -28.45 -22.46
C VAL E 118 6.57 -27.24 -22.23
N GLU E 119 6.14 -26.61 -23.31
CA GLU E 119 5.28 -25.44 -23.23
C GLU E 119 4.58 -25.27 -24.57
N PHE E 120 3.55 -24.42 -24.59
CA PHE E 120 2.88 -24.10 -25.84
C PHE E 120 3.86 -23.39 -26.78
N ALA E 121 3.96 -23.90 -28.00
CA ALA E 121 4.86 -23.28 -28.98
C ALA E 121 4.45 -21.83 -29.20
N PRO E 122 5.41 -20.91 -29.30
CA PRO E 122 5.05 -19.48 -29.43
C PRO E 122 4.39 -19.13 -30.75
N PHE E 123 4.46 -20.01 -31.76
CA PHE E 123 3.83 -19.80 -33.06
C PHE E 123 2.84 -20.94 -33.28
N GLN E 124 1.55 -20.62 -33.22
CA GLN E 124 0.49 -21.61 -33.14
C GLN E 124 -0.07 -22.04 -34.49
N LYS E 125 0.69 -21.86 -35.57
CA LYS E 125 0.24 -22.22 -36.91
C LYS E 125 0.90 -23.51 -37.35
N ILE E 126 0.15 -24.33 -38.08
CA ILE E 126 0.60 -25.64 -38.53
C ILE E 126 0.36 -25.75 -40.04
N ALA E 127 0.76 -26.89 -40.60
CA ALA E 127 0.66 -27.13 -42.03
C ALA E 127 -0.67 -27.78 -42.38
N LYS E 128 -1.15 -27.49 -43.59
CA LYS E 128 -2.36 -28.08 -44.13
C LYS E 128 -2.08 -28.61 -45.52
N LYS E 129 -2.90 -29.57 -45.94
CA LYS E 129 -2.73 -30.19 -47.24
C LYS E 129 -3.13 -29.22 -48.36
N LYS E 130 -2.63 -29.50 -49.55
CA LYS E 130 -2.90 -28.66 -50.72
C LYS E 130 -3.90 -29.33 -51.65
N LYS E 133 -1.62 -27.74 -55.62
CA LYS E 133 -0.83 -28.51 -56.56
C LYS E 133 0.66 -28.24 -56.36
N LYS E 134 1.49 -29.23 -56.66
CA LYS E 134 2.92 -29.11 -56.45
C LYS E 134 3.53 -28.10 -57.42
N ASP E 135 4.77 -27.72 -57.13
CA ASP E 135 5.52 -26.80 -57.97
C ASP E 135 6.34 -27.59 -58.98
N ALA E 136 6.30 -27.15 -60.23
CA ALA E 136 6.94 -27.88 -61.31
C ALA E 136 8.47 -27.81 -61.27
N LYS E 137 9.03 -26.78 -60.65
CA LYS E 137 10.47 -26.59 -60.66
C LYS E 137 11.20 -27.44 -59.62
N THR E 138 10.49 -27.98 -58.64
CA THR E 138 11.13 -28.70 -57.55
C THR E 138 12.08 -29.77 -58.07
N GLY E 139 13.33 -29.72 -57.61
CA GLY E 139 14.31 -30.70 -58.02
C GLY E 139 14.90 -30.47 -59.38
N SER E 140 14.93 -29.22 -59.85
CA SER E 140 15.41 -28.89 -61.19
C SER E 140 16.68 -28.06 -61.17
N ILE E 141 17.27 -27.80 -60.01
CA ILE E 141 18.40 -26.89 -59.93
C ILE E 141 19.62 -27.50 -60.62
N GLU E 142 19.79 -28.82 -60.51
CA GLU E 142 20.93 -29.47 -61.16
C GLU E 142 20.93 -29.22 -62.66
N ASP E 143 19.77 -29.02 -63.27
CA ASP E 143 19.67 -28.78 -64.71
C ASP E 143 19.37 -27.32 -64.99
N ASP E 144 20.22 -26.41 -64.50
CA ASP E 144 20.03 -24.98 -64.69
C ASP E 144 21.34 -24.34 -65.13
N PRO E 145 21.29 -23.38 -66.05
CA PRO E 145 22.54 -22.71 -66.45
C PRO E 145 23.24 -22.00 -65.30
N GLU E 146 22.50 -21.19 -64.53
CA GLU E 146 23.13 -20.41 -63.47
C GLU E 146 23.83 -21.31 -62.46
N TYR E 147 23.20 -22.43 -62.09
CA TYR E 147 23.87 -23.39 -61.21
C TYR E 147 25.08 -24.00 -61.90
N LYS E 148 24.96 -24.32 -63.19
CA LYS E 148 26.07 -24.89 -63.93
C LYS E 148 27.30 -23.99 -63.89
N LYS E 149 27.13 -22.72 -64.30
CA LYS E 149 28.27 -21.80 -64.31
C LYS E 149 28.82 -21.57 -62.91
N PHE E 150 27.98 -21.70 -61.88
CA PHE E 150 28.47 -21.63 -60.51
C PHE E 150 29.39 -22.81 -60.20
N LEU E 151 28.98 -24.02 -60.60
CA LEU E 151 29.80 -25.20 -60.36
C LEU E 151 31.15 -25.06 -61.04
N GLU E 152 31.19 -24.45 -62.23
CA GLU E 152 32.46 -24.17 -62.88
C GLU E 152 33.36 -23.31 -61.99
N THR E 153 32.85 -22.17 -61.54
CA THR E 153 33.64 -21.32 -60.65
C THR E 153 33.97 -22.04 -59.36
N TYR E 154 33.10 -22.97 -58.93
CA TYR E 154 33.33 -23.72 -57.71
C TYR E 154 34.21 -24.95 -57.94
N CYS E 155 34.23 -25.48 -59.17
CA CYS E 155 35.12 -26.58 -59.49
C CYS E 155 36.57 -26.25 -59.12
N VAL E 156 37.04 -25.08 -59.54
CA VAL E 156 38.41 -24.65 -59.23
C VAL E 156 38.43 -24.00 -57.85
N GLU E 157 38.56 -24.82 -56.81
CA GLU E 157 38.47 -24.34 -55.43
C GLU E 157 39.55 -23.29 -55.15
N LYS F 34 35.85 -26.56 -48.45
CA LYS F 34 35.55 -27.94 -48.83
C LYS F 34 34.05 -28.21 -48.66
N ARG F 35 33.23 -27.18 -48.87
CA ARG F 35 31.80 -27.31 -48.66
C ARG F 35 31.16 -27.98 -49.89
N PRO F 36 30.15 -28.82 -49.69
CA PRO F 36 29.44 -29.40 -50.84
C PRO F 36 28.97 -28.31 -51.79
N PRO F 37 28.76 -28.64 -53.07
CA PRO F 37 28.43 -27.60 -54.05
C PRO F 37 27.06 -26.97 -53.83
N LEU F 38 26.04 -27.81 -53.64
CA LEU F 38 24.68 -27.29 -53.48
C LEU F 38 24.57 -26.38 -52.26
N GLN F 39 25.21 -26.75 -51.16
CA GLN F 39 25.09 -25.96 -49.93
C GLN F 39 25.69 -24.58 -50.11
N GLU F 40 26.90 -24.50 -50.67
CA GLU F 40 27.52 -23.20 -50.88
C GLU F 40 26.69 -22.34 -51.83
N TYR F 41 25.97 -22.97 -52.76
CA TYR F 41 25.12 -22.21 -53.67
C TYR F 41 23.97 -21.56 -52.92
N VAL F 42 23.40 -22.25 -51.93
CA VAL F 42 22.34 -21.66 -51.13
C VAL F 42 22.88 -20.50 -50.30
N ARG F 43 24.08 -20.66 -49.73
CA ARG F 43 24.68 -19.58 -48.96
C ARG F 43 24.95 -18.37 -49.83
N LYS F 44 25.37 -18.59 -51.08
CA LYS F 44 25.58 -17.48 -51.99
C LYS F 44 24.27 -16.78 -52.32
N LEU F 45 23.20 -17.56 -52.52
CA LEU F 45 21.92 -16.97 -52.87
C LEU F 45 21.42 -16.03 -51.77
N LEU F 46 21.49 -16.49 -50.51
CA LEU F 46 20.86 -15.77 -49.41
C LEU F 46 21.74 -14.66 -48.83
N TYR F 47 23.04 -14.92 -48.66
CA TYR F 47 23.91 -14.00 -47.95
C TYR F 47 24.65 -13.03 -48.87
N LYS F 48 24.76 -13.34 -50.16
CA LYS F 48 25.51 -12.50 -51.08
C LYS F 48 24.65 -11.96 -52.22
N ASP F 49 23.89 -12.82 -52.90
CA ASP F 49 23.15 -12.40 -54.08
C ASP F 49 21.86 -11.64 -53.74
N LEU F 50 21.37 -11.75 -52.51
CA LEU F 50 20.11 -11.10 -52.14
C LEU F 50 20.39 -9.64 -51.81
N SER F 51 20.11 -8.75 -52.75
CA SER F 51 20.40 -7.33 -52.60
C SER F 51 19.18 -6.49 -52.99
N LYS F 52 18.02 -6.84 -52.43
CA LYS F 52 16.85 -5.98 -52.48
C LYS F 52 16.12 -6.02 -53.82
N VAL F 53 16.86 -5.98 -54.93
CA VAL F 53 16.25 -5.84 -56.24
C VAL F 53 16.21 -7.18 -56.96
N THR F 54 17.19 -8.04 -56.70
CA THR F 54 17.28 -9.35 -57.34
C THR F 54 16.46 -10.42 -56.63
N THR F 55 15.41 -10.03 -55.91
CA THR F 55 14.69 -10.97 -55.07
C THR F 55 13.92 -11.99 -55.90
N GLU F 56 13.24 -11.55 -56.96
CA GLU F 56 12.47 -12.47 -57.78
C GLU F 56 13.39 -13.48 -58.47
N LYS F 57 14.55 -13.02 -58.94
CA LYS F 57 15.51 -13.93 -59.57
C LYS F 57 16.00 -14.98 -58.57
N VAL F 58 16.20 -14.58 -57.31
CA VAL F 58 16.65 -15.52 -56.30
C VAL F 58 15.54 -16.50 -55.95
N LEU F 59 14.29 -16.01 -55.86
CA LEU F 59 13.18 -16.89 -55.53
C LEU F 59 13.06 -18.03 -56.54
N ARG F 60 13.01 -17.71 -57.82
CA ARG F 60 12.90 -18.74 -58.85
C ARG F 60 14.08 -19.70 -58.80
N GLN F 61 15.26 -19.21 -58.38
CA GLN F 61 16.41 -20.10 -58.25
C GLN F 61 16.24 -21.07 -57.09
N MET F 62 15.57 -20.64 -56.02
CA MET F 62 15.37 -21.53 -54.88
C MET F 62 14.20 -22.48 -55.09
N ARG F 63 13.20 -22.06 -55.87
CA ARG F 63 12.10 -22.97 -56.19
C ARG F 63 12.62 -24.24 -56.86
N LYS F 64 13.70 -24.13 -57.64
CA LYS F 64 14.25 -25.27 -58.36
C LYS F 64 15.01 -26.23 -57.46
N LEU F 65 15.19 -25.90 -56.18
CA LEU F 65 15.93 -26.77 -55.29
C LEU F 65 15.13 -28.05 -55.00
N PRO F 66 15.82 -29.16 -54.74
CA PRO F 66 15.10 -30.39 -54.38
C PRO F 66 14.53 -30.35 -52.98
N TRP F 67 13.31 -29.81 -52.84
CA TRP F 67 12.72 -29.62 -51.53
C TRP F 67 12.27 -30.92 -50.87
N GLN F 68 11.98 -31.96 -51.66
CA GLN F 68 11.51 -33.21 -51.08
C GLN F 68 12.62 -34.00 -50.41
N ASP F 69 13.88 -33.63 -50.63
CA ASP F 69 15.00 -34.19 -49.87
C ASP F 69 15.03 -33.51 -48.50
N GLN F 70 14.70 -34.25 -47.44
CA GLN F 70 14.57 -33.64 -46.13
C GLN F 70 15.87 -33.02 -45.67
N GLU F 71 17.01 -33.61 -46.02
CA GLU F 71 18.30 -33.08 -45.58
C GLU F 71 18.55 -31.70 -46.18
N VAL F 72 18.34 -31.55 -47.49
CA VAL F 72 18.60 -30.26 -48.13
C VAL F 72 17.59 -29.22 -47.66
N LYS F 73 16.33 -29.62 -47.46
CA LYS F 73 15.35 -28.69 -46.93
C LYS F 73 15.78 -28.14 -45.58
N ASP F 74 16.29 -29.02 -44.70
CA ASP F 74 16.71 -28.60 -43.36
C ASP F 74 17.82 -27.56 -43.43
N TYR F 75 18.84 -27.81 -44.26
CA TYR F 75 19.95 -26.86 -44.36
C TYR F 75 19.47 -25.51 -44.86
N VAL F 76 18.61 -25.49 -45.88
CA VAL F 76 18.09 -24.23 -46.38
C VAL F 76 17.35 -23.48 -45.29
N ILE F 77 16.51 -24.19 -44.52
CA ILE F 77 15.76 -23.55 -43.45
C ILE F 77 16.71 -22.96 -42.42
N CYS F 78 17.74 -23.71 -42.03
CA CYS F 78 18.70 -23.21 -41.05
C CYS F 78 19.42 -21.97 -41.59
N CYS F 79 19.73 -21.95 -42.89
CA CYS F 79 20.39 -20.78 -43.46
C CYS F 79 19.55 -19.52 -43.26
N MET F 80 18.22 -19.65 -43.38
CA MET F 80 17.35 -18.49 -43.20
C MET F 80 17.18 -18.13 -41.73
N ILE F 81 17.24 -19.12 -40.83
CA ILE F 81 17.13 -18.84 -39.40
C ILE F 81 18.34 -18.06 -38.91
N ASN F 82 19.54 -18.43 -39.40
CA ASN F 82 20.77 -17.73 -39.04
C ASN F 82 20.86 -16.46 -39.90
N ILE F 83 19.97 -15.52 -39.58
CA ILE F 83 19.85 -14.30 -40.38
C ILE F 83 20.98 -13.32 -40.15
N TRP F 84 21.81 -13.55 -39.11
CA TRP F 84 22.92 -12.65 -38.82
C TRP F 84 23.98 -12.63 -39.90
N ASN F 85 23.95 -13.58 -40.84
CA ASN F 85 24.88 -13.57 -41.97
C ASN F 85 24.50 -12.58 -43.04
N VAL F 86 23.29 -12.01 -42.99
CA VAL F 86 22.83 -11.04 -43.98
C VAL F 86 23.02 -9.65 -43.41
N LYS F 87 23.38 -8.70 -44.29
CA LYS F 87 23.50 -7.32 -43.86
C LYS F 87 22.22 -6.84 -43.19
N TYR F 88 22.37 -5.99 -42.19
CA TYR F 88 21.23 -5.60 -41.36
C TYR F 88 20.13 -4.98 -42.21
N ASN F 89 20.49 -4.04 -43.09
CA ASN F 89 19.48 -3.32 -43.88
C ASN F 89 18.95 -4.14 -45.04
N SER F 90 19.51 -5.32 -45.31
CA SER F 90 18.97 -6.24 -46.30
C SER F 90 18.21 -7.40 -45.67
N ILE F 91 18.00 -7.37 -44.34
CA ILE F 91 17.31 -8.47 -43.69
C ILE F 91 15.87 -8.57 -44.18
N HIS F 92 15.20 -7.44 -44.38
CA HIS F 92 13.82 -7.47 -44.84
C HIS F 92 13.70 -8.25 -46.15
N CYS F 93 14.77 -8.29 -46.95
CA CYS F 93 14.72 -9.03 -48.20
C CYS F 93 14.43 -10.50 -47.97
N VAL F 94 15.05 -11.10 -46.94
CA VAL F 94 14.83 -12.51 -46.66
C VAL F 94 13.37 -12.76 -46.31
N ALA F 95 12.77 -11.86 -45.52
CA ALA F 95 11.36 -11.99 -45.19
C ALA F 95 10.49 -11.94 -46.45
N ASN F 96 10.80 -11.01 -47.36
CA ASN F 96 10.08 -10.94 -48.62
C ASN F 96 10.24 -12.23 -49.42
N LEU F 97 11.46 -12.75 -49.49
CA LEU F 97 11.70 -14.00 -50.20
C LEU F 97 10.84 -15.12 -49.63
N LEU F 98 10.81 -15.25 -48.30
CA LEU F 98 10.02 -16.32 -47.69
C LEU F 98 8.53 -16.12 -47.95
N ALA F 99 8.09 -14.88 -48.11
CA ALA F 99 6.68 -14.62 -48.40
C ALA F 99 6.29 -15.17 -49.76
N GLY F 100 7.23 -15.17 -50.72
CA GLY F 100 6.97 -15.72 -52.03
C GLY F 100 7.24 -17.21 -52.09
N LEU F 101 8.17 -17.68 -51.25
CA LEU F 101 8.53 -19.09 -51.26
C LEU F 101 7.43 -19.97 -50.70
N VAL F 102 6.53 -19.44 -49.86
CA VAL F 102 5.45 -20.24 -49.31
C VAL F 102 4.32 -20.45 -50.30
N LEU F 103 4.30 -19.72 -51.41
CA LEU F 103 3.35 -20.00 -52.49
C LEU F 103 3.67 -21.31 -53.21
N TYR F 104 4.79 -21.94 -52.88
CA TYR F 104 5.20 -23.19 -53.52
C TYR F 104 5.70 -24.25 -52.56
N GLN F 105 6.11 -23.88 -51.35
CA GLN F 105 6.53 -24.82 -50.30
C GLN F 105 5.81 -24.36 -49.02
N GLU F 106 4.61 -24.88 -48.78
CA GLU F 106 3.78 -24.39 -47.69
C GLU F 106 4.40 -24.62 -46.32
N ASP F 107 5.29 -25.60 -46.18
CA ASP F 107 5.80 -25.95 -44.87
C ASP F 107 6.97 -25.07 -44.44
N VAL F 108 7.74 -24.54 -45.38
CA VAL F 108 8.96 -23.82 -45.02
C VAL F 108 8.64 -22.54 -44.26
N GLY F 109 7.49 -21.93 -44.53
CA GLY F 109 7.15 -20.70 -43.83
C GLY F 109 7.00 -20.90 -42.34
N ILE F 110 6.39 -22.03 -41.94
CA ILE F 110 6.24 -22.33 -40.52
C ILE F 110 7.59 -22.69 -39.90
N HIS F 111 8.42 -23.42 -40.64
CA HIS F 111 9.67 -23.94 -40.07
C HIS F 111 10.62 -22.82 -39.70
N VAL F 112 10.68 -21.75 -40.50
CA VAL F 112 11.64 -20.69 -40.25
C VAL F 112 11.21 -19.86 -39.04
N VAL F 113 9.92 -19.52 -38.95
CA VAL F 113 9.44 -18.72 -37.83
C VAL F 113 9.72 -19.44 -36.51
N ASP F 114 9.31 -20.71 -36.41
CA ASP F 114 9.60 -21.48 -35.21
C ASP F 114 11.09 -21.50 -34.90
N GLY F 115 11.92 -21.54 -35.94
CA GLY F 115 13.36 -21.53 -35.73
C GLY F 115 13.85 -20.20 -35.19
N VAL F 116 13.26 -19.10 -35.66
CA VAL F 116 13.68 -17.78 -35.21
C VAL F 116 13.23 -17.54 -33.79
N LEU F 117 11.96 -17.83 -33.50
CA LEU F 117 11.48 -17.70 -32.13
C LEU F 117 12.29 -18.56 -31.17
N GLU F 118 12.68 -19.76 -31.60
CA GLU F 118 13.54 -20.60 -30.78
C GLU F 118 14.89 -19.92 -30.54
N ASP F 119 15.49 -19.38 -31.61
CA ASP F 119 16.78 -18.71 -31.46
C ASP F 119 16.68 -17.49 -30.54
N ILE F 120 15.52 -16.83 -30.52
CA ILE F 120 15.34 -15.70 -29.62
C ILE F 120 15.35 -16.16 -28.17
N ARG F 121 14.55 -17.18 -27.87
CA ARG F 121 14.47 -17.69 -26.49
C ARG F 121 15.82 -18.24 -26.04
N LEU F 122 16.47 -19.06 -26.86
CA LEU F 122 17.75 -19.63 -26.49
C LEU F 122 18.79 -18.54 -26.26
N GLY F 123 18.71 -17.45 -27.03
CA GLY F 123 19.62 -16.33 -26.80
C GLY F 123 19.46 -15.76 -25.41
N MET F 124 18.23 -15.66 -24.92
CA MET F 124 18.00 -15.15 -23.57
C MET F 124 18.52 -16.13 -22.53
N GLU F 125 18.26 -17.42 -22.72
CA GLU F 125 18.73 -18.42 -21.76
C GLU F 125 20.24 -18.42 -21.66
N VAL F 126 20.93 -18.44 -22.80
CA VAL F 126 22.39 -18.47 -22.80
C VAL F 126 22.95 -17.14 -22.30
N ASN F 127 22.56 -16.04 -22.95
CA ASN F 127 22.90 -14.69 -22.50
C ASN F 127 24.41 -14.51 -22.37
N GLN F 128 25.06 -14.51 -23.54
CA GLN F 128 26.51 -14.26 -23.63
C GLN F 128 26.73 -13.11 -24.60
N PRO F 129 27.52 -12.09 -24.22
CA PRO F 129 27.63 -10.90 -25.08
C PRO F 129 28.19 -11.18 -26.47
N LYS F 130 28.93 -12.26 -26.66
CA LYS F 130 29.50 -12.54 -27.98
C LYS F 130 28.44 -12.84 -29.03
N PHE F 131 27.20 -13.08 -28.62
CA PHE F 131 26.09 -13.32 -29.54
C PHE F 131 25.14 -12.14 -29.64
N ASN F 132 25.52 -10.97 -29.14
CA ASN F 132 24.59 -9.84 -29.09
C ASN F 132 24.18 -9.41 -30.50
N GLN F 133 25.16 -9.13 -31.36
CA GLN F 133 24.85 -8.74 -32.73
C GLN F 133 24.01 -9.80 -33.43
N ARG F 134 24.19 -11.07 -33.06
CA ARG F 134 23.36 -12.13 -33.64
C ARG F 134 21.93 -12.02 -33.17
N ARG F 135 21.73 -11.73 -31.87
CA ARG F 135 20.38 -11.67 -31.32
C ARG F 135 19.63 -10.43 -31.78
N ILE F 136 20.34 -9.34 -32.05
CA ILE F 136 19.69 -8.16 -32.62
C ILE F 136 19.18 -8.45 -34.02
N SER F 137 19.93 -9.24 -34.80
CA SER F 137 19.48 -9.61 -36.14
C SER F 137 18.22 -10.47 -36.09
N SER F 138 18.15 -11.38 -35.12
CA SER F 138 16.99 -12.27 -35.03
C SER F 138 15.74 -11.48 -34.68
N ALA F 139 15.87 -10.45 -33.84
CA ALA F 139 14.72 -9.62 -33.50
C ALA F 139 14.24 -8.82 -34.71
N LYS F 140 15.18 -8.22 -35.46
CA LYS F 140 14.83 -7.54 -36.69
C LYS F 140 14.09 -8.47 -37.64
N PHE F 141 14.60 -9.69 -37.81
CA PHE F 141 13.97 -10.65 -38.71
C PHE F 141 12.55 -10.97 -38.25
N LEU F 142 12.35 -11.17 -36.94
CA LEU F 142 11.01 -11.39 -36.43
C LEU F 142 10.12 -10.17 -36.65
N GLY F 143 10.70 -8.98 -36.61
CA GLY F 143 9.92 -7.79 -36.92
C GLY F 143 9.54 -7.70 -38.38
N GLU F 144 10.49 -7.99 -39.28
CA GLU F 144 10.20 -7.96 -40.70
C GLU F 144 9.22 -9.06 -41.10
N LEU F 145 9.26 -10.21 -40.43
CA LEU F 145 8.33 -11.28 -40.75
C LEU F 145 6.88 -10.85 -40.54
N TYR F 146 6.64 -9.92 -39.61
CA TYR F 146 5.28 -9.39 -39.45
C TYR F 146 4.94 -8.41 -40.57
N ASN F 147 5.91 -7.62 -41.02
CA ASN F 147 5.65 -6.67 -42.09
C ASN F 147 5.23 -7.37 -43.37
N TYR F 148 5.68 -8.62 -43.57
CA TYR F 148 5.32 -9.40 -44.75
C TYR F 148 4.29 -10.47 -44.43
N ARG F 149 3.46 -10.23 -43.41
CA ARG F 149 2.27 -11.04 -43.15
C ARG F 149 2.63 -12.51 -42.98
N MET F 150 3.80 -12.79 -42.42
CA MET F 150 4.21 -14.16 -42.13
C MET F 150 3.91 -14.59 -40.69
N VAL F 151 3.73 -13.64 -39.78
CA VAL F 151 3.34 -13.94 -38.40
C VAL F 151 2.25 -12.96 -37.98
N GLU F 152 1.38 -13.41 -37.08
CA GLU F 152 0.27 -12.61 -36.64
C GLU F 152 0.72 -11.59 -35.58
N SER F 153 -0.18 -10.65 -35.28
CA SER F 153 0.11 -9.64 -34.27
C SER F 153 0.42 -10.27 -32.92
N ALA F 154 -0.14 -11.45 -32.64
CA ALA F 154 0.01 -12.05 -31.32
C ALA F 154 1.45 -12.49 -31.07
N VAL F 155 2.13 -12.95 -32.11
CA VAL F 155 3.49 -13.47 -31.93
C VAL F 155 4.45 -12.35 -31.53
N ILE F 156 4.25 -11.16 -32.10
CA ILE F 156 5.15 -10.04 -31.81
C ILE F 156 5.02 -9.63 -30.35
N PHE F 157 3.79 -9.37 -29.88
CA PHE F 157 3.61 -8.96 -28.50
C PHE F 157 3.93 -10.09 -27.52
N ARG F 158 3.66 -11.33 -27.91
CA ARG F 158 4.05 -12.45 -27.07
C ARG F 158 5.56 -12.51 -26.90
N THR F 159 6.31 -12.18 -27.95
CA THR F 159 7.76 -12.13 -27.84
C THR F 159 8.22 -10.88 -27.10
N LEU F 160 7.58 -9.74 -27.36
CA LEU F 160 7.94 -8.51 -26.66
C LEU F 160 7.82 -8.70 -25.15
N TYR F 161 6.66 -9.17 -24.68
CA TYR F 161 6.47 -9.37 -23.25
C TYR F 161 7.54 -10.30 -22.67
N SER F 162 7.92 -11.34 -23.43
CA SER F 162 8.92 -12.26 -22.94
C SER F 162 10.25 -11.55 -22.66
N PHE F 163 10.57 -10.52 -23.45
CA PHE F 163 11.81 -9.77 -23.21
C PHE F 163 11.77 -9.09 -21.85
N THR F 164 10.60 -8.63 -21.43
CA THR F 164 10.46 -7.87 -20.19
C THR F 164 10.08 -8.74 -19.00
N SER F 165 9.84 -10.04 -19.21
CA SER F 165 9.39 -10.92 -18.14
C SER F 165 10.24 -12.17 -17.98
N PHE F 166 10.71 -12.76 -19.08
CA PHE F 166 11.47 -14.00 -19.01
C PHE F 166 12.75 -13.78 -18.20
N GLY F 167 12.94 -14.60 -17.16
CA GLY F 167 14.09 -14.47 -16.31
C GLY F 167 14.13 -13.21 -15.47
N VAL F 168 12.99 -12.53 -15.33
CA VAL F 168 12.90 -11.28 -14.58
C VAL F 168 12.11 -11.55 -13.30
N ASN F 169 12.66 -11.09 -12.17
CA ASN F 169 11.93 -11.24 -10.91
C ASN F 169 10.81 -10.21 -10.83
N PRO F 170 9.65 -10.60 -10.28
CA PRO F 170 8.50 -9.66 -10.26
C PRO F 170 8.73 -8.44 -9.39
N ASP F 171 9.72 -8.45 -8.50
CA ASP F 171 9.98 -7.32 -7.63
C ASP F 171 10.96 -6.32 -8.23
N GLY F 172 11.52 -6.61 -9.40
CA GLY F 172 12.51 -5.76 -10.01
C GLY F 172 13.94 -6.03 -9.57
N SER F 173 14.16 -7.04 -8.73
CA SER F 173 15.50 -7.36 -8.29
C SER F 173 16.30 -8.01 -9.42
N PRO F 174 17.62 -7.82 -9.44
CA PRO F 174 18.43 -8.50 -10.46
C PRO F 174 18.38 -10.01 -10.27
N SER F 175 18.61 -10.73 -11.36
CA SER F 175 18.47 -12.18 -11.38
C SER F 175 19.61 -12.81 -12.15
N SER F 176 19.55 -14.13 -12.31
CA SER F 176 20.60 -14.84 -13.02
C SER F 176 20.60 -14.51 -14.50
N LEU F 177 19.42 -14.42 -15.12
CA LEU F 177 19.30 -14.12 -16.54
C LEU F 177 19.15 -12.63 -16.83
N ASP F 178 18.99 -11.80 -15.81
CA ASP F 178 18.87 -10.35 -15.99
C ASP F 178 19.69 -9.64 -14.91
N PRO F 179 21.01 -9.71 -15.02
CA PRO F 179 21.86 -9.03 -14.03
C PRO F 179 21.73 -7.52 -14.11
N PRO F 180 22.29 -6.79 -13.16
CA PRO F 180 22.02 -5.33 -13.11
C PRO F 180 22.44 -4.58 -14.36
N GLU F 181 23.68 -4.72 -14.79
CA GLU F 181 24.18 -3.98 -15.94
C GLU F 181 23.74 -4.57 -17.27
N HIS F 182 22.91 -5.61 -17.26
CA HIS F 182 22.40 -6.20 -18.49
C HIS F 182 21.19 -5.39 -18.95
N LEU F 183 21.37 -4.60 -20.01
CA LEU F 183 20.29 -3.83 -20.61
C LEU F 183 19.96 -4.31 -22.03
N PHE F 184 20.45 -5.50 -22.40
CA PHE F 184 20.19 -6.02 -23.74
C PHE F 184 18.69 -6.20 -23.98
N ARG F 185 17.91 -6.51 -22.94
CA ARG F 185 16.48 -6.67 -23.11
C ARG F 185 15.86 -5.41 -23.70
N ILE F 186 16.32 -4.24 -23.26
CA ILE F 186 15.81 -2.99 -23.81
C ILE F 186 16.15 -2.86 -25.29
N ARG F 187 17.41 -3.17 -25.64
CA ARG F 187 17.81 -3.09 -27.04
C ARG F 187 17.00 -4.03 -27.90
N LEU F 188 16.58 -5.18 -27.35
CA LEU F 188 15.77 -6.11 -28.11
C LEU F 188 14.34 -5.59 -28.28
N VAL F 189 13.78 -5.00 -27.22
CA VAL F 189 12.44 -4.44 -27.32
C VAL F 189 12.41 -3.33 -28.37
N CYS F 190 13.46 -2.50 -28.40
CA CYS F 190 13.47 -1.37 -29.32
C CYS F 190 13.74 -1.80 -30.75
N THR F 191 14.49 -2.89 -30.95
CA THR F 191 14.75 -3.35 -32.30
C THR F 191 13.47 -3.84 -32.97
N ILE F 192 12.57 -4.46 -32.21
CA ILE F 192 11.30 -4.92 -32.76
C ILE F 192 10.35 -3.76 -32.96
N LEU F 193 10.27 -2.86 -31.97
CA LEU F 193 9.34 -1.74 -32.07
C LEU F 193 9.75 -0.75 -33.15
N ASP F 194 11.03 -0.74 -33.55
CA ASP F 194 11.46 0.08 -34.67
C ASP F 194 11.16 -0.58 -36.02
N THR F 195 10.90 -1.89 -36.03
CA THR F 195 10.68 -2.62 -37.27
C THR F 195 9.21 -2.75 -37.64
N CYS F 196 8.32 -2.88 -36.64
CA CYS F 196 6.91 -3.10 -36.92
C CYS F 196 5.98 -2.36 -35.98
N GLY F 197 6.50 -1.51 -35.08
CA GLY F 197 5.62 -0.74 -34.21
C GLY F 197 4.84 0.34 -34.94
N GLN F 198 5.31 0.75 -36.13
CA GLN F 198 4.60 1.76 -36.89
C GLN F 198 3.23 1.28 -37.34
N TYR F 199 3.04 -0.03 -37.44
CA TYR F 199 1.79 -0.63 -37.90
C TYR F 199 0.86 -0.99 -36.74
N PHE F 200 1.23 -0.62 -35.50
CA PHE F 200 0.37 -0.81 -34.35
C PHE F 200 -0.23 0.53 -33.97
N ASP F 201 -1.05 1.07 -34.87
CA ASP F 201 -1.63 2.40 -34.71
C ASP F 201 -3.12 2.44 -34.99
N ARG F 202 -3.76 1.30 -35.26
CA ARG F 202 -5.15 1.28 -35.67
C ARG F 202 -5.87 0.12 -34.99
N GLY F 203 -6.98 0.42 -34.32
CA GLY F 203 -7.83 -0.64 -33.78
C GLY F 203 -7.19 -1.34 -32.60
N SER F 204 -7.34 -2.67 -32.58
CA SER F 204 -6.87 -3.46 -31.44
C SER F 204 -5.35 -3.42 -31.33
N SER F 205 -4.65 -3.57 -32.46
CA SER F 205 -3.18 -3.55 -32.43
C SER F 205 -2.67 -2.31 -31.72
N LYS F 206 -3.33 -1.17 -31.91
CA LYS F 206 -2.95 0.03 -31.19
C LYS F 206 -3.10 -0.16 -29.69
N ARG F 207 -4.23 -0.71 -29.25
CA ARG F 207 -4.46 -0.90 -27.82
C ARG F 207 -3.44 -1.86 -27.23
N LYS F 208 -3.13 -2.94 -27.95
CA LYS F 208 -2.15 -3.90 -27.45
C LYS F 208 -0.82 -3.21 -27.16
N LEU F 209 -0.36 -2.36 -28.06
CA LEU F 209 0.92 -1.68 -27.86
C LEU F 209 0.87 -0.75 -26.65
N ASP F 210 -0.24 -0.03 -26.47
CA ASP F 210 -0.36 0.85 -25.32
C ASP F 210 -0.18 0.08 -24.02
N CYS F 211 -0.80 -1.10 -23.91
CA CYS F 211 -0.68 -1.89 -22.68
C CYS F 211 0.75 -2.39 -22.48
N PHE F 212 1.39 -2.88 -23.55
CA PHE F 212 2.75 -3.37 -23.41
C PHE F 212 3.70 -2.26 -22.95
N LEU F 213 3.61 -1.08 -23.57
CA LEU F 213 4.48 0.02 -23.18
C LEU F 213 4.33 0.34 -21.70
N VAL F 214 3.11 0.23 -21.16
CA VAL F 214 2.91 0.45 -19.74
C VAL F 214 3.77 -0.50 -18.92
N TYR F 215 3.80 -1.78 -19.32
CA TYR F 215 4.66 -2.74 -18.65
C TYR F 215 6.14 -2.49 -18.96
N PHE F 216 6.44 -2.14 -20.21
CA PHE F 216 7.83 -1.93 -20.61
C PHE F 216 8.48 -0.79 -19.82
N GLN F 217 7.73 0.28 -19.58
CA GLN F 217 8.29 1.41 -18.85
C GLN F 217 8.63 1.03 -17.41
N ARG F 218 7.81 0.18 -16.79
CA ARG F 218 8.13 -0.29 -15.45
C ARG F 218 9.43 -1.08 -15.44
N TYR F 219 9.61 -1.96 -16.43
CA TYR F 219 10.87 -2.70 -16.52
C TYR F 219 12.06 -1.75 -16.61
N VAL F 220 11.94 -0.71 -17.45
CA VAL F 220 13.01 0.28 -17.56
C VAL F 220 13.31 0.88 -16.19
N TRP F 221 12.28 1.22 -15.42
CA TRP F 221 12.49 1.87 -14.13
C TRP F 221 12.98 0.92 -13.06
N TRP F 222 12.72 -0.38 -13.18
CA TRP F 222 13.38 -1.34 -12.33
C TRP F 222 14.89 -1.32 -12.55
N LYS F 223 15.30 -1.19 -13.82
CA LYS F 223 16.73 -1.14 -14.13
C LYS F 223 17.37 0.14 -13.60
N LYS F 224 16.68 1.27 -13.77
CA LYS F 224 17.23 2.55 -13.33
C LYS F 224 17.41 2.57 -11.81
N SER F 225 16.43 2.09 -11.07
CA SER F 225 16.45 2.14 -9.61
C SER F 225 17.43 1.17 -8.99
N LEU F 226 18.30 0.52 -9.77
CA LEU F 226 19.24 -0.44 -9.19
C LEU F 226 20.34 0.29 -8.43
N GLU F 227 21.01 -0.46 -7.55
CA GLU F 227 22.06 0.11 -6.71
C GLU F 227 23.34 0.43 -7.50
N VAL F 228 23.55 -0.22 -8.64
CA VAL F 228 24.81 -0.06 -9.35
C VAL F 228 24.92 1.31 -10.01
N TRP F 229 23.79 1.92 -10.37
CA TRP F 229 23.81 3.20 -11.07
C TRP F 229 23.97 4.32 -10.05
N THR F 230 25.15 4.95 -10.04
CA THR F 230 25.46 6.07 -9.15
C THR F 230 25.84 7.28 -9.99
N LYS F 231 26.23 8.36 -9.31
CA LYS F 231 26.63 9.58 -10.01
C LYS F 231 27.89 9.33 -10.85
N ASP F 232 28.84 8.58 -10.30
CA ASP F 232 30.07 8.28 -11.03
C ASP F 232 29.90 7.13 -12.01
N HIS F 233 28.84 6.34 -11.87
CA HIS F 233 28.56 5.20 -12.75
C HIS F 233 27.10 5.26 -13.17
N PRO F 234 26.70 6.33 -13.85
CA PRO F 234 25.27 6.56 -14.09
C PRO F 234 24.69 5.61 -15.12
N PHE F 235 23.36 5.58 -15.16
CA PHE F 235 22.66 4.80 -16.17
C PHE F 235 23.08 5.27 -17.55
N PRO F 236 23.51 4.36 -18.44
CA PRO F 236 24.02 4.80 -19.75
C PRO F 236 23.03 5.69 -20.50
N ILE F 237 23.45 6.94 -20.74
CA ILE F 237 22.58 7.89 -21.41
C ILE F 237 22.24 7.43 -22.82
N ASP F 238 23.07 6.58 -23.42
CA ASP F 238 22.75 6.02 -24.73
C ASP F 238 21.50 5.16 -24.68
N ILE F 239 21.27 4.45 -23.57
CA ILE F 239 20.07 3.64 -23.44
C ILE F 239 18.86 4.54 -23.23
N ASP F 240 19.01 5.62 -22.46
CA ASP F 240 17.93 6.58 -22.31
C ASP F 240 17.52 7.15 -23.66
N TYR F 241 18.50 7.57 -24.46
CA TYR F 241 18.19 8.16 -25.76
C TYR F 241 17.47 7.15 -26.65
N MET F 242 17.89 5.89 -26.63
CA MET F 242 17.24 4.87 -27.44
C MET F 242 15.78 4.68 -27.03
N ILE F 243 15.51 4.71 -25.73
CA ILE F 243 14.15 4.47 -25.25
C ILE F 243 13.22 5.61 -25.69
N SER F 244 13.63 6.85 -25.44
CA SER F 244 12.77 7.98 -25.78
C SER F 244 12.55 8.09 -27.29
N ASP F 245 13.53 7.69 -28.10
CA ASP F 245 13.38 7.79 -29.54
C ASP F 245 12.27 6.88 -30.05
N THR F 246 12.32 5.59 -29.71
CA THR F 246 11.33 4.65 -30.22
C THR F 246 9.94 4.98 -29.68
N LEU F 247 9.86 5.44 -28.43
CA LEU F 247 8.57 5.81 -27.87
C LEU F 247 8.00 7.05 -28.55
N GLU F 248 8.86 8.03 -28.86
CA GLU F 248 8.38 9.22 -29.56
C GLU F 248 8.03 8.91 -31.01
N LEU F 249 8.70 7.93 -31.62
CA LEU F 249 8.35 7.54 -32.98
C LEU F 249 7.01 6.84 -33.03
N LEU F 250 6.74 5.97 -32.05
CA LEU F 250 5.48 5.22 -32.03
C LEU F 250 4.33 6.09 -31.54
N ARG F 251 4.45 6.62 -30.32
CA ARG F 251 3.43 7.48 -29.72
C ARG F 251 4.04 8.83 -29.43
N PRO F 252 3.89 9.83 -30.31
CA PRO F 252 4.47 11.15 -30.02
C PRO F 252 3.79 11.90 -28.88
N LYS F 253 2.61 11.44 -28.43
CA LYS F 253 1.83 12.15 -27.43
C LYS F 253 1.80 11.43 -26.08
N ILE F 254 2.64 10.42 -25.87
CA ILE F 254 2.68 9.71 -24.59
C ILE F 254 3.54 10.47 -23.62
N LYS F 255 3.07 10.57 -22.38
CA LYS F 255 3.84 11.19 -21.30
C LYS F 255 4.75 10.13 -20.68
N LEU F 256 6.06 10.37 -20.73
CA LEU F 256 7.01 9.42 -20.15
C LEU F 256 6.90 9.45 -18.63
N CYS F 257 7.00 8.27 -18.01
CA CYS F 257 7.02 8.18 -16.57
C CYS F 257 8.36 8.70 -16.04
N ASN F 258 8.29 9.59 -15.05
CA ASN F 258 9.48 10.22 -14.48
C ASN F 258 9.85 9.65 -13.11
N SER F 259 9.24 8.55 -12.70
CA SER F 259 9.55 7.95 -11.41
C SER F 259 9.18 6.48 -11.42
N LEU F 260 9.85 5.70 -10.58
CA LEU F 260 9.48 4.30 -10.41
C LEU F 260 8.11 4.17 -9.77
N GLU F 261 7.71 5.16 -8.97
CA GLU F 261 6.35 5.16 -8.41
C GLU F 261 5.32 5.44 -9.50
N GLU F 262 5.61 6.40 -10.38
CA GLU F 262 4.69 6.70 -11.47
C GLU F 262 4.50 5.49 -12.37
N SER F 263 5.56 4.70 -12.57
CA SER F 263 5.44 3.50 -13.40
C SER F 263 4.62 2.43 -12.71
N ILE F 264 4.85 2.20 -11.42
CA ILE F 264 4.12 1.16 -10.71
C ILE F 264 2.66 1.54 -10.55
N ARG F 265 2.36 2.84 -10.47
CA ARG F 265 0.96 3.24 -10.40
C ARG F 265 0.25 2.96 -11.73
N GLN F 266 0.89 3.32 -12.85
CA GLN F 266 0.26 3.12 -14.14
C GLN F 266 -0.01 1.64 -14.42
N VAL F 267 0.84 0.74 -13.94
CA VAL F 267 0.60 -0.69 -14.16
C VAL F 267 -0.58 -1.16 -13.32
N GLN F 268 -0.65 -0.72 -12.06
CA GLN F 268 -1.76 -1.11 -11.21
C GLN F 268 -3.09 -0.59 -11.74
N ASP F 269 -3.08 0.60 -12.34
CA ASP F 269 -4.30 1.12 -12.94
C ASP F 269 -4.77 0.24 -14.10
N LEU F 270 -3.81 -0.30 -14.86
CA LEU F 270 -4.15 -1.15 -15.99
C LEU F 270 -4.75 -2.48 -15.52
N GLU F 271 -4.01 -3.24 -14.71
CA GLU F 271 -4.52 -4.53 -14.24
C GLU F 271 -5.76 -4.37 -13.38
N ARG F 272 -5.95 -3.20 -12.76
CA ARG F 272 -7.21 -2.96 -12.05
C ARG F 272 -8.39 -3.02 -13.02
N GLU F 273 -8.24 -2.45 -14.22
CA GLU F 273 -9.27 -2.51 -15.23
C GLU F 273 -9.34 -3.87 -15.92
N PHE F 274 -8.28 -4.66 -15.85
CA PHE F 274 -8.29 -5.98 -16.49
C PHE F 274 -9.07 -6.99 -15.65
N LEU F 275 -8.96 -6.91 -14.32
CA LEU F 275 -9.64 -7.89 -13.48
C LEU F 275 -11.15 -7.74 -13.52
N ILE F 276 -11.66 -6.55 -13.83
CA ILE F 276 -13.11 -6.38 -13.87
C ILE F 276 -13.71 -7.17 -15.03
N LYS F 277 -13.01 -7.21 -16.16
CA LYS F 277 -13.50 -7.97 -17.31
C LYS F 277 -13.20 -9.45 -17.20
N LEU F 278 -12.28 -9.85 -16.33
CA LEU F 278 -12.00 -11.27 -16.13
C LEU F 278 -13.14 -11.94 -15.36
N GLY F 279 -13.54 -11.36 -14.23
CA GLY F 279 -14.61 -11.91 -13.43
C GLY F 279 -14.77 -11.19 -12.11
N ALA G 36 -10.51 24.41 25.32
CA ALA G 36 -10.93 23.21 24.61
C ALA G 36 -10.29 23.14 23.23
N LEU G 37 -9.92 24.30 22.70
CA LEU G 37 -9.35 24.39 21.36
C LEU G 37 -7.84 24.16 21.42
N SER G 38 -7.26 23.85 20.26
CA SER G 38 -5.83 23.56 20.16
C SER G 38 -5.11 24.35 19.08
N LYS G 39 -5.82 24.97 18.14
CA LYS G 39 -5.18 25.72 17.05
C LYS G 39 -5.04 27.18 17.46
N VAL G 40 -3.81 27.69 17.40
CA VAL G 40 -3.51 29.07 17.79
C VAL G 40 -2.83 29.77 16.62
N VAL G 41 -3.11 31.06 16.49
CA VAL G 41 -2.58 31.88 15.41
C VAL G 41 -1.55 32.85 16.00
N ILE G 42 -0.40 32.96 15.33
CA ILE G 42 0.60 33.96 15.64
C ILE G 42 0.67 34.89 14.44
N ARG G 43 -0.04 36.01 14.52
CA ARG G 43 -0.22 36.92 13.40
C ARG G 43 0.47 38.26 13.67
N ARG G 44 0.43 39.13 12.67
CA ARG G 44 1.09 40.43 12.73
C ARG G 44 2.59 40.28 12.98
N LEU G 45 3.20 39.28 12.34
CA LEU G 45 4.64 39.11 12.33
C LEU G 45 5.25 39.94 11.21
N PRO G 46 6.57 40.16 11.25
CA PRO G 46 7.22 40.89 10.15
C PRO G 46 7.05 40.16 8.84
N PRO G 47 6.89 40.89 7.72
CA PRO G 47 6.73 40.20 6.43
C PRO G 47 7.99 39.49 5.97
N GLY G 48 9.16 40.08 6.22
CA GLY G 48 10.41 39.48 5.80
C GLY G 48 10.95 38.46 6.77
N LEU G 49 10.06 37.74 7.44
CA LEU G 49 10.43 36.69 8.38
C LEU G 49 10.17 35.32 7.74
N THR G 50 11.07 34.38 7.98
CA THR G 50 10.94 33.03 7.48
C THR G 50 10.58 32.09 8.63
N LYS G 51 10.22 30.86 8.27
CA LYS G 51 9.75 29.90 9.26
C LYS G 51 10.90 29.44 10.18
N GLU G 52 12.06 29.15 9.60
CA GLU G 52 13.18 28.69 10.41
C GLU G 52 13.53 29.71 11.49
N GLN G 53 13.54 30.99 11.14
CA GLN G 53 13.80 32.04 12.12
C GLN G 53 12.76 32.03 13.23
N LEU G 54 11.48 31.93 12.87
CA LEU G 54 10.43 31.91 13.87
C LEU G 54 10.58 30.70 14.80
N GLU G 55 10.83 29.52 14.21
CA GLU G 55 11.04 28.33 15.03
C GLU G 55 12.13 28.54 16.06
N GLU G 56 13.14 29.37 15.74
CA GLU G 56 14.17 29.69 16.71
C GLU G 56 13.62 30.59 17.81
N GLN G 57 12.90 31.65 17.44
CA GLN G 57 12.31 32.54 18.44
C GLN G 57 11.36 31.77 19.35
N LEU G 58 10.58 30.83 18.79
CA LEU G 58 9.63 30.08 19.59
C LEU G 58 10.28 28.96 20.41
N ARG G 59 11.48 28.54 20.06
CA ARG G 59 12.12 27.42 20.75
C ARG G 59 12.17 27.69 22.25
N PRO G 60 11.73 26.75 23.09
CA PRO G 60 11.20 25.41 22.80
C PRO G 60 9.67 25.38 22.70
N LEU G 61 9.12 25.01 21.54
CA LEU G 61 7.68 24.95 21.38
C LEU G 61 7.12 23.73 22.10
N PRO G 62 5.88 23.81 22.61
CA PRO G 62 5.19 22.59 23.04
C PRO G 62 4.93 21.67 21.87
N ALA G 63 4.62 20.41 22.19
CA ALA G 63 4.32 19.43 21.16
C ALA G 63 3.17 19.92 20.28
N HIS G 64 3.19 19.50 19.02
CA HIS G 64 2.21 19.99 18.05
C HIS G 64 2.22 19.09 16.81
N ASP G 65 1.03 18.90 16.25
CA ASP G 65 0.88 18.17 15.00
C ASP G 65 0.99 19.08 13.78
N TYR G 66 0.67 20.37 13.95
CA TYR G 66 0.52 21.31 12.84
C TYR G 66 1.37 22.52 13.12
N PHE G 67 2.15 22.94 12.12
CA PHE G 67 2.96 24.15 12.24
C PHE G 67 3.24 24.63 10.81
N GLU G 68 2.43 25.57 10.34
CA GLU G 68 2.55 26.11 9.00
C GLU G 68 2.78 27.61 9.08
N PHE G 69 3.57 28.10 8.13
CA PHE G 69 4.01 29.49 8.08
C PHE G 69 3.59 30.09 6.75
N PHE G 70 3.10 31.32 6.79
CA PHE G 70 2.58 32.00 5.60
C PHE G 70 3.17 33.39 5.52
N ALA G 71 3.94 33.63 4.45
CA ALA G 71 4.50 34.95 4.21
C ALA G 71 3.39 35.95 3.92
N ALA G 72 3.78 37.19 3.66
CA ALA G 72 2.82 38.26 3.43
C ALA G 72 2.33 38.23 1.98
N ASP G 73 1.16 38.83 1.76
CA ASP G 73 0.42 38.61 0.52
C ASP G 73 0.91 39.47 -0.63
N LEU G 74 1.50 40.64 -0.33
CA LEU G 74 2.01 41.61 -1.29
C LEU G 74 0.90 42.44 -1.94
N SER G 75 -0.37 42.05 -1.80
CA SER G 75 -1.45 42.83 -2.39
C SER G 75 -1.67 44.14 -1.64
N LEU G 76 -1.49 44.14 -0.32
CA LEU G 76 -1.54 45.36 0.48
C LEU G 76 -0.10 45.72 0.83
N TYR G 77 0.56 46.47 -0.06
CA TYR G 77 1.94 46.84 0.18
C TYR G 77 2.16 47.51 1.53
N PRO G 78 1.40 48.55 1.90
CA PRO G 78 1.66 49.23 3.18
C PRO G 78 1.38 48.36 4.39
N HIS G 79 0.55 47.33 4.26
CA HIS G 79 0.09 46.51 5.39
C HIS G 79 0.47 45.06 5.11
N LEU G 80 1.75 44.75 5.28
CA LEU G 80 2.29 43.42 5.03
C LEU G 80 2.62 42.77 6.37
N TYR G 81 1.97 41.65 6.65
CA TYR G 81 2.22 40.90 7.88
C TYR G 81 2.19 39.42 7.56
N SER G 82 3.20 38.70 8.03
CA SER G 82 3.21 37.25 7.97
C SER G 82 2.57 36.68 9.23
N ARG G 83 2.28 35.38 9.18
CA ARG G 83 1.64 34.71 10.32
C ARG G 83 1.98 33.24 10.28
N ALA G 84 1.66 32.55 11.38
CA ALA G 84 1.87 31.12 11.50
C ALA G 84 0.74 30.51 12.32
N TYR G 85 0.45 29.25 12.04
CA TYR G 85 -0.57 28.49 12.75
C TYR G 85 0.08 27.27 13.39
N ILE G 86 -0.30 26.98 14.63
CA ILE G 86 0.19 25.81 15.34
C ILE G 86 -0.98 25.11 16.01
N ASN G 87 -1.01 23.79 15.90
CA ASN G 87 -2.03 22.96 16.54
C ASN G 87 -1.31 22.13 17.60
N PHE G 88 -1.47 22.53 18.86
CA PHE G 88 -0.76 21.89 19.95
C PHE G 88 -1.43 20.57 20.34
N ARG G 89 -0.60 19.60 20.73
CA ARG G 89 -1.13 18.30 21.14
C ARG G 89 -1.82 18.39 22.50
N ASN G 90 -1.22 19.12 23.45
CA ASN G 90 -1.82 19.29 24.76
C ASN G 90 -2.55 20.62 24.79
N PRO G 91 -3.90 20.64 24.89
CA PRO G 91 -4.61 21.93 24.89
C PRO G 91 -4.48 22.71 26.19
N ASP G 92 -3.62 22.24 27.11
CA ASP G 92 -3.46 22.88 28.41
C ASP G 92 -2.19 23.74 28.50
N ASP G 93 -1.33 23.70 27.50
CA ASP G 93 -0.12 24.50 27.49
C ASP G 93 -0.26 25.78 26.70
N ILE G 94 -1.44 26.04 26.13
CA ILE G 94 -1.63 27.26 25.34
C ILE G 94 -1.60 28.49 26.24
N LEU G 95 -2.13 28.36 27.46
CA LEU G 95 -2.17 29.51 28.37
C LEU G 95 -0.78 30.08 28.59
N LEU G 96 0.25 29.21 28.67
CA LEU G 96 1.60 29.69 28.82
C LEU G 96 2.13 30.28 27.52
N PHE G 97 1.97 29.54 26.42
CA PHE G 97 2.42 30.04 25.12
C PHE G 97 1.77 31.38 24.80
N ARG G 98 0.47 31.51 25.06
CA ARG G 98 -0.21 32.78 24.90
C ARG G 98 0.48 33.87 25.71
N ASP G 99 0.63 33.64 27.01
CA ASP G 99 1.39 34.55 27.87
C ASP G 99 2.87 34.55 27.46
N PHE G 101 3.89 34.72 24.42
CA PHE G 101 4.26 35.33 23.14
C PHE G 101 3.25 36.40 22.72
N ASP G 102 2.08 36.41 23.36
CA ASP G 102 1.08 37.42 23.05
C ASP G 102 1.63 38.80 23.42
N GLY G 103 1.99 39.59 22.41
CA GLY G 103 2.69 40.84 22.61
C GLY G 103 4.18 40.76 22.41
N TYR G 104 4.73 39.58 22.10
CA TYR G 104 6.15 39.45 21.86
C TYR G 104 6.59 40.40 20.75
N ILE G 105 7.68 41.12 21.00
CA ILE G 105 8.16 42.12 20.05
C ILE G 105 9.11 41.42 19.07
N PHE G 106 8.65 41.23 17.84
CA PHE G 106 9.50 40.71 16.77
C PHE G 106 10.09 41.87 15.98
N LEU G 107 11.33 41.70 15.54
CA LEU G 107 12.06 42.74 14.83
C LEU G 107 12.53 42.22 13.47
N ASP G 108 12.52 43.12 12.49
CA ASP G 108 13.08 42.85 11.17
C ASP G 108 14.54 43.30 11.12
N SER G 109 15.19 43.01 10.00
CA SER G 109 16.59 43.39 9.85
C SER G 109 16.76 44.90 9.85
N LYS G 110 15.82 45.62 9.24
CA LYS G 110 15.90 47.08 9.21
C LYS G 110 15.60 47.69 10.57
N GLY G 111 14.97 46.94 11.48
CA GLY G 111 14.72 47.44 12.81
C GLY G 111 13.38 48.14 12.96
N LEU G 112 12.38 47.42 13.48
CA LEU G 112 11.07 48.00 13.75
C LEU G 112 10.24 46.97 14.51
N GLU G 113 9.43 47.46 15.44
CA GLU G 113 8.67 46.56 16.29
C GLU G 113 7.51 45.93 15.53
N TYR G 114 7.34 44.62 15.70
CA TYR G 114 6.21 43.88 15.15
C TYR G 114 5.62 43.03 16.27
N PRO G 115 4.91 43.64 17.21
CA PRO G 115 4.36 42.88 18.34
C PRO G 115 3.41 41.78 17.87
N ALA G 116 3.83 40.52 18.01
CA ALA G 116 3.02 39.41 17.56
C ALA G 116 1.73 39.30 18.37
N VAL G 117 0.68 38.83 17.72
CA VAL G 117 -0.63 38.63 18.35
C VAL G 117 -0.88 37.13 18.41
N VAL G 118 -1.16 36.63 19.61
CA VAL G 118 -1.40 35.21 19.84
C VAL G 118 -2.82 35.06 20.35
N GLU G 119 -3.69 34.51 19.50
CA GLU G 119 -5.08 34.25 19.86
C GLU G 119 -5.47 32.89 19.31
N PHE G 120 -6.66 32.43 19.71
CA PHE G 120 -7.21 31.21 19.13
C PHE G 120 -7.62 31.48 17.68
N ALA G 121 -7.07 30.69 16.77
CA ALA G 121 -7.38 30.88 15.35
C ALA G 121 -8.89 30.90 15.14
N PRO G 122 -9.42 31.84 14.37
CA PRO G 122 -10.88 31.90 14.19
C PRO G 122 -11.44 30.67 13.49
N PHE G 123 -10.60 29.87 12.86
CA PHE G 123 -11.02 28.63 12.21
C PHE G 123 -10.12 27.50 12.73
N GLN G 124 -10.73 26.53 13.40
CA GLN G 124 -10.00 25.56 14.21
C GLN G 124 -9.76 24.22 13.51
N LYS G 125 -9.86 24.18 12.19
CA LYS G 125 -9.69 22.94 11.43
C LYS G 125 -8.32 22.91 10.75
N ILE G 126 -7.66 21.77 10.83
CA ILE G 126 -6.44 21.47 10.09
C ILE G 126 -6.68 20.20 9.29
N ALA G 127 -6.15 20.14 8.07
CA ALA G 127 -6.21 18.92 7.27
C ALA G 127 -5.09 17.96 7.67
N LYS G 128 -5.39 16.67 7.64
CA LYS G 128 -4.44 15.64 8.04
C LYS G 128 -4.68 14.39 7.20
N LYS G 129 -3.61 13.87 6.61
CA LYS G 129 -3.69 12.63 5.82
C LYS G 129 -2.92 11.50 6.50
N LYS G 134 -4.39 9.43 -3.86
CA LYS G 134 -3.95 10.66 -4.51
C LYS G 134 -4.70 10.87 -5.82
N ASP G 135 -4.78 12.13 -6.25
CA ASP G 135 -5.44 12.47 -7.51
C ASP G 135 -4.54 12.10 -8.69
N ALA G 136 -5.16 11.63 -9.77
CA ALA G 136 -4.44 11.16 -10.95
C ALA G 136 -4.07 12.28 -11.92
N LYS G 137 -4.81 13.39 -11.92
CA LYS G 137 -4.58 14.46 -12.87
C LYS G 137 -3.55 15.48 -12.40
N THR G 138 -3.13 15.43 -11.15
CA THR G 138 -2.23 16.44 -10.60
C THR G 138 -1.01 16.62 -11.48
N GLY G 139 -0.79 17.83 -11.96
CA GLY G 139 0.37 18.16 -12.76
C GLY G 139 0.25 17.84 -14.23
N SER G 140 -0.97 17.80 -14.76
CA SER G 140 -1.21 17.44 -16.16
C SER G 140 -1.61 18.64 -17.01
N ILE G 141 -1.54 19.86 -16.47
CA ILE G 141 -2.01 21.02 -17.21
C ILE G 141 -1.09 21.33 -18.39
N GLU G 142 0.23 21.12 -18.20
CA GLU G 142 1.18 21.36 -19.28
C GLU G 142 0.79 20.59 -20.55
N ASP G 143 0.37 19.34 -20.39
CA ASP G 143 -0.04 18.51 -21.53
C ASP G 143 -1.56 18.54 -21.70
N ASP G 144 -2.11 19.75 -21.83
CA ASP G 144 -3.54 19.94 -21.91
C ASP G 144 -3.89 20.80 -23.12
N PRO G 145 -5.00 20.52 -23.81
CA PRO G 145 -5.30 21.27 -25.03
C PRO G 145 -5.87 22.67 -24.77
N GLU G 146 -6.60 22.84 -23.67
CA GLU G 146 -7.11 24.16 -23.34
C GLU G 146 -6.00 25.08 -22.85
N TYR G 147 -5.10 24.56 -22.01
CA TYR G 147 -3.96 25.36 -21.59
C TYR G 147 -2.96 25.56 -22.73
N LYS G 148 -2.87 24.58 -23.64
CA LYS G 148 -2.05 24.77 -24.83
C LYS G 148 -2.64 25.83 -25.74
N LYS G 149 -3.97 25.84 -25.88
CA LYS G 149 -4.63 26.92 -26.61
C LYS G 149 -4.46 28.26 -25.89
N PHE G 150 -4.37 28.23 -24.57
CA PHE G 150 -4.11 29.46 -23.81
C PHE G 150 -2.69 29.96 -24.06
N LEU G 151 -1.72 29.05 -24.10
CA LEU G 151 -0.35 29.46 -24.37
C LEU G 151 -0.24 30.11 -25.74
N GLU G 152 -0.99 29.61 -26.72
CA GLU G 152 -1.05 30.28 -28.02
C GLU G 152 -1.71 31.65 -27.90
N THR G 153 -2.60 31.81 -26.92
CA THR G 153 -3.26 33.09 -26.72
C THR G 153 -2.37 34.09 -25.99
N TYR G 154 -1.44 33.60 -25.16
CA TYR G 154 -0.71 34.45 -24.24
C TYR G 154 0.74 34.68 -24.62
N CYS G 155 1.38 33.74 -25.33
CA CYS G 155 2.79 33.87 -25.64
C CYS G 155 3.04 34.84 -26.80
N VAL G 156 2.21 34.76 -27.85
CA VAL G 156 2.40 35.60 -29.03
C VAL G 156 1.83 37.00 -28.76
N LYS H 34 3.70 39.96 -18.61
CA LYS H 34 4.63 40.31 -17.55
C LYS H 34 4.67 39.22 -16.48
N ARG H 35 3.58 38.45 -16.38
CA ARG H 35 3.45 37.39 -15.39
C ARG H 35 3.55 36.03 -16.06
N PRO H 36 4.15 35.04 -15.41
CA PRO H 36 4.29 33.72 -16.03
C PRO H 36 2.98 33.21 -16.61
N PRO H 37 3.03 32.31 -17.59
CA PRO H 37 1.78 31.89 -18.23
C PRO H 37 0.86 31.11 -17.31
N LEU H 38 1.40 30.23 -16.47
CA LEU H 38 0.55 29.44 -15.60
C LEU H 38 -0.18 30.30 -14.57
N GLN H 39 0.49 31.35 -14.08
CA GLN H 39 -0.17 32.26 -13.14
C GLN H 39 -1.30 33.02 -13.82
N GLU H 40 -1.07 33.50 -15.04
CA GLU H 40 -2.13 34.20 -15.76
C GLU H 40 -3.28 33.28 -16.14
N TYR H 41 -3.03 31.98 -16.24
CA TYR H 41 -4.10 31.04 -16.59
C TYR H 41 -5.09 30.89 -15.44
N VAL H 42 -4.57 30.68 -14.22
CA VAL H 42 -5.46 30.53 -13.06
C VAL H 42 -6.26 31.81 -12.83
N ARG H 43 -5.67 32.96 -13.15
CA ARG H 43 -6.42 34.21 -13.05
C ARG H 43 -7.54 34.25 -14.08
N LYS H 44 -7.31 33.70 -15.27
CA LYS H 44 -8.35 33.67 -16.28
C LYS H 44 -9.47 32.71 -15.89
N LEU H 45 -9.11 31.59 -15.24
CA LEU H 45 -10.13 30.64 -14.82
C LEU H 45 -10.99 31.19 -13.70
N LEU H 46 -10.40 31.98 -12.80
CA LEU H 46 -11.10 32.43 -11.61
C LEU H 46 -11.81 33.77 -11.80
N TYR H 47 -11.20 34.71 -12.51
CA TYR H 47 -11.70 36.07 -12.59
C TYR H 47 -12.47 36.36 -13.89
N LYS H 48 -12.51 35.42 -14.83
CA LYS H 48 -13.21 35.64 -16.08
C LYS H 48 -14.04 34.43 -16.48
N ASP H 49 -13.38 33.27 -16.64
CA ASP H 49 -14.07 32.08 -17.11
C ASP H 49 -15.11 31.57 -16.12
N LEU H 50 -15.00 31.94 -14.84
CA LEU H 50 -15.87 31.37 -13.81
C LEU H 50 -17.16 32.19 -13.73
N SER H 51 -18.15 31.78 -14.51
CA SER H 51 -19.51 32.28 -14.38
C SER H 51 -20.34 31.21 -13.67
N LYS H 52 -21.66 31.37 -13.69
CA LYS H 52 -22.54 30.46 -12.96
C LYS H 52 -22.61 29.08 -13.61
N VAL H 53 -22.35 28.99 -14.92
CA VAL H 53 -22.55 27.75 -15.67
C VAL H 53 -21.25 27.08 -16.10
N THR H 54 -20.12 27.77 -15.99
CA THR H 54 -18.84 27.23 -16.42
C THR H 54 -18.02 26.67 -15.26
N THR H 55 -18.66 26.37 -14.12
CA THR H 55 -17.90 25.88 -12.97
C THR H 55 -17.41 24.45 -13.19
N GLU H 56 -18.23 23.61 -13.82
CA GLU H 56 -17.84 22.21 -14.03
C GLU H 56 -16.55 22.12 -14.85
N LYS H 57 -16.42 22.95 -15.89
CA LYS H 57 -15.24 22.88 -16.74
C LYS H 57 -14.02 23.47 -16.06
N VAL H 58 -14.23 24.39 -15.11
CA VAL H 58 -13.10 25.00 -14.42
C VAL H 58 -12.53 24.06 -13.36
N LEU H 59 -13.37 23.22 -12.75
CA LEU H 59 -12.89 22.34 -11.69
C LEU H 59 -11.88 21.35 -12.22
N ARG H 60 -12.31 20.46 -13.13
CA ARG H 60 -11.39 19.48 -13.70
C ARG H 60 -10.13 20.15 -14.22
N GLN H 61 -10.26 21.36 -14.77
CA GLN H 61 -9.09 22.08 -15.24
C GLN H 61 -8.21 22.52 -14.09
N MET H 62 -8.80 22.77 -12.92
CA MET H 62 -8.03 23.16 -11.76
C MET H 62 -7.38 21.96 -11.06
N ARG H 63 -7.93 20.76 -11.27
CA ARG H 63 -7.36 19.57 -10.65
C ARG H 63 -6.02 19.17 -11.28
N LYS H 64 -5.73 19.62 -12.49
CA LYS H 64 -4.53 19.22 -13.21
C LYS H 64 -3.32 20.11 -12.91
N LEU H 65 -3.50 21.17 -12.12
CA LEU H 65 -2.39 22.05 -11.83
C LEU H 65 -1.35 21.33 -10.96
N PRO H 66 -0.08 21.73 -11.05
CA PRO H 66 0.96 21.07 -10.23
C PRO H 66 0.80 21.40 -8.75
N TRP H 67 -0.06 20.66 -8.05
CA TRP H 67 -0.29 20.91 -6.64
C TRP H 67 0.86 20.46 -5.76
N GLN H 68 1.81 19.68 -6.30
CA GLN H 68 3.01 19.32 -5.54
C GLN H 68 4.02 20.46 -5.47
N ASP H 69 3.89 21.46 -6.35
CA ASP H 69 4.76 22.63 -6.33
C ASP H 69 4.17 23.64 -5.35
N GLN H 70 4.90 23.92 -4.27
CA GLN H 70 4.39 24.78 -3.22
C GLN H 70 4.18 26.21 -3.72
N GLU H 71 4.93 26.64 -4.73
CA GLU H 71 4.82 28.02 -5.19
C GLU H 71 3.54 28.23 -6.00
N VAL H 72 3.18 27.26 -6.85
CA VAL H 72 1.95 27.36 -7.62
C VAL H 72 0.74 27.32 -6.70
N LYS H 73 0.70 26.33 -5.81
CA LYS H 73 -0.40 26.22 -4.86
C LYS H 73 -0.51 27.44 -3.97
N ASP H 74 0.62 27.95 -3.47
CA ASP H 74 0.61 29.21 -2.73
C ASP H 74 -0.13 30.29 -3.50
N TYR H 75 0.30 30.53 -4.74
CA TYR H 75 -0.29 31.59 -5.54
C TYR H 75 -1.77 31.35 -5.79
N VAL H 76 -2.18 30.09 -5.97
CA VAL H 76 -3.58 29.78 -6.20
C VAL H 76 -4.41 30.22 -5.01
N ILE H 77 -3.96 29.90 -3.80
CA ILE H 77 -4.69 30.28 -2.59
C ILE H 77 -4.80 31.79 -2.50
N CYS H 78 -3.72 32.51 -2.79
CA CYS H 78 -3.77 33.96 -2.76
C CYS H 78 -4.81 34.51 -3.75
N CYS H 79 -4.91 33.88 -4.93
CA CYS H 79 -5.88 34.34 -5.92
C CYS H 79 -7.30 34.21 -5.40
N MET H 80 -7.60 33.12 -4.68
CA MET H 80 -8.94 32.92 -4.16
C MET H 80 -9.23 33.84 -2.98
N ILE H 81 -8.24 34.09 -2.13
CA ILE H 81 -8.43 35.00 -1.01
C ILE H 81 -8.75 36.40 -1.50
N ASN H 82 -8.04 36.86 -2.53
CA ASN H 82 -8.34 38.15 -3.14
C ASN H 82 -9.62 38.06 -3.96
N ILE H 83 -10.74 37.80 -3.27
CA ILE H 83 -12.02 37.62 -3.94
C ILE H 83 -12.57 38.91 -4.55
N TRP H 84 -11.93 40.05 -4.25
CA TRP H 84 -12.40 41.32 -4.78
C TRP H 84 -12.25 41.43 -6.30
N ASN H 85 -11.40 40.58 -6.90
CA ASN H 85 -11.24 40.60 -8.35
C ASN H 85 -12.41 39.94 -9.07
N VAL H 86 -13.26 39.21 -8.36
CA VAL H 86 -14.39 38.51 -8.95
C VAL H 86 -15.61 39.42 -8.92
N LYS H 87 -16.43 39.34 -9.98
CA LYS H 87 -17.70 40.03 -9.97
C LYS H 87 -18.50 39.64 -8.74
N TYR H 88 -19.10 40.64 -8.08
CA TYR H 88 -19.78 40.39 -6.82
C TYR H 88 -20.80 39.27 -6.93
N ASN H 89 -21.63 39.31 -7.98
CA ASN H 89 -22.69 38.31 -8.12
C ASN H 89 -22.16 36.93 -8.48
N SER H 90 -20.92 36.83 -8.97
CA SER H 90 -20.31 35.55 -9.30
C SER H 90 -19.43 35.02 -8.17
N ILE H 91 -19.41 35.70 -7.02
CA ILE H 91 -18.54 35.27 -5.92
C ILE H 91 -18.93 33.87 -5.44
N HIS H 92 -20.24 33.59 -5.40
CA HIS H 92 -20.68 32.28 -4.93
C HIS H 92 -20.08 31.15 -5.74
N CYS H 93 -19.73 31.41 -7.00
CA CYS H 93 -19.16 30.37 -7.85
C CYS H 93 -17.81 29.91 -7.31
N VAL H 94 -17.02 30.84 -6.77
CA VAL H 94 -15.72 30.47 -6.24
C VAL H 94 -15.87 29.53 -5.05
N ALA H 95 -16.86 29.78 -4.20
CA ALA H 95 -17.12 28.89 -3.08
C ALA H 95 -17.46 27.49 -3.56
N ASN H 96 -18.41 27.39 -4.50
CA ASN H 96 -18.75 26.09 -5.07
C ASN H 96 -17.52 25.41 -5.65
N LEU H 97 -16.68 26.16 -6.38
CA LEU H 97 -15.44 25.59 -6.89
C LEU H 97 -14.59 25.00 -5.77
N LEU H 98 -14.39 25.77 -4.69
CA LEU H 98 -13.57 25.28 -3.59
C LEU H 98 -14.22 24.07 -2.91
N ALA H 99 -15.55 24.04 -2.85
CA ALA H 99 -16.22 22.95 -2.17
C ALA H 99 -15.90 21.60 -2.82
N GLY H 100 -15.70 21.58 -4.14
CA GLY H 100 -15.35 20.36 -4.83
C GLY H 100 -13.86 20.17 -4.95
N LEU H 101 -13.11 21.27 -4.95
CA LEU H 101 -11.66 21.20 -5.09
C LEU H 101 -11.00 20.57 -3.86
N VAL H 102 -11.67 20.57 -2.72
CA VAL H 102 -11.09 19.98 -1.51
C VAL H 102 -11.32 18.47 -1.43
N LEU H 103 -12.22 17.92 -2.26
CA LEU H 103 -12.37 16.47 -2.35
C LEU H 103 -11.13 15.80 -2.89
N TYR H 104 -10.19 16.57 -3.44
CA TYR H 104 -8.94 16.04 -3.98
C TYR H 104 -7.72 16.77 -3.45
N GLN H 105 -7.86 18.00 -2.92
CA GLN H 105 -6.79 18.76 -2.29
C GLN H 105 -7.38 19.36 -1.01
N GLU H 106 -7.55 18.51 0.01
CA GLU H 106 -8.23 18.94 1.23
C GLU H 106 -7.50 20.08 1.93
N ASP H 107 -6.17 20.15 1.74
CA ASP H 107 -5.40 21.16 2.47
C ASP H 107 -5.73 22.57 2.01
N VAL H 108 -6.14 22.74 0.76
CA VAL H 108 -6.24 24.09 0.20
C VAL H 108 -7.45 24.84 0.76
N GLY H 109 -8.55 24.13 1.00
CA GLY H 109 -9.71 24.79 1.59
C GLY H 109 -9.43 25.40 2.95
N ILE H 110 -8.56 24.75 3.73
CA ILE H 110 -8.22 25.26 5.05
C ILE H 110 -7.55 26.62 4.94
N HIS H 111 -6.57 26.74 4.04
CA HIS H 111 -5.78 27.97 3.94
C HIS H 111 -6.60 29.10 3.33
N VAL H 112 -7.52 28.79 2.42
CA VAL H 112 -8.35 29.84 1.83
C VAL H 112 -9.24 30.47 2.90
N VAL H 113 -9.84 29.65 3.76
CA VAL H 113 -10.66 30.19 4.84
C VAL H 113 -9.81 31.00 5.81
N ASP H 114 -8.67 30.44 6.23
CA ASP H 114 -7.79 31.15 7.14
C ASP H 114 -7.38 32.51 6.57
N GLY H 115 -7.07 32.56 5.28
CA GLY H 115 -6.70 33.82 4.65
C GLY H 115 -7.85 34.81 4.57
N VAL H 116 -9.07 34.32 4.39
CA VAL H 116 -10.23 35.20 4.33
C VAL H 116 -10.48 35.83 5.69
N LEU H 117 -10.45 35.01 6.75
CA LEU H 117 -10.66 35.53 8.09
C LEU H 117 -9.54 36.48 8.50
N GLU H 118 -8.32 36.23 8.03
CA GLU H 118 -7.21 37.14 8.31
C GLU H 118 -7.47 38.51 7.69
N ASP H 119 -7.91 38.54 6.43
CA ASP H 119 -8.14 39.80 5.75
C ASP H 119 -9.36 40.55 6.27
N ILE H 120 -10.32 39.83 6.86
CA ILE H 120 -11.45 40.50 7.50
C ILE H 120 -10.97 41.23 8.76
N ARG H 121 -10.21 40.52 9.61
CA ARG H 121 -9.69 41.12 10.83
C ARG H 121 -8.73 42.25 10.50
N LEU H 122 -7.72 41.97 9.67
CA LEU H 122 -6.74 42.99 9.30
C LEU H 122 -7.41 44.20 8.64
N GLY H 123 -8.49 43.97 7.90
CA GLY H 123 -9.22 45.09 7.33
C GLY H 123 -9.79 46.01 8.39
N MET H 124 -10.23 45.45 9.52
CA MET H 124 -10.70 46.28 10.62
C MET H 124 -9.55 47.00 11.30
N GLU H 125 -8.42 46.32 11.49
CA GLU H 125 -7.28 46.93 12.14
C GLU H 125 -6.70 48.07 11.30
N VAL H 126 -6.68 47.90 9.99
CA VAL H 126 -6.18 48.95 9.10
C VAL H 126 -7.25 50.00 8.85
N ASN H 127 -8.45 49.55 8.47
CA ASN H 127 -9.60 50.44 8.31
C ASN H 127 -9.26 51.67 7.47
N GLN H 128 -9.20 51.52 6.15
CA GLN H 128 -9.04 52.65 5.25
C GLN H 128 -10.13 52.59 4.19
N PRO H 129 -10.75 53.71 3.84
CA PRO H 129 -11.88 53.66 2.90
C PRO H 129 -11.52 53.06 1.55
N LYS H 130 -10.24 53.07 1.17
CA LYS H 130 -9.84 52.53 -0.13
C LYS H 130 -10.03 51.01 -0.22
N PHE H 131 -10.23 50.34 0.90
CA PHE H 131 -10.42 48.89 0.93
C PHE H 131 -11.87 48.50 1.21
N ASN H 132 -12.82 49.42 1.02
CA ASN H 132 -14.20 49.13 1.40
C ASN H 132 -14.80 48.04 0.53
N GLN H 133 -14.93 48.27 -0.77
CA GLN H 133 -15.49 47.24 -1.64
C GLN H 133 -14.65 45.96 -1.58
N ARG H 134 -13.37 46.08 -1.28
CA ARG H 134 -12.53 44.90 -1.10
C ARG H 134 -12.96 44.11 0.14
N ARG H 135 -13.27 44.81 1.23
CA ARG H 135 -13.75 44.15 2.44
C ARG H 135 -15.18 43.70 2.30
N ILE H 136 -16.01 44.42 1.54
CA ILE H 136 -17.37 43.97 1.27
C ILE H 136 -17.35 42.64 0.53
N SER H 137 -16.47 42.51 -0.47
CA SER H 137 -16.36 41.25 -1.20
C SER H 137 -15.90 40.13 -0.28
N SER H 138 -14.97 40.43 0.64
CA SER H 138 -14.48 39.41 1.55
C SER H 138 -15.59 38.93 2.49
N ALA H 139 -16.38 39.85 3.03
CA ALA H 139 -17.49 39.47 3.88
C ALA H 139 -18.47 38.57 3.12
N LYS H 140 -18.81 38.96 1.89
CA LYS H 140 -19.65 38.13 1.04
C LYS H 140 -19.09 36.71 0.92
N PHE H 141 -17.78 36.60 0.70
CA PHE H 141 -17.17 35.29 0.49
C PHE H 141 -17.38 34.39 1.71
N LEU H 142 -17.16 34.93 2.91
CA LEU H 142 -17.33 34.14 4.13
C LEU H 142 -18.74 33.59 4.24
N GLY H 143 -19.74 34.40 3.87
CA GLY H 143 -21.12 33.92 3.90
C GLY H 143 -21.33 32.75 2.96
N GLU H 144 -20.83 32.86 1.72
CA GLU H 144 -21.00 31.79 0.76
C GLU H 144 -20.20 30.55 1.14
N LEU H 145 -19.10 30.72 1.87
CA LEU H 145 -18.34 29.57 2.35
C LEU H 145 -19.15 28.73 3.33
N TYR H 146 -20.05 29.37 4.09
CA TYR H 146 -20.94 28.61 4.96
C TYR H 146 -22.03 27.90 4.16
N ASN H 147 -22.49 28.51 3.06
CA ASN H 147 -23.56 27.91 2.27
C ASN H 147 -23.13 26.57 1.70
N TYR H 148 -21.92 26.50 1.16
CA TYR H 148 -21.39 25.25 0.61
C TYR H 148 -20.64 24.43 1.65
N ARG H 149 -20.94 24.65 2.93
CA ARG H 149 -20.44 23.82 4.03
C ARG H 149 -18.91 23.75 4.00
N MET H 150 -18.29 24.92 4.07
CA MET H 150 -16.85 25.04 4.28
C MET H 150 -16.50 25.51 5.68
N VAL H 151 -17.40 26.25 6.34
CA VAL H 151 -17.23 26.67 7.72
C VAL H 151 -18.54 26.40 8.45
N GLU H 152 -18.43 26.15 9.76
CA GLU H 152 -19.60 25.90 10.57
C GLU H 152 -20.26 27.23 10.98
N SER H 153 -21.44 27.12 11.59
CA SER H 153 -22.16 28.31 12.03
C SER H 153 -21.32 29.13 13.01
N ALA H 154 -20.48 28.46 13.80
CA ALA H 154 -19.72 29.16 14.83
C ALA H 154 -18.78 30.20 14.22
N VAL H 155 -18.13 29.86 13.10
CA VAL H 155 -17.21 30.80 12.47
C VAL H 155 -17.95 32.05 11.99
N ILE H 156 -19.20 31.90 11.56
CA ILE H 156 -19.95 33.04 11.05
C ILE H 156 -20.34 33.98 12.19
N PHE H 157 -20.74 33.41 13.34
CA PHE H 157 -21.21 34.25 14.44
C PHE H 157 -20.06 34.91 15.19
N ARG H 158 -18.90 34.25 15.29
CA ARG H 158 -17.75 34.89 15.90
C ARG H 158 -17.30 36.09 15.07
N THR H 159 -17.38 35.99 13.74
CA THR H 159 -17.07 37.12 12.88
C THR H 159 -18.14 38.20 12.99
N LEU H 160 -19.41 37.80 13.07
CA LEU H 160 -20.48 38.77 13.19
C LEU H 160 -20.30 39.64 14.43
N TYR H 161 -19.94 39.03 15.55
CA TYR H 161 -19.78 39.80 16.79
C TYR H 161 -18.51 40.64 16.74
N SER H 162 -17.45 40.13 16.13
CA SER H 162 -16.21 40.90 16.02
C SER H 162 -16.45 42.21 15.27
N PHE H 163 -17.43 42.24 14.38
CA PHE H 163 -17.75 43.49 13.68
C PHE H 163 -18.37 44.51 14.62
N THR H 164 -19.09 44.07 15.65
CA THR H 164 -19.75 44.97 16.58
C THR H 164 -19.00 45.13 17.90
N SER H 165 -17.80 44.56 18.01
CA SER H 165 -17.08 44.57 19.29
C SER H 165 -15.62 44.96 19.12
N PHE H 166 -14.93 44.35 18.15
CA PHE H 166 -13.51 44.61 17.98
C PHE H 166 -13.25 46.08 17.70
N GLY H 167 -12.39 46.69 18.51
CA GLY H 167 -12.11 48.10 18.37
C GLY H 167 -13.20 49.04 18.84
N VAL H 168 -14.28 48.51 19.42
CA VAL H 168 -15.40 49.30 19.90
C VAL H 168 -15.28 49.44 21.41
N ASN H 169 -15.39 50.67 21.90
CA ASN H 169 -15.38 50.89 23.34
C ASN H 169 -16.70 50.42 23.95
N PRO H 170 -16.67 49.69 25.07
CA PRO H 170 -17.93 49.18 25.63
C PRO H 170 -18.91 50.26 26.06
N ASP H 171 -18.43 51.41 26.52
CA ASP H 171 -19.31 52.47 26.98
C ASP H 171 -20.04 53.17 25.84
N GLY H 172 -19.77 52.78 24.59
CA GLY H 172 -20.48 53.32 23.45
C GLY H 172 -19.78 54.47 22.75
N SER H 173 -18.83 55.12 23.40
CA SER H 173 -18.15 56.26 22.79
C SER H 173 -17.30 55.78 21.61
N PRO H 174 -17.05 56.67 20.64
CA PRO H 174 -16.23 56.27 19.49
C PRO H 174 -14.79 56.01 19.90
N SER H 175 -14.09 55.32 19.00
CA SER H 175 -12.70 54.92 19.24
C SER H 175 -11.90 55.12 17.97
N SER H 176 -10.61 54.76 18.04
CA SER H 176 -9.73 54.95 16.89
C SER H 176 -10.17 54.09 15.71
N LEU H 177 -10.55 52.84 15.97
CA LEU H 177 -10.95 51.92 14.92
C LEU H 177 -12.42 52.05 14.55
N ASP H 178 -13.19 52.89 15.25
CA ASP H 178 -14.61 53.07 14.99
C ASP H 178 -14.97 54.53 15.19
N PRO H 179 -14.49 55.41 14.33
CA PRO H 179 -14.83 56.85 14.45
C PRO H 179 -16.32 57.08 14.27
N PRO H 180 -16.80 58.30 14.53
CA PRO H 180 -18.25 58.54 14.59
C PRO H 180 -18.98 58.19 13.30
N GLU H 181 -18.66 58.87 12.20
CA GLU H 181 -19.37 58.65 10.93
C GLU H 181 -18.98 57.35 10.25
N HIS H 182 -18.17 56.51 10.91
CA HIS H 182 -17.77 55.22 10.37
C HIS H 182 -18.87 54.21 10.64
N LEU H 183 -19.65 53.87 9.59
CA LEU H 183 -20.74 52.91 9.68
C LEU H 183 -20.43 51.62 8.91
N PHE H 184 -19.17 51.40 8.57
CA PHE H 184 -18.82 50.25 7.71
C PHE H 184 -19.11 48.92 8.41
N ARG H 185 -19.10 48.90 9.75
CA ARG H 185 -19.43 47.68 10.45
C ARG H 185 -20.86 47.23 10.13
N ILE H 186 -21.80 48.18 10.10
CA ILE H 186 -23.17 47.86 9.73
C ILE H 186 -23.22 47.30 8.31
N ARG H 187 -22.54 47.97 7.38
CA ARG H 187 -22.50 47.49 6.00
C ARG H 187 -21.91 46.09 5.92
N LEU H 188 -20.95 45.78 6.80
CA LEU H 188 -20.34 44.45 6.79
C LEU H 188 -21.29 43.41 7.36
N VAL H 189 -21.91 43.71 8.50
CA VAL H 189 -22.82 42.74 9.13
C VAL H 189 -23.96 42.40 8.19
N CYS H 190 -24.58 43.41 7.60
CA CYS H 190 -25.69 43.16 6.68
C CYS H 190 -25.22 42.41 5.43
N THR H 191 -23.96 42.60 5.02
CA THR H 191 -23.46 41.86 3.87
C THR H 191 -23.42 40.37 4.16
N ILE H 192 -23.07 39.99 5.40
CA ILE H 192 -22.97 38.57 5.75
C ILE H 192 -24.35 37.99 6.03
N LEU H 193 -25.21 38.73 6.73
CA LEU H 193 -26.52 38.20 7.07
C LEU H 193 -27.41 38.08 5.84
N ASP H 194 -27.23 38.93 4.84
CA ASP H 194 -28.02 38.85 3.62
C ASP H 194 -27.62 37.68 2.73
N THR H 195 -26.50 37.02 3.02
CA THR H 195 -26.01 35.91 2.20
C THR H 195 -26.15 34.55 2.86
N CYS H 196 -26.24 34.48 4.18
CA CYS H 196 -26.41 33.19 4.84
C CYS H 196 -27.26 33.27 6.10
N GLY H 197 -27.85 34.42 6.42
CA GLY H 197 -28.68 34.51 7.61
C GLY H 197 -30.02 33.84 7.49
N GLN H 198 -30.54 33.71 6.26
CA GLN H 198 -31.80 33.03 6.07
C GLN H 198 -31.73 31.57 6.48
N TYR H 199 -30.52 31.03 6.61
CA TYR H 199 -30.30 29.64 7.01
C TYR H 199 -30.22 29.48 8.52
N PHE H 200 -30.45 30.54 9.28
CA PHE H 200 -30.36 30.52 10.73
C PHE H 200 -31.73 30.77 11.33
N ASP H 201 -32.62 29.77 11.17
CA ASP H 201 -33.97 29.92 11.70
C ASP H 201 -34.55 28.59 12.21
N ARG H 202 -33.74 27.56 12.40
CA ARG H 202 -34.23 26.27 12.87
C ARG H 202 -33.23 25.71 13.87
N GLY H 203 -33.71 25.42 15.08
CA GLY H 203 -32.86 24.76 16.08
C GLY H 203 -31.92 25.71 16.80
N SER H 204 -30.67 25.26 16.96
CA SER H 204 -29.69 26.02 17.72
C SER H 204 -29.37 27.36 17.06
N SER H 205 -29.00 27.33 15.78
CA SER H 205 -28.61 28.55 15.08
C SER H 205 -29.69 29.62 15.17
N LYS H 206 -30.94 29.24 15.44
CA LYS H 206 -31.99 30.23 15.64
C LYS H 206 -31.68 31.11 16.84
N ARG H 207 -31.53 30.49 18.02
CA ARG H 207 -31.27 31.28 19.23
C ARG H 207 -29.99 32.09 19.09
N LYS H 208 -28.94 31.49 18.52
CA LYS H 208 -27.67 32.19 18.41
C LYS H 208 -27.82 33.51 17.66
N LEU H 209 -28.55 33.48 16.54
CA LEU H 209 -28.76 34.70 15.76
C LEU H 209 -29.65 35.68 16.49
N ASP H 210 -30.74 35.21 17.09
CA ASP H 210 -31.62 36.10 17.84
C ASP H 210 -30.86 36.87 18.91
N CYS H 211 -29.78 36.30 19.46
CA CYS H 211 -29.02 36.99 20.48
C CYS H 211 -28.02 37.98 19.90
N PHE H 212 -27.44 37.68 18.73
CA PHE H 212 -26.53 38.64 18.10
C PHE H 212 -27.26 39.89 17.66
N LEU H 213 -28.51 39.75 17.21
CA LEU H 213 -29.27 40.91 16.76
C LEU H 213 -29.54 41.89 17.88
N VAL H 214 -29.51 41.43 19.13
CA VAL H 214 -29.70 42.33 20.26
C VAL H 214 -28.48 43.24 20.42
N TYR H 215 -27.28 42.64 20.42
CA TYR H 215 -26.06 43.44 20.50
C TYR H 215 -25.89 44.31 19.26
N PHE H 216 -26.34 43.82 18.09
CA PHE H 216 -26.25 44.63 16.88
C PHE H 216 -27.17 45.83 16.95
N GLN H 217 -28.39 45.65 17.48
CA GLN H 217 -29.31 46.75 17.61
C GLN H 217 -28.75 47.84 18.51
N ARG H 218 -28.07 47.46 19.59
CA ARG H 218 -27.46 48.44 20.48
C ARG H 218 -26.33 49.19 19.78
N TYR H 219 -25.49 48.46 19.03
CA TYR H 219 -24.41 49.12 18.30
C TYR H 219 -24.97 50.13 17.30
N VAL H 220 -25.99 49.72 16.55
CA VAL H 220 -26.63 50.66 15.63
C VAL H 220 -27.07 51.91 16.36
N TRP H 221 -27.66 51.74 17.55
CA TRP H 221 -28.15 52.90 18.31
C TRP H 221 -27.00 53.69 18.92
N TRP H 222 -25.90 53.03 19.26
CA TRP H 222 -24.70 53.76 19.66
C TRP H 222 -24.28 54.72 18.56
N LYS H 223 -24.39 54.30 17.30
CA LYS H 223 -23.98 55.14 16.17
C LYS H 223 -25.03 56.22 15.89
N LYS H 224 -26.31 55.90 16.04
CA LYS H 224 -27.35 56.90 15.83
C LYS H 224 -27.33 57.98 16.90
N SER H 225 -26.99 57.61 18.13
CA SER H 225 -27.02 58.55 19.26
C SER H 225 -25.81 59.48 19.29
N LEU H 226 -24.93 59.41 18.29
CA LEU H 226 -23.76 60.27 18.29
C LEU H 226 -24.16 61.70 17.91
N GLU H 227 -23.32 62.65 18.34
CA GLU H 227 -23.62 64.06 18.19
C GLU H 227 -23.33 64.58 16.79
N VAL H 228 -22.60 63.84 15.98
CA VAL H 228 -22.25 64.30 14.64
C VAL H 228 -23.46 64.43 13.74
N TRP H 229 -24.55 63.72 14.03
CA TRP H 229 -25.72 63.70 13.17
C TRP H 229 -26.62 64.89 13.53
N THR H 230 -26.65 65.89 12.66
CA THR H 230 -27.50 67.06 12.82
C THR H 230 -28.72 66.94 11.91
N LYS H 231 -29.56 67.97 11.93
CA LYS H 231 -30.72 67.99 11.05
C LYS H 231 -30.31 68.04 9.59
N ASP H 232 -29.41 68.97 9.23
CA ASP H 232 -28.88 69.06 7.88
C ASP H 232 -27.86 67.99 7.57
N HIS H 233 -27.40 67.24 8.57
CA HIS H 233 -26.41 66.18 8.40
C HIS H 233 -26.88 64.92 9.12
N PRO H 234 -28.02 64.38 8.73
CA PRO H 234 -28.65 63.30 9.51
C PRO H 234 -27.94 61.97 9.33
N PHE H 235 -28.35 61.01 10.17
CA PHE H 235 -27.84 59.65 10.03
C PHE H 235 -28.15 59.13 8.64
N PRO H 236 -27.18 58.53 7.93
CA PRO H 236 -27.42 58.13 6.54
C PRO H 236 -28.68 57.30 6.37
N ILE H 237 -29.66 57.86 5.67
CA ILE H 237 -30.92 57.15 5.43
C ILE H 237 -30.66 55.84 4.70
N ASP H 238 -29.66 55.82 3.81
CA ASP H 238 -29.35 54.61 3.05
C ASP H 238 -29.02 53.45 3.99
N ILE H 239 -28.20 53.70 5.02
CA ILE H 239 -27.77 52.62 5.89
C ILE H 239 -28.94 52.09 6.71
N ASP H 240 -29.80 52.99 7.21
CA ASP H 240 -30.94 52.54 8.01
C ASP H 240 -31.90 51.68 7.19
N TYR H 241 -32.10 52.03 5.91
CA TYR H 241 -32.89 51.18 5.03
C TYR H 241 -32.26 49.81 4.89
N MET H 242 -30.92 49.75 4.81
CA MET H 242 -30.22 48.48 4.75
C MET H 242 -30.49 47.65 6.00
N ILE H 243 -30.56 48.29 7.17
CA ILE H 243 -30.84 47.57 8.40
C ILE H 243 -32.26 47.02 8.39
N SER H 244 -33.22 47.87 8.01
CA SER H 244 -34.62 47.43 7.98
C SER H 244 -34.82 46.33 6.94
N ASP H 245 -34.22 46.48 5.76
CA ASP H 245 -34.38 45.49 4.70
C ASP H 245 -33.79 44.14 5.13
N THR H 246 -32.56 44.16 5.63
CA THR H 246 -31.92 42.91 6.07
C THR H 246 -32.75 42.22 7.14
N LEU H 247 -33.02 42.92 8.25
CA LEU H 247 -33.78 42.32 9.33
C LEU H 247 -35.16 41.86 8.86
N GLU H 248 -35.71 42.51 7.84
CA GLU H 248 -36.98 42.06 7.29
C GLU H 248 -36.85 40.69 6.64
N LEU H 249 -35.72 40.44 5.98
CA LEU H 249 -35.54 39.17 5.27
C LEU H 249 -35.26 38.02 6.24
N LEU H 250 -34.63 38.30 7.38
CA LEU H 250 -34.31 37.24 8.33
C LEU H 250 -35.48 36.94 9.26
N ARG H 251 -35.93 37.94 10.00
CA ARG H 251 -37.00 37.78 10.98
C ARG H 251 -38.06 38.85 10.76
N PRO H 252 -39.18 38.50 10.12
CA PRO H 252 -40.28 39.47 9.98
C PRO H 252 -41.00 39.75 11.29
N LYS H 253 -40.68 39.02 12.36
CA LYS H 253 -41.37 39.13 13.64
C LYS H 253 -40.80 40.21 14.54
N ILE H 254 -39.87 41.04 14.04
CA ILE H 254 -39.20 42.01 14.90
C ILE H 254 -38.85 43.24 14.06
N LYS H 255 -39.01 44.42 14.66
CA LYS H 255 -38.56 45.67 14.09
C LYS H 255 -37.52 46.29 15.04
N LEU H 256 -36.61 47.07 14.47
CA LEU H 256 -35.52 47.64 15.25
C LEU H 256 -36.09 48.51 16.38
N CYS H 257 -35.34 48.56 17.48
CA CYS H 257 -35.70 49.44 18.58
C CYS H 257 -35.81 50.88 18.09
N ASN H 258 -36.79 51.60 18.62
CA ASN H 258 -36.97 53.00 18.31
C ASN H 258 -36.28 53.93 19.31
N SER H 259 -35.41 53.38 20.15
CA SER H 259 -34.78 54.17 21.19
C SER H 259 -33.52 53.46 21.67
N LEU H 260 -32.54 54.26 22.13
CA LEU H 260 -31.32 53.69 22.69
C LEU H 260 -31.63 52.94 23.99
N GLU H 261 -32.45 53.53 24.86
CA GLU H 261 -32.76 52.89 26.13
C GLU H 261 -33.41 51.53 25.91
N GLU H 262 -34.30 51.43 24.93
CA GLU H 262 -34.91 50.14 24.61
C GLU H 262 -33.84 49.10 24.29
N SER H 263 -32.90 49.45 23.39
CA SER H 263 -31.83 48.52 23.06
C SER H 263 -31.00 48.16 24.29
N ILE H 264 -30.77 49.13 25.18
CA ILE H 264 -30.08 48.82 26.42
C ILE H 264 -30.93 47.89 27.29
N ARG H 265 -32.24 48.10 27.30
CA ARG H 265 -33.12 47.25 28.09
C ARG H 265 -33.11 45.82 27.58
N GLN H 266 -33.08 45.65 26.25
CA GLN H 266 -33.11 44.30 25.69
C GLN H 266 -31.80 43.56 25.93
N VAL H 267 -30.68 44.28 25.92
CA VAL H 267 -29.41 43.65 26.26
C VAL H 267 -29.40 43.27 27.74
N GLN H 268 -29.82 44.19 28.61
CA GLN H 268 -29.89 43.87 30.03
C GLN H 268 -30.82 42.70 30.29
N ASP H 269 -31.99 42.68 29.63
CA ASP H 269 -32.90 41.55 29.78
C ASP H 269 -32.24 40.26 29.31
N LEU H 270 -31.62 40.28 28.13
CA LEU H 270 -30.96 39.09 27.62
C LEU H 270 -29.95 38.54 28.61
N GLU H 271 -29.02 39.38 29.06
CA GLU H 271 -27.96 38.91 29.94
C GLU H 271 -28.49 38.50 31.31
N ARG H 272 -29.54 39.19 31.79
CA ARG H 272 -30.15 38.79 33.06
C ARG H 272 -30.79 37.41 32.94
N GLU H 273 -31.56 37.18 31.89
CA GLU H 273 -32.23 35.88 31.73
C GLU H 273 -31.22 34.75 31.53
N PHE H 274 -30.09 35.03 30.89
CA PHE H 274 -29.06 34.01 30.75
C PHE H 274 -28.47 33.66 32.12
N LEU H 275 -28.20 34.67 32.95
CA LEU H 275 -27.62 34.42 34.26
C LEU H 275 -28.59 33.68 35.18
N ILE H 276 -29.89 33.91 35.03
CA ILE H 276 -30.86 33.26 35.91
C ILE H 276 -31.11 31.82 35.50
N LYS H 277 -30.97 31.50 34.21
CA LYS H 277 -31.20 30.15 33.73
C LYS H 277 -29.86 29.42 33.53
C1 PGE I . -14.43 -27.24 6.16
O1 PGE I . -13.20 -27.60 5.60
C2 PGE I . -14.37 -27.39 7.67
O2 PGE I . -15.65 -27.63 8.18
C3 PGE I . -15.67 -28.54 9.23
C4 PGE I . -17.08 -28.69 9.78
O4 PGE I . -18.73 -26.02 12.73
C6 PGE I . -17.56 -26.77 12.86
C5 PGE I . -17.64 -28.00 11.96
O3 PGE I . -17.38 -27.62 10.63
C1 PGE J . 20.92 -22.03 13.42
O1 PGE J . 22.11 -22.19 12.69
C2 PGE J . 21.03 -22.83 14.72
O2 PGE J . 19.75 -22.95 15.31
C3 PGE J . 19.67 -24.02 16.20
C4 PGE J . 18.31 -24.05 16.88
O4 PGE J . 16.63 -22.62 20.61
C6 PGE J . 17.07 -23.36 19.49
C5 PGE J . 18.12 -22.55 18.71
O3 PGE J . 17.95 -22.77 17.33
C1 PGE K . 19.34 -1.48 -33.13
O1 PGE K . 19.15 -0.10 -33.18
C2 PGE K . 20.13 -1.94 -34.36
O2 PGE K . 20.98 -0.93 -34.80
C3 PGE K . 22.27 -1.34 -35.20
C4 PGE K . 22.18 -2.49 -36.21
O4 PGE K . 23.91 -5.31 -36.02
C6 PGE K . 23.88 -4.66 -37.26
C5 PGE K . 24.28 -3.20 -37.06
O3 PGE K . 23.17 -2.36 -37.20
CL CL L . 23.90 -4.44 -22.58
#